data_2DO7
#
_entry.id   2DO7
#
_entity_poly.entity_id   1
_entity_poly.type   'polypeptide(L)'
_entity_poly.pdbx_seq_one_letter_code
;GSSGSSGIQMKETVEEQASTTERVFQDRQYQIDAAIVRIMKMRKTLSHNLLVSEVYNQLKFPVKPADLKKRIESLIDRDY
MERDKENPNQYNYIASGPSSG
;
_entity_poly.pdbx_strand_id   A
#
# COMPACT_ATOMS: atom_id res chain seq x y z
N GLY A 1 -6.90 15.46 -6.50
CA GLY A 1 -7.83 16.24 -7.28
C GLY A 1 -7.55 16.17 -8.77
N SER A 2 -7.65 17.30 -9.45
CA SER A 2 -7.41 17.36 -10.88
C SER A 2 -6.50 18.54 -11.23
N SER A 3 -5.91 18.49 -12.42
CA SER A 3 -5.01 19.56 -12.86
C SER A 3 -5.64 20.93 -12.63
N GLY A 4 -6.90 21.08 -13.02
CA GLY A 4 -7.59 22.35 -12.85
C GLY A 4 -7.71 23.12 -14.15
N SER A 5 -8.95 23.46 -14.51
CA SER A 5 -9.19 24.20 -15.75
C SER A 5 -8.27 23.74 -16.86
N SER A 6 -8.11 22.41 -16.98
CA SER A 6 -7.25 21.85 -18.01
C SER A 6 -8.08 21.18 -19.10
N GLY A 7 -7.50 21.07 -20.29
CA GLY A 7 -8.20 20.45 -21.40
C GLY A 7 -7.98 18.96 -21.47
N ILE A 8 -6.71 18.55 -21.57
CA ILE A 8 -6.36 17.14 -21.65
C ILE A 8 -5.51 16.72 -20.46
N GLN A 9 -5.77 15.53 -19.95
CA GLN A 9 -5.02 15.00 -18.80
C GLN A 9 -4.38 13.66 -19.14
N MET A 10 -3.09 13.69 -19.48
CA MET A 10 -2.36 12.48 -19.82
C MET A 10 -0.88 12.76 -19.99
N LYS A 11 -0.06 12.17 -19.14
CA LYS A 11 1.39 12.36 -19.19
C LYS A 11 2.11 11.02 -19.09
N GLU A 12 3.32 10.97 -19.66
CA GLU A 12 4.12 9.75 -19.63
C GLU A 12 5.51 10.01 -20.19
N THR A 13 6.53 9.67 -19.40
CA THR A 13 7.91 9.86 -19.81
C THR A 13 8.78 8.68 -19.39
N VAL A 14 9.85 8.45 -20.14
CA VAL A 14 10.76 7.35 -19.85
C VAL A 14 12.21 7.83 -19.82
N GLU A 15 12.90 7.53 -18.73
CA GLU A 15 14.29 7.93 -18.57
C GLU A 15 15.16 6.74 -18.16
N GLU A 16 16.36 6.66 -18.73
CA GLU A 16 17.27 5.57 -18.42
C GLU A 16 18.62 6.12 -17.94
N GLN A 17 18.72 6.39 -16.65
CA GLN A 17 19.94 6.91 -16.06
C GLN A 17 20.10 6.45 -14.62
N ALA A 18 21.26 5.89 -14.30
CA ALA A 18 21.54 5.40 -12.96
C ALA A 18 21.04 6.40 -11.91
N SER A 19 21.29 7.68 -12.15
CA SER A 19 20.88 8.73 -11.21
C SER A 19 19.47 8.47 -10.71
N THR A 20 19.10 9.16 -9.64
CA THR A 20 17.77 9.01 -9.04
C THR A 20 17.04 10.34 -9.01
N THR A 21 15.81 10.35 -9.51
CA THR A 21 14.99 11.56 -9.53
C THR A 21 14.30 11.78 -8.19
N GLU A 22 13.48 12.82 -8.12
CA GLU A 22 12.75 13.14 -6.89
C GLU A 22 11.30 12.69 -6.99
N ARG A 23 10.77 12.70 -8.20
CA ARG A 23 9.38 12.29 -8.43
C ARG A 23 9.21 10.80 -8.16
N VAL A 24 10.28 10.04 -8.34
CA VAL A 24 10.24 8.60 -8.12
C VAL A 24 10.06 8.27 -6.64
N PHE A 25 10.13 9.30 -5.80
CA PHE A 25 9.97 9.12 -4.36
C PHE A 25 8.49 9.03 -3.99
N GLN A 26 7.67 9.85 -4.63
CA GLN A 26 6.24 9.86 -4.37
C GLN A 26 5.54 8.73 -5.11
N ASP A 27 5.95 8.50 -6.36
CA ASP A 27 5.36 7.45 -7.18
C ASP A 27 5.50 6.09 -6.49
N ARG A 28 6.64 5.87 -5.85
CA ARG A 28 6.91 4.62 -5.16
C ARG A 28 5.94 4.43 -3.99
N GLN A 29 6.10 5.25 -2.96
CA GLN A 29 5.24 5.17 -1.78
C GLN A 29 3.79 4.93 -2.19
N TYR A 30 3.36 5.58 -3.26
CA TYR A 30 2.00 5.44 -3.74
C TYR A 30 1.77 4.04 -4.31
N GLN A 31 2.69 3.60 -5.15
CA GLN A 31 2.59 2.27 -5.76
C GLN A 31 2.36 1.20 -4.71
N ILE A 32 3.06 1.31 -3.60
CA ILE A 32 2.93 0.34 -2.51
C ILE A 32 1.63 0.52 -1.77
N ASP A 33 1.52 1.61 -1.00
CA ASP A 33 0.31 1.89 -0.24
C ASP A 33 -0.94 1.59 -1.07
N ALA A 34 -0.87 1.88 -2.36
CA ALA A 34 -1.99 1.64 -3.26
C ALA A 34 -2.22 0.14 -3.47
N ALA A 35 -1.14 -0.57 -3.79
CA ALA A 35 -1.22 -2.01 -4.00
C ALA A 35 -1.72 -2.73 -2.76
N ILE A 36 -1.36 -2.21 -1.60
CA ILE A 36 -1.78 -2.80 -0.33
C ILE A 36 -3.28 -2.61 -0.10
N VAL A 37 -3.72 -1.36 -0.15
CA VAL A 37 -5.13 -1.04 0.04
C VAL A 37 -6.02 -1.81 -0.92
N ARG A 38 -5.56 -1.91 -2.17
CA ARG A 38 -6.32 -2.62 -3.19
C ARG A 38 -6.39 -4.11 -2.88
N ILE A 39 -5.26 -4.69 -2.50
CA ILE A 39 -5.19 -6.10 -2.17
C ILE A 39 -5.99 -6.41 -0.91
N MET A 40 -5.58 -5.80 0.20
CA MET A 40 -6.26 -6.00 1.47
C MET A 40 -7.77 -5.86 1.32
N LYS A 41 -8.19 -4.75 0.73
CA LYS A 41 -9.61 -4.49 0.52
C LYS A 41 -10.30 -5.70 -0.11
N MET A 42 -9.86 -6.07 -1.30
CA MET A 42 -10.43 -7.21 -2.00
C MET A 42 -10.45 -8.45 -1.10
N ARG A 43 -9.41 -8.60 -0.29
CA ARG A 43 -9.31 -9.74 0.62
C ARG A 43 -9.71 -9.34 2.03
N LYS A 44 -10.97 -9.55 2.37
CA LYS A 44 -11.48 -9.22 3.70
C LYS A 44 -10.41 -9.44 4.76
N THR A 45 -9.73 -10.58 4.68
CA THR A 45 -8.68 -10.93 5.63
C THR A 45 -7.51 -11.61 4.94
N LEU A 46 -6.34 -10.98 5.00
CA LEU A 46 -5.14 -11.53 4.38
C LEU A 46 -3.97 -11.52 5.36
N SER A 47 -3.04 -12.45 5.16
CA SER A 47 -1.87 -12.55 6.02
C SER A 47 -0.69 -11.80 5.42
N HIS A 48 0.42 -11.78 6.16
CA HIS A 48 1.63 -11.10 5.70
C HIS A 48 2.15 -11.73 4.41
N ASN A 49 2.38 -13.03 4.43
CA ASN A 49 2.87 -13.75 3.26
C ASN A 49 2.00 -13.46 2.04
N LEU A 50 0.70 -13.67 2.18
CA LEU A 50 -0.24 -13.43 1.10
C LEU A 50 -0.19 -11.98 0.63
N LEU A 51 0.06 -11.09 1.58
CA LEU A 51 0.14 -9.65 1.27
C LEU A 51 1.41 -9.34 0.47
N VAL A 52 2.55 -9.45 1.13
CA VAL A 52 3.83 -9.18 0.49
C VAL A 52 3.89 -9.82 -0.89
N SER A 53 3.32 -11.01 -1.01
CA SER A 53 3.31 -11.73 -2.28
C SER A 53 2.50 -10.98 -3.33
N GLU A 54 1.24 -10.71 -3.00
CA GLU A 54 0.35 -9.99 -3.91
C GLU A 54 0.95 -8.65 -4.32
N VAL A 55 1.31 -7.85 -3.34
CA VAL A 55 1.90 -6.53 -3.59
C VAL A 55 3.01 -6.63 -4.64
N TYR A 56 3.98 -7.50 -4.38
CA TYR A 56 5.11 -7.69 -5.30
C TYR A 56 4.61 -7.93 -6.72
N ASN A 57 3.60 -8.80 -6.85
CA ASN A 57 3.04 -9.13 -8.15
C ASN A 57 2.50 -7.88 -8.84
N GLN A 58 1.98 -6.95 -8.03
CA GLN A 58 1.42 -5.71 -8.57
C GLN A 58 2.52 -4.71 -8.89
N LEU A 59 3.67 -4.87 -8.23
CA LEU A 59 4.80 -3.97 -8.44
C LEU A 59 5.89 -4.66 -9.26
N LYS A 60 6.17 -4.13 -10.44
CA LYS A 60 7.20 -4.69 -11.31
C LYS A 60 8.59 -4.24 -10.87
N PHE A 61 8.67 -3.66 -9.68
CA PHE A 61 9.95 -3.20 -9.14
C PHE A 61 10.14 -3.68 -7.71
N PRO A 62 11.41 -3.96 -7.35
CA PRO A 62 11.76 -4.44 -6.01
C PRO A 62 11.60 -3.36 -4.95
N VAL A 63 10.94 -3.71 -3.84
CA VAL A 63 10.71 -2.78 -2.76
C VAL A 63 11.53 -3.16 -1.52
N LYS A 64 11.96 -2.15 -0.77
CA LYS A 64 12.75 -2.37 0.43
C LYS A 64 11.87 -2.89 1.57
N PRO A 65 12.49 -3.61 2.52
CA PRO A 65 11.78 -4.16 3.68
C PRO A 65 11.32 -3.08 4.65
N ALA A 66 12.12 -2.03 4.79
CA ALA A 66 11.79 -0.92 5.68
C ALA A 66 10.56 -0.18 5.20
N ASP A 67 10.51 0.11 3.90
CA ASP A 67 9.39 0.84 3.31
C ASP A 67 8.14 -0.03 3.32
N LEU A 68 8.24 -1.23 2.79
CA LEU A 68 7.10 -2.15 2.73
C LEU A 68 6.46 -2.29 4.10
N LYS A 69 7.21 -2.80 5.06
CA LYS A 69 6.70 -2.98 6.42
C LYS A 69 6.06 -1.70 6.94
N LYS A 70 6.79 -0.58 6.83
CA LYS A 70 6.29 0.71 7.27
C LYS A 70 4.91 1.00 6.68
N ARG A 71 4.79 0.78 5.38
CA ARG A 71 3.52 1.02 4.69
C ARG A 71 2.39 0.25 5.35
N ILE A 72 2.63 -1.04 5.59
CA ILE A 72 1.62 -1.90 6.22
C ILE A 72 1.20 -1.35 7.58
N GLU A 73 2.12 -1.41 8.55
CA GLU A 73 1.84 -0.92 9.89
C GLU A 73 0.98 0.34 9.83
N SER A 74 1.50 1.38 9.19
CA SER A 74 0.78 2.64 9.07
C SER A 74 -0.68 2.41 8.68
N LEU A 75 -0.88 1.87 7.48
CA LEU A 75 -2.22 1.59 6.98
C LEU A 75 -3.09 1.00 8.08
N ILE A 76 -2.58 -0.03 8.74
CA ILE A 76 -3.32 -0.68 9.81
C ILE A 76 -3.80 0.32 10.86
N ASP A 77 -2.92 1.24 11.23
CA ASP A 77 -3.26 2.27 12.21
C ASP A 77 -4.07 3.39 11.56
N ARG A 78 -4.11 3.40 10.24
CA ARG A 78 -4.85 4.41 9.50
C ARG A 78 -6.31 4.00 9.32
N ASP A 79 -6.80 3.18 10.23
CA ASP A 79 -8.18 2.71 10.17
C ASP A 79 -8.47 2.04 8.84
N TYR A 80 -7.58 1.13 8.42
CA TYR A 80 -7.75 0.43 7.16
C TYR A 80 -7.69 -1.09 7.38
N MET A 81 -6.83 -1.51 8.30
CA MET A 81 -6.68 -2.93 8.60
C MET A 81 -6.46 -3.15 10.09
N GLU A 82 -6.92 -4.29 10.59
CA GLU A 82 -6.78 -4.61 12.00
C GLU A 82 -6.09 -5.97 12.18
N ARG A 83 -5.28 -6.07 13.23
CA ARG A 83 -4.56 -7.31 13.51
C ARG A 83 -5.44 -8.30 14.26
N ASP A 84 -5.53 -9.52 13.76
CA ASP A 84 -6.34 -10.55 14.38
C ASP A 84 -5.84 -10.86 15.80
N LYS A 85 -6.74 -10.71 16.77
CA LYS A 85 -6.40 -10.97 18.16
C LYS A 85 -5.47 -12.17 18.29
N GLU A 86 -5.73 -13.19 17.47
CA GLU A 86 -4.92 -14.40 17.50
C GLU A 86 -3.45 -14.08 17.23
N ASN A 87 -3.16 -13.60 16.03
CA ASN A 87 -1.79 -13.25 15.66
C ASN A 87 -1.77 -12.04 14.73
N PRO A 88 -0.75 -11.19 14.90
CA PRO A 88 -0.59 -9.98 14.08
C PRO A 88 -0.22 -10.29 12.64
N ASN A 89 -0.14 -11.58 12.32
CA ASN A 89 0.21 -12.01 10.97
C ASN A 89 -1.01 -11.91 10.05
N GLN A 90 -2.19 -11.89 10.64
CA GLN A 90 -3.43 -11.78 9.87
C GLN A 90 -4.05 -10.41 10.01
N TYR A 91 -4.44 -9.82 8.88
CA TYR A 91 -5.05 -8.49 8.89
C TYR A 91 -6.45 -8.53 8.28
N ASN A 92 -7.40 -7.89 8.95
CA ASN A 92 -8.78 -7.86 8.46
C ASN A 92 -9.11 -6.49 7.87
N TYR A 93 -10.13 -6.46 7.01
CA TYR A 93 -10.54 -5.22 6.37
C TYR A 93 -11.53 -4.46 7.24
N ILE A 94 -11.32 -3.15 7.34
CA ILE A 94 -12.20 -2.30 8.15
C ILE A 94 -12.65 -1.08 7.36
N ALA A 95 -11.79 -0.59 6.48
CA ALA A 95 -12.10 0.58 5.67
C ALA A 95 -13.58 0.59 5.29
N SER A 96 -14.17 1.79 5.29
CA SER A 96 -15.59 1.95 4.96
C SER A 96 -15.75 2.63 3.61
N GLY A 97 -16.50 2.00 2.72
CA GLY A 97 -16.72 2.57 1.39
C GLY A 97 -17.52 1.65 0.49
N PRO A 98 -18.34 2.24 -0.38
CA PRO A 98 -19.19 1.49 -1.32
C PRO A 98 -18.37 0.81 -2.40
N SER A 99 -19.00 -0.11 -3.13
CA SER A 99 -18.33 -0.83 -4.20
C SER A 99 -19.33 -1.26 -5.28
N SER A 100 -18.81 -1.54 -6.47
CA SER A 100 -19.66 -1.96 -7.59
C SER A 100 -19.34 -3.40 -8.00
N GLY A 101 -18.06 -3.70 -8.13
CA GLY A 101 -17.65 -5.04 -8.52
C GLY A 101 -16.29 -5.42 -7.95
N GLY A 1 3.64 14.21 30.09
CA GLY A 1 3.05 13.92 31.38
C GLY A 1 2.31 12.59 31.40
N SER A 2 0.98 12.66 31.43
CA SER A 2 0.15 11.46 31.46
C SER A 2 0.49 10.54 30.28
N SER A 3 0.12 9.28 30.41
CA SER A 3 0.38 8.30 29.35
C SER A 3 -0.11 8.80 28.00
N GLY A 4 -1.39 9.12 27.93
CA GLY A 4 -1.97 9.62 26.69
C GLY A 4 -1.11 10.69 26.04
N SER A 5 -0.42 10.33 24.96
CA SER A 5 0.43 11.27 24.25
C SER A 5 -0.24 11.77 22.98
N SER A 6 -0.91 12.91 23.07
CA SER A 6 -1.60 13.49 21.94
C SER A 6 -0.64 14.34 21.09
N GLY A 7 -0.69 14.15 19.78
CA GLY A 7 0.17 14.89 18.89
C GLY A 7 -0.45 15.10 17.52
N ILE A 8 -1.69 15.58 17.51
CA ILE A 8 -2.40 15.82 16.25
C ILE A 8 -1.62 16.77 15.35
N GLN A 9 -1.65 16.52 14.05
CA GLN A 9 -0.94 17.34 13.09
C GLN A 9 -1.75 17.51 11.81
N MET A 10 -2.04 18.75 11.45
CA MET A 10 -2.81 19.05 10.25
C MET A 10 -1.95 19.73 9.20
N LYS A 11 -1.39 18.94 8.29
CA LYS A 11 -0.54 19.48 7.23
C LYS A 11 -1.38 20.00 6.07
N GLU A 12 -2.16 21.03 6.33
CA GLU A 12 -3.02 21.62 5.31
C GLU A 12 -2.98 23.16 5.39
N THR A 13 -2.61 23.78 4.27
CA THR A 13 -2.53 25.24 4.21
C THR A 13 -3.46 25.80 3.14
N VAL A 14 -4.09 26.93 3.44
CA VAL A 14 -5.00 27.57 2.50
C VAL A 14 -4.31 28.68 1.73
N GLU A 15 -3.64 28.33 0.64
CA GLU A 15 -2.93 29.30 -0.19
C GLU A 15 -2.90 28.87 -1.64
N GLU A 16 -2.44 29.76 -2.52
CA GLU A 16 -2.35 29.46 -3.94
C GLU A 16 -0.91 29.52 -4.42
N GLN A 17 -0.48 28.47 -5.12
CA GLN A 17 0.88 28.40 -5.64
C GLN A 17 1.00 27.33 -6.71
N ALA A 18 1.13 27.77 -7.96
CA ALA A 18 1.25 26.85 -9.09
C ALA A 18 2.48 25.97 -8.94
N SER A 19 2.27 24.71 -8.53
CA SER A 19 3.36 23.78 -8.34
C SER A 19 3.25 22.61 -9.32
N THR A 20 4.37 22.27 -9.94
CA THR A 20 4.40 21.17 -10.91
C THR A 20 4.09 19.84 -10.23
N THR A 21 3.94 18.80 -11.04
CA THR A 21 3.63 17.46 -10.53
C THR A 21 4.39 17.20 -9.23
N GLU A 22 3.67 16.71 -8.22
CA GLU A 22 4.27 16.41 -6.94
C GLU A 22 4.20 14.92 -6.62
N ARG A 23 3.07 14.31 -6.97
CA ARG A 23 2.86 12.89 -6.74
C ARG A 23 4.00 12.07 -7.35
N VAL A 24 4.40 12.42 -8.57
CA VAL A 24 5.47 11.73 -9.26
C VAL A 24 6.69 11.57 -8.36
N PHE A 25 6.80 12.43 -7.36
CA PHE A 25 7.92 12.39 -6.43
C PHE A 25 7.72 11.28 -5.40
N GLN A 26 6.51 11.19 -4.86
CA GLN A 26 6.19 10.18 -3.86
C GLN A 26 5.48 8.99 -4.49
N ASP A 27 5.37 9.01 -5.82
CA ASP A 27 4.71 7.93 -6.54
C ASP A 27 5.03 6.58 -5.92
N ARG A 28 6.30 6.34 -5.64
CA ARG A 28 6.74 5.09 -5.03
C ARG A 28 5.84 4.73 -3.84
N GLN A 29 5.99 5.47 -2.75
CA GLN A 29 5.21 5.23 -1.55
C GLN A 29 3.73 5.05 -1.88
N TYR A 30 3.29 5.71 -2.95
CA TYR A 30 1.89 5.62 -3.38
C TYR A 30 1.63 4.29 -4.08
N GLN A 31 2.62 3.80 -4.82
CA GLN A 31 2.49 2.54 -5.54
C GLN A 31 2.32 1.38 -4.56
N ILE A 32 3.13 1.37 -3.51
CA ILE A 32 3.08 0.31 -2.50
C ILE A 32 1.80 0.42 -1.67
N ASP A 33 1.61 1.58 -1.05
CA ASP A 33 0.44 1.81 -0.21
C ASP A 33 -0.84 1.50 -0.98
N ALA A 34 -0.86 1.86 -2.26
CA ALA A 34 -2.02 1.61 -3.11
C ALA A 34 -2.24 0.13 -3.33
N ALA A 35 -1.21 -0.56 -3.81
CA ALA A 35 -1.28 -1.99 -4.07
C ALA A 35 -1.82 -2.73 -2.85
N ILE A 36 -1.31 -2.40 -1.67
CA ILE A 36 -1.74 -3.04 -0.44
C ILE A 36 -3.22 -2.79 -0.19
N VAL A 37 -3.59 -1.53 -0.02
CA VAL A 37 -4.97 -1.16 0.24
C VAL A 37 -5.92 -1.91 -0.70
N ARG A 38 -5.51 -2.06 -1.95
CA ARG A 38 -6.32 -2.76 -2.94
C ARG A 38 -6.38 -4.25 -2.63
N ILE A 39 -5.21 -4.88 -2.48
CA ILE A 39 -5.14 -6.30 -2.18
C ILE A 39 -5.94 -6.64 -0.94
N MET A 40 -5.67 -5.92 0.15
CA MET A 40 -6.38 -6.15 1.41
C MET A 40 -7.87 -5.96 1.24
N LYS A 41 -8.26 -4.84 0.64
CA LYS A 41 -9.66 -4.53 0.42
C LYS A 41 -10.38 -5.72 -0.20
N MET A 42 -9.90 -6.17 -1.35
CA MET A 42 -10.49 -7.30 -2.05
C MET A 42 -10.60 -8.52 -1.12
N ARG A 43 -9.50 -8.83 -0.43
CA ARG A 43 -9.47 -9.96 0.48
C ARG A 43 -9.86 -9.53 1.89
N LYS A 44 -11.13 -9.78 2.25
CA LYS A 44 -11.62 -9.42 3.57
C LYS A 44 -10.55 -9.57 4.63
N THR A 45 -9.80 -10.67 4.55
CA THR A 45 -8.73 -10.94 5.50
C THR A 45 -7.52 -11.57 4.81
N LEU A 46 -6.34 -11.09 5.16
CA LEU A 46 -5.11 -11.61 4.58
C LEU A 46 -3.95 -11.53 5.58
N SER A 47 -2.87 -12.25 5.28
CA SER A 47 -1.70 -12.26 6.16
C SER A 47 -0.53 -11.52 5.50
N HIS A 48 0.57 -11.44 6.23
CA HIS A 48 1.77 -10.77 5.72
C HIS A 48 2.32 -11.47 4.48
N ASN A 49 2.54 -12.77 4.60
CA ASN A 49 3.06 -13.56 3.49
C ASN A 49 2.39 -13.18 2.18
N LEU A 50 1.07 -13.41 2.11
CA LEU A 50 0.30 -13.08 0.92
C LEU A 50 0.31 -11.58 0.66
N LEU A 51 0.04 -10.79 1.70
CA LEU A 51 0.02 -9.35 1.59
C LEU A 51 1.16 -8.85 0.72
N VAL A 52 2.39 -9.02 1.20
CA VAL A 52 3.56 -8.59 0.46
C VAL A 52 3.66 -9.29 -0.88
N SER A 53 3.22 -10.55 -0.92
CA SER A 53 3.26 -11.34 -2.15
C SER A 53 2.51 -10.63 -3.27
N GLU A 54 1.24 -10.33 -3.04
CA GLU A 54 0.41 -9.65 -4.03
C GLU A 54 1.02 -8.30 -4.42
N VAL A 55 1.37 -7.50 -3.42
CA VAL A 55 1.97 -6.20 -3.65
C VAL A 55 3.05 -6.27 -4.72
N TYR A 56 4.01 -7.17 -4.53
CA TYR A 56 5.09 -7.34 -5.49
C TYR A 56 4.56 -7.68 -6.88
N ASN A 57 3.64 -8.64 -6.94
CA ASN A 57 3.05 -9.05 -8.20
C ASN A 57 2.45 -7.85 -8.94
N GLN A 58 2.02 -6.86 -8.18
CA GLN A 58 1.43 -5.66 -8.76
C GLN A 58 2.51 -4.67 -9.19
N LEU A 59 3.53 -4.53 -8.35
CA LEU A 59 4.64 -3.61 -8.64
C LEU A 59 5.67 -4.28 -9.54
N LYS A 60 6.06 -3.58 -10.60
CA LYS A 60 7.05 -4.10 -11.54
C LYS A 60 8.44 -4.12 -10.91
N PHE A 61 8.63 -3.31 -9.88
CA PHE A 61 9.92 -3.24 -9.20
C PHE A 61 9.79 -3.73 -7.75
N PRO A 62 10.88 -4.29 -7.23
CA PRO A 62 10.91 -4.81 -5.86
C PRO A 62 10.87 -3.70 -4.81
N VAL A 63 10.38 -4.04 -3.63
CA VAL A 63 10.28 -3.06 -2.55
C VAL A 63 11.19 -3.45 -1.38
N LYS A 64 11.82 -2.45 -0.77
CA LYS A 64 12.72 -2.67 0.35
C LYS A 64 11.96 -3.23 1.55
N PRO A 65 12.68 -3.90 2.46
CA PRO A 65 12.10 -4.48 3.66
C PRO A 65 11.64 -3.41 4.66
N ALA A 66 12.45 -2.37 4.81
CA ALA A 66 12.13 -1.29 5.74
C ALA A 66 10.79 -0.66 5.41
N ASP A 67 10.67 -0.13 4.19
CA ASP A 67 9.43 0.50 3.75
C ASP A 67 8.27 -0.48 3.82
N LEU A 68 8.36 -1.55 3.04
CA LEU A 68 7.31 -2.57 3.02
C LEU A 68 6.67 -2.73 4.39
N LYS A 69 7.49 -3.02 5.39
CA LYS A 69 7.01 -3.20 6.76
C LYS A 69 6.24 -1.97 7.21
N LYS A 70 6.82 -0.79 7.02
CA LYS A 70 6.19 0.46 7.41
C LYS A 70 4.80 0.59 6.78
N ARG A 71 4.77 0.75 5.46
CA ARG A 71 3.51 0.88 4.74
C ARG A 71 2.43 -0.02 5.36
N ILE A 72 2.78 -1.27 5.58
CA ILE A 72 1.84 -2.23 6.17
C ILE A 72 1.27 -1.71 7.48
N GLU A 73 2.12 -1.61 8.49
CA GLU A 73 1.69 -1.12 9.80
C GLU A 73 0.87 0.15 9.66
N SER A 74 1.47 1.18 9.07
CA SER A 74 0.80 2.45 8.89
C SER A 74 -0.64 2.24 8.42
N LEU A 75 -0.80 1.60 7.26
CA LEU A 75 -2.12 1.33 6.71
C LEU A 75 -3.06 0.79 7.78
N ILE A 76 -2.56 -0.16 8.58
CA ILE A 76 -3.35 -0.76 9.64
C ILE A 76 -3.82 0.29 10.65
N ASP A 77 -2.98 1.31 10.86
CA ASP A 77 -3.31 2.37 11.79
C ASP A 77 -4.11 3.48 11.10
N ARG A 78 -4.17 3.42 9.77
CA ARG A 78 -4.91 4.40 9.00
C ARG A 78 -6.38 4.02 8.86
N ASP A 79 -6.88 3.27 9.85
CA ASP A 79 -8.27 2.83 9.85
C ASP A 79 -8.61 2.09 8.57
N TYR A 80 -7.64 1.31 8.08
CA TYR A 80 -7.83 0.53 6.86
C TYR A 80 -7.81 -0.96 7.15
N MET A 81 -6.94 -1.36 8.08
CA MET A 81 -6.82 -2.76 8.44
C MET A 81 -6.59 -2.92 9.94
N GLU A 82 -7.07 -4.02 10.51
CA GLU A 82 -6.92 -4.27 11.94
C GLU A 82 -6.12 -5.55 12.17
N ARG A 83 -5.39 -5.58 13.28
CA ARG A 83 -4.56 -6.73 13.63
C ARG A 83 -5.38 -7.75 14.42
N ASP A 84 -5.37 -9.00 13.96
CA ASP A 84 -6.11 -10.07 14.62
C ASP A 84 -5.61 -10.25 16.06
N LYS A 85 -6.51 -10.05 17.01
CA LYS A 85 -6.18 -10.18 18.43
C LYS A 85 -5.29 -11.41 18.65
N GLU A 86 -5.51 -12.44 17.85
CA GLU A 86 -4.73 -13.67 17.96
C GLU A 86 -3.26 -13.43 17.61
N ASN A 87 -3.03 -12.79 16.48
CA ASN A 87 -1.68 -12.50 16.02
C ASN A 87 -1.66 -11.29 15.09
N PRO A 88 -0.63 -10.45 15.23
CA PRO A 88 -0.48 -9.25 14.41
C PRO A 88 -0.14 -9.57 12.96
N ASN A 89 0.21 -10.82 12.70
CA ASN A 89 0.56 -11.27 11.36
C ASN A 89 -0.66 -11.23 10.45
N GLN A 90 -1.82 -11.62 10.99
CA GLN A 90 -3.05 -11.63 10.22
C GLN A 90 -3.79 -10.30 10.36
N TYR A 91 -4.20 -9.73 9.23
CA TYR A 91 -4.92 -8.46 9.24
C TYR A 91 -6.31 -8.61 8.64
N ASN A 92 -7.27 -7.87 9.18
CA ASN A 92 -8.65 -7.93 8.70
C ASN A 92 -9.04 -6.63 7.99
N TYR A 93 -10.09 -6.69 7.20
CA TYR A 93 -10.56 -5.52 6.46
C TYR A 93 -11.58 -4.73 7.29
N ILE A 94 -11.37 -3.42 7.40
CA ILE A 94 -12.26 -2.56 8.16
C ILE A 94 -12.85 -1.47 7.28
N ALA A 95 -12.05 -0.98 6.33
CA ALA A 95 -12.49 0.07 5.42
C ALA A 95 -13.80 -0.31 4.74
N SER A 96 -14.70 0.66 4.62
CA SER A 96 -16.00 0.42 4.00
C SER A 96 -16.20 1.34 2.80
N GLY A 97 -16.27 0.74 1.61
CA GLY A 97 -16.45 1.51 0.39
C GLY A 97 -17.09 0.70 -0.71
N PRO A 98 -17.35 1.36 -1.85
CA PRO A 98 -17.96 0.72 -3.02
C PRO A 98 -17.03 -0.28 -3.69
N SER A 99 -17.45 -1.55 -3.72
CA SER A 99 -16.65 -2.60 -4.34
C SER A 99 -17.31 -3.11 -5.62
N SER A 100 -16.54 -3.12 -6.70
CA SER A 100 -17.05 -3.57 -7.99
C SER A 100 -15.96 -4.33 -8.76
N GLY A 101 -16.40 -5.15 -9.71
CA GLY A 101 -15.46 -5.93 -10.49
C GLY A 101 -16.14 -7.01 -11.32
N GLY A 1 -3.75 -1.00 25.33
CA GLY A 1 -3.64 0.43 25.11
C GLY A 1 -3.52 0.79 23.64
N SER A 2 -3.77 2.06 23.31
CA SER A 2 -3.71 2.52 21.93
C SER A 2 -3.46 4.02 21.88
N SER A 3 -3.11 4.51 20.70
CA SER A 3 -2.83 5.94 20.50
C SER A 3 -3.83 6.56 19.53
N GLY A 4 -3.99 7.87 19.62
CA GLY A 4 -4.92 8.56 18.73
C GLY A 4 -4.31 9.79 18.09
N SER A 5 -3.89 9.65 16.84
CA SER A 5 -3.27 10.76 16.12
C SER A 5 -3.17 10.44 14.62
N SER A 6 -3.87 11.24 13.82
CA SER A 6 -3.88 11.04 12.37
C SER A 6 -4.17 12.36 11.64
N GLY A 7 -3.79 12.42 10.37
CA GLY A 7 -4.02 13.62 9.59
C GLY A 7 -3.51 13.49 8.17
N ILE A 8 -2.44 12.71 7.99
CA ILE A 8 -1.85 12.50 6.67
C ILE A 8 -2.90 12.03 5.67
N GLN A 9 -3.02 12.77 4.57
CA GLN A 9 -3.98 12.42 3.53
C GLN A 9 -3.32 12.42 2.14
N MET A 10 -4.10 12.11 1.13
CA MET A 10 -3.59 12.07 -0.25
C MET A 10 -4.14 13.23 -1.06
N LYS A 11 -3.76 13.31 -2.33
CA LYS A 11 -4.22 14.36 -3.22
C LYS A 11 -4.59 13.81 -4.58
N GLU A 12 -5.53 14.47 -5.26
CA GLU A 12 -5.99 14.05 -6.57
C GLU A 12 -5.16 14.70 -7.67
N THR A 13 -4.19 13.97 -8.20
CA THR A 13 -3.33 14.47 -9.25
C THR A 13 -2.56 13.35 -9.93
N VAL A 14 -2.54 13.37 -11.26
CA VAL A 14 -1.84 12.35 -12.03
C VAL A 14 -0.60 12.92 -12.70
N GLU A 15 0.56 12.69 -12.09
CA GLU A 15 1.83 13.18 -12.62
C GLU A 15 2.79 12.03 -12.91
N GLU A 16 3.59 12.18 -13.95
CA GLU A 16 4.55 11.15 -14.33
C GLU A 16 5.73 11.76 -15.08
N GLN A 17 6.88 11.79 -14.43
CA GLN A 17 8.09 12.34 -15.03
C GLN A 17 9.30 11.47 -14.74
N ALA A 18 10.07 11.15 -15.77
CA ALA A 18 11.25 10.32 -15.63
C ALA A 18 12.49 11.17 -15.34
N SER A 19 12.73 11.46 -14.07
CA SER A 19 13.87 12.27 -13.67
C SER A 19 14.03 12.26 -12.15
N THR A 20 15.27 12.40 -11.70
CA THR A 20 15.56 12.41 -10.27
C THR A 20 14.95 13.64 -9.59
N THR A 21 13.73 13.50 -9.09
CA THR A 21 13.04 14.59 -8.42
C THR A 21 12.25 14.09 -7.22
N GLU A 22 12.26 14.87 -6.14
CA GLU A 22 11.54 14.50 -4.93
C GLU A 22 10.25 13.74 -5.27
N ARG A 23 9.63 14.12 -6.37
CA ARG A 23 8.39 13.48 -6.80
C ARG A 23 8.53 11.96 -6.76
N VAL A 24 9.58 11.44 -7.38
CA VAL A 24 9.83 10.01 -7.41
C VAL A 24 9.58 9.37 -6.04
N PHE A 25 9.68 10.19 -5.00
CA PHE A 25 9.47 9.70 -3.64
C PHE A 25 8.01 9.33 -3.42
N GLN A 26 7.11 10.23 -3.77
CA GLN A 26 5.68 9.99 -3.61
C GLN A 26 5.22 8.80 -4.44
N ASP A 27 5.43 8.90 -5.76
CA ASP A 27 5.04 7.83 -6.67
C ASP A 27 5.27 6.45 -6.03
N ARG A 28 6.35 6.33 -5.26
CA ARG A 28 6.69 5.09 -4.61
C ARG A 28 5.69 4.78 -3.49
N GLN A 29 5.79 5.52 -2.38
CA GLN A 29 4.89 5.32 -1.25
C GLN A 29 3.47 5.06 -1.72
N TYR A 30 3.10 5.68 -2.84
CA TYR A 30 1.75 5.51 -3.39
C TYR A 30 1.61 4.15 -4.07
N GLN A 31 2.65 3.74 -4.79
CA GLN A 31 2.64 2.47 -5.49
C GLN A 31 2.45 1.31 -4.51
N ILE A 32 3.21 1.33 -3.42
CA ILE A 32 3.12 0.29 -2.41
C ILE A 32 1.78 0.33 -1.69
N ASP A 33 1.50 1.46 -1.04
CA ASP A 33 0.25 1.63 -0.31
C ASP A 33 -0.95 1.36 -1.22
N ALA A 34 -0.87 1.84 -2.45
CA ALA A 34 -1.95 1.65 -3.42
C ALA A 34 -2.22 0.16 -3.64
N ALA A 35 -1.19 -0.58 -4.02
CA ALA A 35 -1.32 -2.01 -4.26
C ALA A 35 -1.94 -2.72 -3.07
N ILE A 36 -1.41 -2.43 -1.88
CA ILE A 36 -1.91 -3.03 -0.65
C ILE A 36 -3.41 -2.79 -0.49
N VAL A 37 -3.78 -1.53 -0.32
CA VAL A 37 -5.19 -1.17 -0.16
C VAL A 37 -6.07 -1.93 -1.13
N ARG A 38 -5.68 -1.94 -2.40
CA ARG A 38 -6.44 -2.62 -3.44
C ARG A 38 -6.54 -4.11 -3.13
N ILE A 39 -5.41 -4.71 -2.77
CA ILE A 39 -5.37 -6.14 -2.45
C ILE A 39 -6.25 -6.46 -1.24
N MET A 40 -5.86 -5.91 -0.08
CA MET A 40 -6.61 -6.13 1.14
C MET A 40 -8.10 -5.86 0.93
N LYS A 41 -8.43 -4.64 0.53
CA LYS A 41 -9.81 -4.26 0.29
C LYS A 41 -10.59 -5.40 -0.34
N MET A 42 -10.01 -6.03 -1.36
CA MET A 42 -10.65 -7.15 -2.04
C MET A 42 -10.67 -8.38 -1.15
N ARG A 43 -9.58 -8.62 -0.43
CA ARG A 43 -9.48 -9.77 0.45
C ARG A 43 -9.86 -9.39 1.88
N LYS A 44 -11.13 -9.63 2.23
CA LYS A 44 -11.62 -9.32 3.56
C LYS A 44 -10.55 -9.57 4.62
N THR A 45 -9.84 -10.69 4.48
CA THR A 45 -8.79 -11.05 5.42
C THR A 45 -7.57 -11.60 4.70
N LEU A 46 -6.39 -11.10 5.06
CA LEU A 46 -5.16 -11.56 4.43
C LEU A 46 -4.00 -11.52 5.44
N SER A 47 -3.06 -12.43 5.28
CA SER A 47 -1.90 -12.51 6.16
C SER A 47 -0.72 -11.74 5.58
N HIS A 48 0.35 -11.65 6.36
CA HIS A 48 1.55 -10.94 5.93
C HIS A 48 2.11 -11.56 4.64
N ASN A 49 2.48 -12.84 4.72
CA ASN A 49 3.03 -13.55 3.57
C ASN A 49 2.17 -13.31 2.33
N LEU A 50 0.88 -13.60 2.44
CA LEU A 50 -0.05 -13.43 1.33
C LEU A 50 -0.16 -11.96 0.94
N LEU A 51 -0.09 -11.08 1.94
CA LEU A 51 -0.16 -9.64 1.70
C LEU A 51 1.01 -9.15 0.86
N VAL A 52 2.20 -9.17 1.46
CA VAL A 52 3.41 -8.75 0.78
C VAL A 52 3.54 -9.41 -0.58
N SER A 53 3.04 -10.63 -0.68
CA SER A 53 3.11 -11.38 -1.93
C SER A 53 2.29 -10.70 -3.02
N GLU A 54 1.04 -10.39 -2.70
CA GLU A 54 0.16 -9.73 -3.66
C GLU A 54 0.77 -8.42 -4.15
N VAL A 55 1.27 -7.62 -3.22
CA VAL A 55 1.88 -6.34 -3.55
C VAL A 55 3.01 -6.51 -4.57
N TYR A 56 4.01 -7.32 -4.21
CA TYR A 56 5.14 -7.57 -5.09
C TYR A 56 4.67 -7.89 -6.50
N ASN A 57 3.64 -8.72 -6.61
CA ASN A 57 3.09 -9.11 -7.90
C ASN A 57 2.58 -7.89 -8.66
N GLN A 58 1.94 -6.98 -7.95
CA GLN A 58 1.41 -5.76 -8.55
C GLN A 58 2.53 -4.81 -8.94
N LEU A 59 3.54 -4.70 -8.08
CA LEU A 59 4.67 -3.82 -8.34
C LEU A 59 5.80 -4.59 -9.02
N LYS A 60 6.12 -4.18 -10.25
CA LYS A 60 7.20 -4.82 -11.01
C LYS A 60 8.55 -4.23 -10.64
N PHE A 61 8.63 -3.60 -9.48
CA PHE A 61 9.86 -2.99 -9.01
C PHE A 61 10.17 -3.43 -7.57
N PRO A 62 11.47 -3.48 -7.24
CA PRO A 62 11.92 -3.87 -5.91
C PRO A 62 11.59 -2.84 -4.84
N VAL A 63 11.02 -3.30 -3.74
CA VAL A 63 10.65 -2.41 -2.64
C VAL A 63 11.38 -2.79 -1.35
N LYS A 64 12.31 -1.93 -0.94
CA LYS A 64 13.07 -2.17 0.29
C LYS A 64 12.20 -2.79 1.37
N PRO A 65 12.82 -3.55 2.27
CA PRO A 65 12.11 -4.20 3.38
C PRO A 65 11.61 -3.20 4.42
N ALA A 66 12.39 -2.14 4.63
CA ALA A 66 12.02 -1.11 5.59
C ALA A 66 10.78 -0.35 5.15
N ASP A 67 10.76 0.06 3.89
CA ASP A 67 9.62 0.79 3.34
C ASP A 67 8.37 -0.09 3.31
N LEU A 68 8.50 -1.26 2.69
CA LEU A 68 7.37 -2.18 2.59
C LEU A 68 6.72 -2.41 3.96
N LYS A 69 7.50 -2.95 4.88
CA LYS A 69 7.00 -3.21 6.23
C LYS A 69 6.33 -1.97 6.81
N LYS A 70 7.03 -0.85 6.79
CA LYS A 70 6.50 0.41 7.30
C LYS A 70 5.15 0.71 6.70
N ARG A 71 5.05 0.58 5.37
CA ARG A 71 3.79 0.84 4.67
C ARG A 71 2.64 0.07 5.30
N ILE A 72 2.82 -1.23 5.47
CA ILE A 72 1.80 -2.08 6.06
C ILE A 72 1.34 -1.52 7.42
N GLU A 73 2.28 -1.39 8.34
CA GLU A 73 1.97 -0.87 9.67
C GLU A 73 1.11 0.39 9.58
N SER A 74 1.63 1.40 8.88
CA SER A 74 0.91 2.66 8.71
C SER A 74 -0.55 2.41 8.34
N LEU A 75 -0.76 1.77 7.20
CA LEU A 75 -2.11 1.46 6.74
C LEU A 75 -2.99 0.95 7.88
N ILE A 76 -2.48 -0.04 8.60
CA ILE A 76 -3.21 -0.62 9.72
C ILE A 76 -3.58 0.46 10.75
N ASP A 77 -2.66 1.39 10.99
CA ASP A 77 -2.89 2.46 11.93
C ASP A 77 -3.78 3.55 11.32
N ARG A 78 -3.91 3.52 10.00
CA ARG A 78 -4.72 4.50 9.29
C ARG A 78 -6.20 4.07 9.27
N ASP A 79 -6.54 3.13 10.15
CA ASP A 79 -7.91 2.64 10.23
C ASP A 79 -8.34 1.98 8.92
N TYR A 80 -7.50 1.06 8.43
CA TYR A 80 -7.78 0.37 7.18
C TYR A 80 -7.80 -1.14 7.40
N MET A 81 -7.07 -1.59 8.42
CA MET A 81 -7.01 -3.02 8.73
C MET A 81 -6.83 -3.23 10.23
N GLU A 82 -7.12 -4.45 10.69
CA GLU A 82 -6.99 -4.78 12.11
C GLU A 82 -6.28 -6.13 12.28
N ARG A 83 -5.40 -6.20 13.28
CA ARG A 83 -4.65 -7.42 13.55
C ARG A 83 -5.54 -8.44 14.26
N ASP A 84 -5.71 -9.60 13.62
CA ASP A 84 -6.52 -10.67 14.19
C ASP A 84 -6.11 -10.97 15.63
N LYS A 85 -7.07 -10.96 16.53
CA LYS A 85 -6.80 -11.23 17.94
C LYS A 85 -5.99 -12.51 18.10
N GLU A 86 -6.17 -13.44 17.16
CA GLU A 86 -5.45 -14.71 17.19
C GLU A 86 -3.95 -14.49 17.04
N ASN A 87 -3.54 -14.07 15.84
CA ASN A 87 -2.13 -13.82 15.56
C ASN A 87 -1.96 -12.48 14.84
N PRO A 88 -0.86 -11.78 15.16
CA PRO A 88 -0.55 -10.49 14.56
C PRO A 88 -0.15 -10.61 13.09
N ASN A 89 -0.17 -11.83 12.58
CA ASN A 89 0.19 -12.08 11.19
C ASN A 89 -1.03 -11.97 10.29
N GLN A 90 -2.21 -12.18 10.85
CA GLN A 90 -3.45 -12.09 10.10
C GLN A 90 -4.10 -10.73 10.25
N TYR A 91 -4.52 -10.14 9.15
CA TYR A 91 -5.15 -8.83 9.16
C TYR A 91 -6.55 -8.89 8.55
N ASN A 92 -7.45 -8.05 9.06
CA ASN A 92 -8.82 -8.00 8.56
C ASN A 92 -9.13 -6.65 7.95
N TYR A 93 -10.17 -6.60 7.13
CA TYR A 93 -10.57 -5.36 6.47
C TYR A 93 -11.55 -4.58 7.34
N ILE A 94 -11.36 -3.27 7.40
CA ILE A 94 -12.23 -2.41 8.19
C ILE A 94 -12.73 -1.22 7.38
N ALA A 95 -11.83 -0.63 6.60
CA ALA A 95 -12.18 0.51 5.76
C ALA A 95 -13.62 0.40 5.25
N SER A 96 -14.32 1.52 5.22
CA SER A 96 -15.70 1.56 4.75
C SER A 96 -15.76 1.83 3.25
N GLY A 97 -16.31 0.88 2.50
CA GLY A 97 -16.43 1.03 1.06
C GLY A 97 -17.18 -0.11 0.41
N PRO A 98 -17.98 0.21 -0.62
CA PRO A 98 -18.77 -0.79 -1.35
C PRO A 98 -17.90 -1.72 -2.18
N SER A 99 -18.43 -2.90 -2.50
CA SER A 99 -17.71 -3.88 -3.29
C SER A 99 -17.73 -3.52 -4.76
N SER A 100 -16.62 -2.98 -5.26
CA SER A 100 -16.51 -2.59 -6.66
C SER A 100 -16.46 -3.81 -7.56
N GLY A 101 -17.40 -3.88 -8.51
CA GLY A 101 -17.44 -5.00 -9.43
C GLY A 101 -16.20 -5.10 -10.28
N GLY A 1 -35.99 -4.41 -37.20
CA GLY A 1 -35.57 -3.46 -36.18
C GLY A 1 -34.07 -3.54 -35.91
N SER A 2 -33.32 -2.62 -36.51
CA SER A 2 -31.88 -2.59 -36.35
C SER A 2 -31.43 -1.28 -35.70
N SER A 3 -30.30 -1.32 -35.01
CA SER A 3 -29.77 -0.13 -34.34
C SER A 3 -28.26 0.00 -34.57
N GLY A 4 -27.68 1.06 -34.03
CA GLY A 4 -26.26 1.28 -34.19
C GLY A 4 -25.73 2.33 -33.23
N SER A 5 -24.82 1.92 -32.34
CA SER A 5 -24.25 2.82 -31.36
C SER A 5 -22.83 2.38 -30.99
N SER A 6 -21.98 3.35 -30.70
CA SER A 6 -20.59 3.07 -30.34
C SER A 6 -20.08 4.08 -29.30
N GLY A 7 -18.91 3.80 -28.75
CA GLY A 7 -18.34 4.69 -27.75
C GLY A 7 -16.88 5.01 -28.03
N ILE A 8 -16.41 6.14 -27.50
CA ILE A 8 -15.04 6.57 -27.70
C ILE A 8 -14.37 6.92 -26.37
N GLN A 9 -13.07 6.66 -26.27
CA GLN A 9 -12.32 6.96 -25.06
C GLN A 9 -10.90 7.38 -25.39
N MET A 10 -10.20 7.93 -24.40
CA MET A 10 -8.83 8.38 -24.60
C MET A 10 -7.86 7.54 -23.76
N LYS A 11 -6.66 7.34 -24.29
CA LYS A 11 -5.65 6.56 -23.60
C LYS A 11 -4.35 7.35 -23.45
N GLU A 12 -4.03 7.72 -22.21
CA GLU A 12 -2.81 8.49 -21.94
C GLU A 12 -1.67 7.56 -21.52
N THR A 13 -0.60 7.58 -22.30
CA THR A 13 0.56 6.74 -22.02
C THR A 13 1.76 7.58 -21.59
N VAL A 14 2.44 7.14 -20.53
CA VAL A 14 3.61 7.86 -20.03
C VAL A 14 4.78 6.90 -19.79
N GLU A 15 5.98 7.36 -20.11
CA GLU A 15 7.18 6.54 -19.93
C GLU A 15 8.18 7.25 -19.01
N GLU A 16 8.84 6.46 -18.16
CA GLU A 16 9.82 7.01 -17.23
C GLU A 16 11.20 6.42 -17.49
N GLN A 17 12.18 7.29 -17.66
CA GLN A 17 13.55 6.86 -17.92
C GLN A 17 14.33 6.72 -16.61
N ALA A 18 15.53 6.15 -16.70
CA ALA A 18 16.37 5.96 -15.53
C ALA A 18 16.95 7.28 -15.04
N SER A 19 16.14 8.03 -14.29
CA SER A 19 16.57 9.32 -13.76
C SER A 19 16.09 9.50 -12.31
N THR A 20 16.98 10.01 -11.47
CA THR A 20 16.64 10.23 -10.07
C THR A 20 15.87 11.54 -9.89
N THR A 21 14.56 11.43 -9.70
CA THR A 21 13.72 12.60 -9.52
C THR A 21 12.95 12.53 -8.21
N GLU A 22 12.76 13.67 -7.57
CA GLU A 22 12.04 13.73 -6.30
C GLU A 22 10.71 12.99 -6.40
N ARG A 23 9.99 13.21 -7.49
CA ARG A 23 8.71 12.55 -7.70
C ARG A 23 8.83 11.04 -7.59
N VAL A 24 9.83 10.48 -8.27
CA VAL A 24 10.07 9.04 -8.25
C VAL A 24 9.94 8.49 -6.82
N PHE A 25 10.64 9.12 -5.89
CA PHE A 25 10.61 8.70 -4.49
C PHE A 25 9.18 8.43 -4.04
N GLN A 26 8.31 9.42 -4.21
CA GLN A 26 6.92 9.28 -3.82
C GLN A 26 6.24 8.16 -4.60
N ASP A 27 6.40 8.18 -5.92
CA ASP A 27 5.80 7.17 -6.78
C ASP A 27 5.86 5.79 -6.13
N ARG A 28 6.90 5.56 -5.35
CA ARG A 28 7.08 4.28 -4.67
C ARG A 28 6.07 4.13 -3.55
N GLN A 29 6.25 4.90 -2.48
CA GLN A 29 5.34 4.85 -1.33
C GLN A 29 3.90 4.67 -1.79
N TYR A 30 3.57 5.23 -2.95
CA TYR A 30 2.22 5.13 -3.49
C TYR A 30 1.97 3.74 -4.07
N GLN A 31 2.96 3.23 -4.80
CA GLN A 31 2.85 1.92 -5.42
C GLN A 31 2.51 0.85 -4.38
N ILE A 32 3.17 0.92 -3.23
CA ILE A 32 2.94 -0.04 -2.16
C ILE A 32 1.61 0.22 -1.47
N ASP A 33 1.48 1.40 -0.86
CA ASP A 33 0.25 1.76 -0.18
C ASP A 33 -0.98 1.50 -1.07
N ALA A 34 -0.84 1.80 -2.36
CA ALA A 34 -1.93 1.59 -3.30
C ALA A 34 -2.24 0.11 -3.47
N ALA A 35 -1.20 -0.68 -3.70
CA ALA A 35 -1.35 -2.12 -3.88
C ALA A 35 -1.95 -2.77 -2.63
N ILE A 36 -1.46 -2.37 -1.47
CA ILE A 36 -1.94 -2.91 -0.20
C ILE A 36 -3.44 -2.68 -0.05
N VAL A 37 -3.85 -1.41 -0.05
CA VAL A 37 -5.25 -1.05 0.08
C VAL A 37 -6.11 -1.81 -0.93
N ARG A 38 -5.74 -1.72 -2.20
CA ARG A 38 -6.47 -2.40 -3.26
C ARG A 38 -6.59 -3.89 -2.98
N ILE A 39 -5.46 -4.50 -2.65
CA ILE A 39 -5.45 -5.94 -2.35
C ILE A 39 -6.23 -6.25 -1.08
N MET A 40 -5.70 -5.81 0.05
CA MET A 40 -6.35 -6.04 1.34
C MET A 40 -7.86 -5.85 1.22
N LYS A 41 -8.27 -4.80 0.53
CA LYS A 41 -9.69 -4.50 0.34
C LYS A 41 -10.41 -5.70 -0.29
N MET A 42 -9.89 -6.15 -1.43
CA MET A 42 -10.49 -7.29 -2.14
C MET A 42 -10.55 -8.51 -1.22
N ARG A 43 -9.49 -8.74 -0.48
CA ARG A 43 -9.42 -9.89 0.43
C ARG A 43 -9.80 -9.48 1.85
N LYS A 44 -11.04 -9.79 2.23
CA LYS A 44 -11.53 -9.45 3.56
C LYS A 44 -10.41 -9.58 4.61
N THR A 45 -9.66 -10.66 4.51
CA THR A 45 -8.56 -10.91 5.44
C THR A 45 -7.33 -11.43 4.72
N LEU A 46 -6.17 -10.87 5.06
CA LEU A 46 -4.91 -11.29 4.43
C LEU A 46 -3.76 -11.21 5.43
N SER A 47 -2.78 -12.11 5.27
CA SER A 47 -1.63 -12.14 6.16
C SER A 47 -0.43 -11.46 5.52
N HIS A 48 0.69 -11.46 6.23
CA HIS A 48 1.91 -10.83 5.72
C HIS A 48 2.42 -11.54 4.47
N ASN A 49 2.59 -12.86 4.57
CA ASN A 49 3.06 -13.66 3.45
C ASN A 49 2.23 -13.40 2.20
N LEU A 50 0.93 -13.59 2.32
CA LEU A 50 0.02 -13.37 1.20
C LEU A 50 0.03 -11.90 0.77
N LEU A 51 0.09 -11.01 1.75
CA LEU A 51 0.11 -9.58 1.46
C LEU A 51 1.32 -9.20 0.60
N VAL A 52 2.51 -9.33 1.16
CA VAL A 52 3.74 -9.01 0.44
C VAL A 52 3.72 -9.64 -0.96
N SER A 53 3.27 -10.87 -1.05
CA SER A 53 3.21 -11.58 -2.32
C SER A 53 2.44 -10.77 -3.35
N GLU A 54 1.18 -10.47 -3.04
CA GLU A 54 0.33 -9.70 -3.94
C GLU A 54 1.01 -8.38 -4.33
N VAL A 55 1.36 -7.59 -3.33
CA VAL A 55 2.02 -6.31 -3.56
C VAL A 55 3.02 -6.40 -4.71
N TYR A 56 4.01 -7.28 -4.55
CA TYR A 56 5.04 -7.47 -5.57
C TYR A 56 4.41 -7.79 -6.92
N ASN A 57 3.37 -8.61 -6.90
CA ASN A 57 2.68 -9.01 -8.12
C ASN A 57 2.23 -7.79 -8.90
N GLN A 58 1.80 -6.76 -8.20
CA GLN A 58 1.33 -5.53 -8.82
C GLN A 58 2.51 -4.60 -9.14
N LEU A 59 3.51 -4.60 -8.27
CA LEU A 59 4.70 -3.77 -8.46
C LEU A 59 5.79 -4.55 -9.19
N LYS A 60 6.14 -4.08 -10.38
CA LYS A 60 7.18 -4.72 -11.17
C LYS A 60 8.56 -4.22 -10.77
N PHE A 61 8.66 -3.70 -9.55
CA PHE A 61 9.93 -3.19 -9.04
C PHE A 61 10.19 -3.69 -7.62
N PRO A 62 11.47 -3.79 -7.26
CA PRO A 62 11.89 -4.25 -5.93
C PRO A 62 11.56 -3.25 -4.84
N VAL A 63 10.96 -3.73 -3.75
CA VAL A 63 10.59 -2.86 -2.64
C VAL A 63 11.32 -3.28 -1.36
N LYS A 64 12.17 -2.39 -0.86
CA LYS A 64 12.92 -2.66 0.36
C LYS A 64 12.02 -3.20 1.46
N PRO A 65 12.60 -3.98 2.38
CA PRO A 65 11.86 -4.57 3.50
C PRO A 65 11.41 -3.52 4.52
N ALA A 66 12.26 -2.51 4.72
CA ALA A 66 11.96 -1.44 5.67
C ALA A 66 10.66 -0.74 5.30
N ASP A 67 10.62 -0.15 4.12
CA ASP A 67 9.44 0.57 3.65
C ASP A 67 8.21 -0.33 3.70
N LEU A 68 8.22 -1.39 2.91
CA LEU A 68 7.11 -2.33 2.86
C LEU A 68 6.48 -2.49 4.25
N LYS A 69 7.29 -2.88 5.23
CA LYS A 69 6.81 -3.07 6.59
C LYS A 69 6.05 -1.84 7.07
N LYS A 70 6.65 -0.67 6.91
CA LYS A 70 6.03 0.58 7.32
C LYS A 70 4.66 0.75 6.67
N ARG A 71 4.65 0.91 5.35
CA ARG A 71 3.40 1.07 4.61
C ARG A 71 2.30 0.20 5.20
N ILE A 72 2.62 -1.06 5.45
CA ILE A 72 1.66 -2.01 6.00
C ILE A 72 1.16 -1.54 7.37
N GLU A 73 2.07 -1.45 8.33
CA GLU A 73 1.73 -1.01 9.67
C GLU A 73 0.91 0.28 9.63
N SER A 74 1.50 1.33 9.06
CA SER A 74 0.83 2.62 8.96
C SER A 74 -0.61 2.45 8.53
N LEU A 75 -0.82 1.83 7.37
CA LEU A 75 -2.15 1.60 6.84
C LEU A 75 -3.07 1.04 7.91
N ILE A 76 -2.61 0.01 8.61
CA ILE A 76 -3.39 -0.61 9.68
C ILE A 76 -3.84 0.42 10.71
N ASP A 77 -2.97 1.39 11.00
CA ASP A 77 -3.27 2.43 11.96
C ASP A 77 -4.11 3.54 11.31
N ARG A 78 -4.17 3.52 9.98
CA ARG A 78 -4.94 4.53 9.25
C ARG A 78 -6.40 4.12 9.14
N ASP A 79 -6.86 3.31 10.10
CA ASP A 79 -8.24 2.86 10.12
C ASP A 79 -8.59 2.16 8.81
N TYR A 80 -7.73 1.25 8.38
CA TYR A 80 -7.95 0.51 7.14
C TYR A 80 -7.92 -1.00 7.40
N MET A 81 -7.03 -1.43 8.28
CA MET A 81 -6.90 -2.84 8.62
C MET A 81 -6.73 -3.03 10.12
N GLU A 82 -7.03 -4.23 10.60
CA GLU A 82 -6.92 -4.54 12.02
C GLU A 82 -6.08 -5.80 12.23
N ARG A 83 -5.25 -5.78 13.27
CA ARG A 83 -4.39 -6.92 13.58
C ARG A 83 -5.20 -8.04 14.25
N ASP A 84 -5.24 -9.20 13.60
CA ASP A 84 -5.98 -10.34 14.13
C ASP A 84 -5.64 -10.57 15.61
N LYS A 85 -6.61 -10.36 16.47
CA LYS A 85 -6.42 -10.54 17.91
C LYS A 85 -5.46 -11.69 18.18
N GLU A 86 -5.60 -12.77 17.40
CA GLU A 86 -4.75 -13.94 17.57
C GLU A 86 -3.29 -13.59 17.31
N ASN A 87 -3.00 -13.14 16.10
CA ASN A 87 -1.63 -12.77 15.73
C ASN A 87 -1.63 -11.54 14.82
N PRO A 88 -0.62 -10.68 15.00
CA PRO A 88 -0.48 -9.45 14.21
C PRO A 88 -0.12 -9.73 12.76
N ASN A 89 0.26 -10.97 12.47
CA ASN A 89 0.64 -11.38 11.13
C ASN A 89 -0.57 -11.34 10.20
N GLN A 90 -1.73 -11.70 10.72
CA GLN A 90 -2.96 -11.72 9.94
C GLN A 90 -3.76 -10.43 10.15
N TYR A 91 -4.11 -9.77 9.05
CA TYR A 91 -4.86 -8.51 9.12
C TYR A 91 -6.27 -8.70 8.54
N ASN A 92 -7.20 -7.87 8.99
CA ASN A 92 -8.57 -7.93 8.52
C ASN A 92 -9.01 -6.59 7.93
N TYR A 93 -10.00 -6.63 7.04
CA TYR A 93 -10.51 -5.43 6.42
C TYR A 93 -11.51 -4.72 7.32
N ILE A 94 -11.30 -3.43 7.53
CA ILE A 94 -12.19 -2.63 8.37
C ILE A 94 -12.74 -1.42 7.62
N ALA A 95 -11.91 -0.84 6.75
CA ALA A 95 -12.32 0.31 5.97
C ALA A 95 -13.68 0.08 5.33
N SER A 96 -14.47 1.16 5.25
CA SER A 96 -15.81 1.07 4.66
C SER A 96 -15.91 1.97 3.44
N GLY A 97 -16.05 1.35 2.27
CA GLY A 97 -16.16 2.11 1.04
C GLY A 97 -17.51 1.94 0.37
N PRO A 98 -17.85 2.85 -0.55
CA PRO A 98 -19.12 2.82 -1.28
C PRO A 98 -19.20 1.65 -2.26
N SER A 99 -20.37 1.49 -2.88
CA SER A 99 -20.57 0.41 -3.84
C SER A 99 -21.87 0.61 -4.62
N SER A 100 -21.75 0.89 -5.91
CA SER A 100 -22.90 1.11 -6.76
C SER A 100 -23.82 -0.11 -6.76
N GLY A 101 -24.94 0.00 -6.06
CA GLY A 101 -25.89 -1.10 -5.99
C GLY A 101 -26.76 -1.19 -7.22
N GLY A 1 -18.27 8.10 -38.86
CA GLY A 1 -18.04 7.04 -37.89
C GLY A 1 -17.45 7.56 -36.60
N SER A 2 -17.02 6.64 -35.74
CA SER A 2 -16.42 7.01 -34.46
C SER A 2 -15.82 5.79 -33.77
N SER A 3 -14.50 5.79 -33.63
CA SER A 3 -13.79 4.68 -33.00
C SER A 3 -12.50 5.16 -32.34
N GLY A 4 -11.86 4.28 -31.59
CA GLY A 4 -10.62 4.63 -30.92
C GLY A 4 -9.85 3.41 -30.46
N SER A 5 -8.52 3.53 -30.46
CA SER A 5 -7.66 2.42 -30.04
C SER A 5 -6.24 2.92 -29.76
N SER A 6 -5.66 2.43 -28.67
CA SER A 6 -4.31 2.83 -28.28
C SER A 6 -3.73 1.85 -27.26
N GLY A 7 -2.48 2.09 -26.87
CA GLY A 7 -1.83 1.21 -25.90
C GLY A 7 -0.62 0.52 -26.47
N ILE A 8 0.56 0.88 -25.98
CA ILE A 8 1.81 0.28 -26.45
C ILE A 8 2.93 0.46 -25.43
N GLN A 9 3.79 -0.54 -25.33
CA GLN A 9 4.90 -0.50 -24.39
C GLN A 9 5.96 -1.55 -24.74
N MET A 10 7.22 -1.16 -24.65
CA MET A 10 8.32 -2.08 -24.96
C MET A 10 8.62 -2.98 -23.76
N LYS A 11 8.89 -4.25 -24.04
CA LYS A 11 9.21 -5.21 -22.98
C LYS A 11 10.48 -4.82 -22.25
N GLU A 12 10.44 -4.88 -20.92
CA GLU A 12 11.60 -4.54 -20.10
C GLU A 12 12.89 -5.03 -20.75
N THR A 13 13.99 -4.34 -20.45
CA THR A 13 15.29 -4.70 -21.00
C THR A 13 16.42 -4.32 -20.05
N VAL A 14 17.55 -5.00 -20.19
CA VAL A 14 18.71 -4.73 -19.34
C VAL A 14 19.54 -3.58 -19.89
N GLU A 15 19.78 -2.58 -19.04
CA GLU A 15 20.56 -1.41 -19.45
C GLU A 15 21.15 -0.71 -18.23
N GLU A 16 22.47 -0.72 -18.13
CA GLU A 16 23.15 -0.08 -17.01
C GLU A 16 23.31 1.42 -17.25
N GLN A 17 23.00 2.23 -16.24
CA GLN A 17 23.11 3.67 -16.34
C GLN A 17 22.95 4.33 -14.97
N ALA A 18 23.42 5.56 -14.86
CA ALA A 18 23.34 6.30 -13.60
C ALA A 18 22.22 7.34 -13.65
N SER A 19 21.06 6.97 -13.13
CA SER A 19 19.91 7.87 -13.11
C SER A 19 19.21 7.84 -11.76
N THR A 20 18.68 8.99 -11.34
CA THR A 20 17.99 9.10 -10.06
C THR A 20 17.27 10.43 -9.94
N THR A 21 15.96 10.38 -9.70
CA THR A 21 15.16 11.58 -9.56
C THR A 21 14.44 11.60 -8.22
N GLU A 22 13.71 12.69 -7.97
CA GLU A 22 12.96 12.84 -6.72
C GLU A 22 11.47 12.61 -6.95
N ARG A 23 10.93 13.26 -7.97
CA ARG A 23 9.52 13.12 -8.30
C ARG A 23 9.07 11.66 -8.21
N VAL A 24 9.98 10.75 -8.54
CA VAL A 24 9.68 9.32 -8.50
C VAL A 24 9.28 8.88 -7.10
N PHE A 25 10.03 9.36 -6.10
CA PHE A 25 9.75 9.01 -4.71
C PHE A 25 8.25 9.02 -4.43
N GLN A 26 7.56 10.01 -4.97
CA GLN A 26 6.12 10.14 -4.79
C GLN A 26 5.39 8.97 -5.44
N ASP A 27 5.53 8.85 -6.76
CA ASP A 27 4.89 7.78 -7.50
C ASP A 27 5.13 6.43 -6.85
N ARG A 28 6.23 6.33 -6.11
CA ARG A 28 6.59 5.10 -5.43
C ARG A 28 5.67 4.85 -4.23
N GLN A 29 5.83 5.65 -3.20
CA GLN A 29 5.02 5.52 -1.99
C GLN A 29 3.58 5.21 -2.34
N TYR A 30 3.05 5.87 -3.37
CA TYR A 30 1.68 5.67 -3.81
C TYR A 30 1.51 4.27 -4.40
N GLN A 31 2.45 3.86 -5.23
CA GLN A 31 2.40 2.54 -5.86
C GLN A 31 2.26 1.44 -4.81
N ILE A 32 3.04 1.55 -3.74
CA ILE A 32 3.01 0.57 -2.67
C ILE A 32 1.71 0.67 -1.87
N ASP A 33 1.59 1.72 -1.07
CA ASP A 33 0.40 1.94 -0.27
C ASP A 33 -0.86 1.56 -1.05
N ALA A 34 -0.90 1.94 -2.32
CA ALA A 34 -2.04 1.64 -3.16
C ALA A 34 -2.20 0.14 -3.37
N ALA A 35 -1.13 -0.50 -3.87
CA ALA A 35 -1.15 -1.94 -4.11
C ALA A 35 -1.64 -2.70 -2.88
N ILE A 36 -1.19 -2.26 -1.70
CA ILE A 36 -1.58 -2.89 -0.45
C ILE A 36 -3.07 -2.74 -0.19
N VAL A 37 -3.54 -1.49 -0.15
CA VAL A 37 -4.94 -1.20 0.08
C VAL A 37 -5.83 -1.91 -0.93
N ARG A 38 -5.31 -2.09 -2.15
CA ARG A 38 -6.05 -2.76 -3.21
C ARG A 38 -6.10 -4.26 -2.97
N ILE A 39 -5.05 -4.80 -2.37
CA ILE A 39 -4.97 -6.23 -2.08
C ILE A 39 -5.79 -6.58 -0.85
N MET A 40 -5.56 -5.85 0.23
CA MET A 40 -6.27 -6.09 1.48
C MET A 40 -7.78 -5.90 1.29
N LYS A 41 -8.14 -4.81 0.64
CA LYS A 41 -9.55 -4.50 0.39
C LYS A 41 -10.26 -5.69 -0.26
N MET A 42 -9.80 -6.08 -1.44
CA MET A 42 -10.39 -7.22 -2.16
C MET A 42 -10.43 -8.46 -1.26
N ARG A 43 -9.38 -8.65 -0.48
CA ARG A 43 -9.29 -9.79 0.41
C ARG A 43 -9.73 -9.42 1.83
N LYS A 44 -11.00 -9.66 2.14
CA LYS A 44 -11.54 -9.35 3.45
C LYS A 44 -10.50 -9.56 4.54
N THR A 45 -9.77 -10.67 4.45
CA THR A 45 -8.73 -10.99 5.43
C THR A 45 -7.53 -11.63 4.75
N LEU A 46 -6.36 -11.04 4.96
CA LEU A 46 -5.13 -11.57 4.38
C LEU A 46 -3.99 -11.53 5.39
N SER A 47 -2.94 -12.32 5.12
CA SER A 47 -1.78 -12.38 6.01
C SER A 47 -0.63 -11.56 5.45
N HIS A 48 0.45 -11.48 6.22
CA HIS A 48 1.63 -10.73 5.81
C HIS A 48 2.24 -11.33 4.55
N ASN A 49 2.67 -12.59 4.63
CA ASN A 49 3.27 -13.27 3.50
C ASN A 49 2.40 -13.13 2.26
N LEU A 50 1.10 -13.36 2.41
CA LEU A 50 0.16 -13.25 1.31
C LEU A 50 0.11 -11.83 0.78
N LEU A 51 0.22 -10.85 1.67
CA LEU A 51 0.19 -9.45 1.28
C LEU A 51 1.45 -9.06 0.51
N VAL A 52 2.58 -9.05 1.21
CA VAL A 52 3.86 -8.71 0.58
C VAL A 52 3.97 -9.35 -0.81
N SER A 53 3.60 -10.62 -0.89
CA SER A 53 3.67 -11.35 -2.16
C SER A 53 2.80 -10.68 -3.22
N GLU A 54 1.54 -10.48 -2.90
CA GLU A 54 0.60 -9.86 -3.82
C GLU A 54 1.13 -8.51 -4.30
N VAL A 55 1.55 -7.68 -3.36
CA VAL A 55 2.08 -6.36 -3.68
C VAL A 55 3.22 -6.45 -4.69
N TYR A 56 4.17 -7.34 -4.41
CA TYR A 56 5.32 -7.52 -5.29
C TYR A 56 4.87 -7.82 -6.73
N ASN A 57 3.85 -8.65 -6.86
CA ASN A 57 3.31 -9.01 -8.17
C ASN A 57 2.64 -7.81 -8.83
N GLN A 58 2.06 -6.94 -8.01
CA GLN A 58 1.39 -5.75 -8.51
C GLN A 58 2.39 -4.70 -8.96
N LEU A 59 3.57 -4.70 -8.32
CA LEU A 59 4.61 -3.75 -8.65
C LEU A 59 5.67 -4.38 -9.56
N LYS A 60 5.91 -3.76 -10.70
CA LYS A 60 6.89 -4.26 -11.65
C LYS A 60 8.30 -4.25 -11.05
N PHE A 61 8.44 -3.54 -9.94
CA PHE A 61 9.73 -3.45 -9.25
C PHE A 61 9.62 -3.93 -7.81
N PRO A 62 10.72 -4.51 -7.29
CA PRO A 62 10.76 -5.03 -5.92
C PRO A 62 10.75 -3.90 -4.88
N VAL A 63 10.14 -4.18 -3.73
CA VAL A 63 10.05 -3.20 -2.65
C VAL A 63 10.81 -3.68 -1.42
N LYS A 64 11.66 -2.81 -0.89
CA LYS A 64 12.45 -3.14 0.30
C LYS A 64 11.55 -3.55 1.45
N PRO A 65 12.10 -4.33 2.39
CA PRO A 65 11.35 -4.81 3.56
C PRO A 65 11.05 -3.70 4.55
N ALA A 66 12.05 -2.86 4.82
CA ALA A 66 11.88 -1.75 5.75
C ALA A 66 10.70 -0.87 5.34
N ASP A 67 10.77 -0.28 4.15
CA ASP A 67 9.72 0.58 3.65
C ASP A 67 8.37 -0.15 3.68
N LEU A 68 8.27 -1.23 2.93
CA LEU A 68 7.03 -2.01 2.87
C LEU A 68 6.41 -2.14 4.26
N LYS A 69 7.17 -2.71 5.19
CA LYS A 69 6.70 -2.90 6.56
C LYS A 69 6.07 -1.61 7.10
N LYS A 70 6.80 -0.51 6.97
CA LYS A 70 6.30 0.79 7.44
C LYS A 70 4.95 1.11 6.82
N ARG A 71 4.81 0.82 5.52
CA ARG A 71 3.56 1.09 4.81
C ARG A 71 2.42 0.28 5.41
N ILE A 72 2.66 -1.01 5.62
CA ILE A 72 1.64 -1.90 6.17
C ILE A 72 1.16 -1.39 7.53
N GLU A 73 2.06 -1.36 8.50
CA GLU A 73 1.72 -0.89 9.84
C GLU A 73 0.88 0.38 9.78
N SER A 74 1.44 1.43 9.18
CA SER A 74 0.75 2.70 9.07
C SER A 74 -0.71 2.49 8.66
N LEU A 75 -0.90 1.87 7.50
CA LEU A 75 -2.25 1.60 7.00
C LEU A 75 -3.12 0.99 8.07
N ILE A 76 -2.60 -0.02 8.76
CA ILE A 76 -3.34 -0.69 9.82
C ILE A 76 -3.82 0.31 10.87
N ASP A 77 -2.99 1.31 11.16
CA ASP A 77 -3.32 2.32 12.14
C ASP A 77 -4.17 3.43 11.51
N ARG A 78 -4.22 3.44 10.18
CA ARG A 78 -4.99 4.45 9.45
C ARG A 78 -6.43 3.98 9.25
N ASP A 79 -6.94 3.22 10.21
CA ASP A 79 -8.30 2.72 10.15
C ASP A 79 -8.57 2.05 8.80
N TYR A 80 -7.66 1.16 8.40
CA TYR A 80 -7.79 0.45 7.13
C TYR A 80 -7.74 -1.06 7.35
N MET A 81 -6.98 -1.48 8.34
CA MET A 81 -6.85 -2.90 8.66
C MET A 81 -6.58 -3.11 10.15
N GLU A 82 -7.09 -4.21 10.68
CA GLU A 82 -6.92 -4.52 12.10
C GLU A 82 -6.10 -5.80 12.28
N ARG A 83 -5.27 -5.83 13.31
CA ARG A 83 -4.43 -6.99 13.59
C ARG A 83 -5.24 -8.10 14.26
N ASP A 84 -5.10 -9.32 13.75
CA ASP A 84 -5.81 -10.47 14.30
C ASP A 84 -5.32 -10.80 15.70
N LYS A 85 -6.20 -10.64 16.68
CA LYS A 85 -5.85 -10.93 18.07
C LYS A 85 -5.01 -12.19 18.18
N GLU A 86 -5.26 -13.14 17.29
CA GLU A 86 -4.52 -14.39 17.28
C GLU A 86 -3.04 -14.16 16.93
N ASN A 87 -2.80 -13.73 15.70
CA ASN A 87 -1.45 -13.46 15.25
C ASN A 87 -1.38 -12.15 14.47
N PRO A 88 -0.30 -11.38 14.69
CA PRO A 88 -0.10 -10.09 14.03
C PRO A 88 0.20 -10.24 12.54
N ASN A 89 0.37 -11.49 12.10
CA ASN A 89 0.66 -11.77 10.70
C ASN A 89 -0.62 -11.73 9.86
N GLN A 90 -1.76 -11.71 10.53
CA GLN A 90 -3.05 -11.67 9.86
C GLN A 90 -3.70 -10.30 10.02
N TYR A 91 -4.34 -9.82 8.95
CA TYR A 91 -5.01 -8.53 8.98
C TYR A 91 -6.40 -8.62 8.37
N ASN A 92 -7.36 -7.95 9.00
CA ASN A 92 -8.74 -7.96 8.52
C ASN A 92 -9.12 -6.60 7.93
N TYR A 93 -10.10 -6.60 7.03
CA TYR A 93 -10.56 -5.38 6.39
C TYR A 93 -11.55 -4.63 7.29
N ILE A 94 -11.37 -3.33 7.40
CA ILE A 94 -12.25 -2.50 8.22
C ILE A 94 -12.75 -1.29 7.44
N ALA A 95 -11.87 -0.67 6.67
CA ALA A 95 -12.23 0.49 5.87
C ALA A 95 -13.66 0.36 5.33
N SER A 96 -14.36 1.48 5.27
CA SER A 96 -15.73 1.50 4.79
C SER A 96 -15.79 1.86 3.31
N GLY A 97 -16.77 1.30 2.60
CA GLY A 97 -16.90 1.57 1.19
C GLY A 97 -17.49 2.95 0.91
N PRO A 98 -17.05 3.56 -0.19
CA PRO A 98 -17.52 4.90 -0.59
C PRO A 98 -18.97 4.88 -1.05
N SER A 99 -19.89 5.01 -0.11
CA SER A 99 -21.31 5.01 -0.42
C SER A 99 -21.79 6.40 -0.84
N SER A 100 -22.54 6.47 -1.92
CA SER A 100 -23.05 7.75 -2.42
C SER A 100 -24.10 8.32 -1.48
N GLY A 101 -25.06 7.48 -1.10
CA GLY A 101 -26.12 7.92 -0.21
C GLY A 101 -27.28 6.95 -0.16
N GLY A 1 -15.73 44.12 18.22
CA GLY A 1 -14.68 43.16 17.97
C GLY A 1 -13.38 43.82 17.54
N SER A 2 -12.50 43.05 16.92
CA SER A 2 -11.21 43.57 16.46
C SER A 2 -10.59 42.64 15.43
N SER A 3 -9.82 43.22 14.51
CA SER A 3 -9.16 42.44 13.47
C SER A 3 -7.90 43.15 12.97
N GLY A 4 -7.03 42.40 12.31
CA GLY A 4 -5.80 42.97 11.80
C GLY A 4 -5.03 42.00 10.90
N SER A 5 -4.79 42.40 9.67
CA SER A 5 -4.08 41.56 8.72
C SER A 5 -3.30 42.41 7.72
N SER A 6 -1.98 42.20 7.67
CA SER A 6 -1.12 42.95 6.76
C SER A 6 0.22 42.26 6.58
N GLY A 7 0.96 42.66 5.56
CA GLY A 7 2.26 42.06 5.30
C GLY A 7 2.16 40.84 4.42
N ILE A 8 1.34 40.91 3.38
CA ILE A 8 1.17 39.79 2.46
C ILE A 8 2.40 39.60 1.58
N GLN A 9 2.60 38.37 1.11
CA GLN A 9 3.75 38.06 0.26
C GLN A 9 3.34 38.05 -1.21
N MET A 10 4.33 38.09 -2.10
CA MET A 10 4.07 38.09 -3.53
C MET A 10 4.64 36.82 -4.17
N LYS A 11 4.05 36.44 -5.30
CA LYS A 11 4.49 35.24 -6.02
C LYS A 11 5.98 35.32 -6.35
N GLU A 12 6.79 34.67 -5.52
CA GLU A 12 8.24 34.68 -5.71
C GLU A 12 8.81 33.27 -5.52
N THR A 13 9.97 33.03 -6.11
CA THR A 13 10.63 31.73 -6.02
C THR A 13 12.13 31.84 -6.30
N VAL A 14 12.92 31.18 -5.47
CA VAL A 14 14.37 31.20 -5.63
C VAL A 14 14.89 29.86 -6.15
N GLU A 15 15.34 29.86 -7.40
CA GLU A 15 15.86 28.64 -8.01
C GLU A 15 16.64 27.80 -6.99
N GLU A 16 16.39 26.49 -7.00
CA GLU A 16 17.06 25.59 -6.08
C GLU A 16 18.07 24.71 -6.81
N GLN A 17 19.27 25.25 -7.01
CA GLN A 17 20.33 24.52 -7.70
C GLN A 17 20.26 23.03 -7.38
N ALA A 18 20.37 22.70 -6.11
CA ALA A 18 20.32 21.31 -5.67
C ALA A 18 19.25 20.54 -6.44
N SER A 19 19.51 19.25 -6.66
CA SER A 19 18.57 18.39 -7.38
C SER A 19 17.80 17.51 -6.43
N THR A 20 16.48 17.68 -6.39
CA THR A 20 15.62 16.90 -5.52
C THR A 20 14.48 16.26 -6.30
N THR A 21 14.24 14.97 -6.06
CA THR A 21 13.18 14.24 -6.74
C THR A 21 12.03 13.94 -5.79
N GLU A 22 11.03 14.81 -5.79
CA GLU A 22 9.86 14.65 -4.93
C GLU A 22 8.81 13.77 -5.61
N ARG A 23 8.40 14.17 -6.81
CA ARG A 23 7.40 13.43 -7.56
C ARG A 23 7.74 11.94 -7.59
N VAL A 24 9.00 11.63 -7.88
CA VAL A 24 9.45 10.24 -7.94
C VAL A 24 9.30 9.55 -6.59
N PHE A 25 9.84 10.17 -5.55
CA PHE A 25 9.76 9.62 -4.21
C PHE A 25 8.32 9.34 -3.82
N GLN A 26 7.42 10.24 -4.20
CA GLN A 26 6.00 10.08 -3.90
C GLN A 26 5.40 8.91 -4.67
N ASP A 27 5.40 9.01 -5.99
CA ASP A 27 4.86 7.96 -6.85
C ASP A 27 5.11 6.58 -6.23
N ARG A 28 6.26 6.42 -5.58
CA ARG A 28 6.61 5.16 -4.94
C ARG A 28 5.66 4.84 -3.80
N GLN A 29 5.78 5.60 -2.71
CA GLN A 29 4.94 5.40 -1.54
C GLN A 29 3.50 5.10 -1.94
N TYR A 30 3.08 5.67 -3.07
CA TYR A 30 1.73 5.47 -3.58
C TYR A 30 1.59 4.11 -4.25
N GLN A 31 2.64 3.71 -4.97
CA GLN A 31 2.64 2.43 -5.67
C GLN A 31 2.47 1.27 -4.69
N ILE A 32 3.23 1.30 -3.60
CA ILE A 32 3.14 0.26 -2.58
C ILE A 32 1.85 0.37 -1.78
N ASP A 33 1.62 1.55 -1.21
CA ASP A 33 0.42 1.79 -0.41
C ASP A 33 -0.83 1.44 -1.20
N ALA A 34 -0.80 1.71 -2.50
CA ALA A 34 -1.94 1.41 -3.37
C ALA A 34 -2.13 -0.08 -3.54
N ALA A 35 -1.05 -0.78 -3.89
CA ALA A 35 -1.10 -2.22 -4.09
C ALA A 35 -1.59 -2.93 -2.82
N ILE A 36 -1.13 -2.47 -1.67
CA ILE A 36 -1.52 -3.06 -0.40
C ILE A 36 -3.02 -2.90 -0.17
N VAL A 37 -3.50 -1.67 -0.15
CA VAL A 37 -4.92 -1.39 0.06
C VAL A 37 -5.78 -2.09 -0.99
N ARG A 38 -5.27 -2.15 -2.22
CA ARG A 38 -6.00 -2.79 -3.31
C ARG A 38 -6.16 -4.28 -3.05
N ILE A 39 -5.09 -4.91 -2.57
CA ILE A 39 -5.12 -6.35 -2.27
C ILE A 39 -5.98 -6.64 -1.05
N MET A 40 -5.65 -6.01 0.07
CA MET A 40 -6.40 -6.19 1.30
C MET A 40 -7.88 -5.89 1.10
N LYS A 41 -8.17 -4.66 0.69
CA LYS A 41 -9.55 -4.24 0.46
C LYS A 41 -10.37 -5.37 -0.15
N MET A 42 -9.93 -5.88 -1.29
CA MET A 42 -10.62 -6.98 -1.97
C MET A 42 -10.63 -8.23 -1.09
N ARG A 43 -9.53 -8.46 -0.40
CA ARG A 43 -9.40 -9.64 0.47
C ARG A 43 -9.79 -9.29 1.90
N LYS A 44 -11.04 -9.57 2.26
CA LYS A 44 -11.52 -9.29 3.60
C LYS A 44 -10.44 -9.54 4.65
N THR A 45 -9.77 -10.68 4.54
CA THR A 45 -8.71 -11.03 5.48
C THR A 45 -7.53 -11.67 4.75
N LEU A 46 -6.35 -11.08 4.92
CA LEU A 46 -5.15 -11.60 4.27
C LEU A 46 -3.97 -11.61 5.26
N SER A 47 -3.03 -12.53 5.03
CA SER A 47 -1.86 -12.65 5.88
C SER A 47 -0.70 -11.81 5.35
N HIS A 48 0.40 -11.80 6.09
CA HIS A 48 1.59 -11.04 5.69
C HIS A 48 2.20 -11.64 4.43
N ASN A 49 2.20 -12.97 4.34
CA ASN A 49 2.76 -13.65 3.17
C ASN A 49 1.93 -13.37 1.93
N LEU A 50 0.62 -13.54 2.06
CA LEU A 50 -0.29 -13.31 0.93
C LEU A 50 -0.25 -11.85 0.48
N LEU A 51 0.01 -10.95 1.43
CA LEU A 51 0.08 -9.52 1.12
C LEU A 51 1.31 -9.22 0.28
N VAL A 52 2.48 -9.33 0.89
CA VAL A 52 3.74 -9.06 0.20
C VAL A 52 3.76 -9.72 -1.18
N SER A 53 3.33 -10.98 -1.23
CA SER A 53 3.31 -11.74 -2.48
C SER A 53 2.50 -10.99 -3.54
N GLU A 54 1.23 -10.76 -3.26
CA GLU A 54 0.35 -10.06 -4.19
C GLU A 54 0.94 -8.70 -4.56
N VAL A 55 1.39 -7.96 -3.57
CA VAL A 55 1.97 -6.64 -3.79
C VAL A 55 3.07 -6.70 -4.85
N TYR A 56 4.05 -7.57 -4.62
CA TYR A 56 5.17 -7.72 -5.56
C TYR A 56 4.67 -8.03 -6.96
N ASN A 57 3.64 -8.88 -7.04
CA ASN A 57 3.07 -9.26 -8.32
C ASN A 57 2.47 -8.04 -9.03
N GLN A 58 1.98 -7.08 -8.25
CA GLN A 58 1.40 -5.87 -8.81
C GLN A 58 2.48 -4.85 -9.15
N LEU A 59 3.51 -4.80 -8.33
CA LEU A 59 4.61 -3.86 -8.56
C LEU A 59 5.69 -4.48 -9.45
N LYS A 60 6.05 -3.77 -10.52
CA LYS A 60 7.07 -4.26 -11.45
C LYS A 60 8.43 -4.30 -10.78
N PHE A 61 8.61 -3.47 -9.76
CA PHE A 61 9.88 -3.42 -9.03
C PHE A 61 9.69 -3.86 -7.58
N PRO A 62 10.76 -4.43 -6.99
CA PRO A 62 10.74 -4.89 -5.61
C PRO A 62 10.69 -3.75 -4.61
N VAL A 63 10.25 -4.04 -3.39
CA VAL A 63 10.15 -3.04 -2.33
C VAL A 63 11.00 -3.41 -1.13
N LYS A 64 11.63 -2.42 -0.52
CA LYS A 64 12.47 -2.64 0.64
C LYS A 64 11.64 -3.05 1.85
N PRO A 65 12.26 -3.77 2.79
CA PRO A 65 11.61 -4.24 4.01
C PRO A 65 11.28 -3.10 4.97
N ALA A 66 12.18 -2.13 5.05
CA ALA A 66 12.00 -0.99 5.92
C ALA A 66 10.75 -0.19 5.53
N ASP A 67 10.72 0.27 4.28
CA ASP A 67 9.58 1.05 3.79
C ASP A 67 8.32 0.19 3.74
N LEU A 68 8.42 -0.96 3.09
CA LEU A 68 7.28 -1.87 2.97
C LEU A 68 6.57 -2.04 4.31
N LYS A 69 7.32 -2.45 5.33
CA LYS A 69 6.77 -2.64 6.66
C LYS A 69 6.13 -1.36 7.17
N LYS A 70 6.83 -0.24 7.01
CA LYS A 70 6.34 1.05 7.46
C LYS A 70 4.98 1.36 6.83
N ARG A 71 4.87 1.13 5.53
CA ARG A 71 3.63 1.38 4.81
C ARG A 71 2.48 0.57 5.40
N ILE A 72 2.69 -0.73 5.52
CA ILE A 72 1.66 -1.62 6.08
C ILE A 72 1.22 -1.14 7.46
N GLU A 73 2.14 -1.22 8.42
CA GLU A 73 1.85 -0.80 9.79
C GLU A 73 1.00 0.46 9.80
N SER A 74 1.51 1.51 9.17
CA SER A 74 0.80 2.79 9.10
C SER A 74 -0.64 2.59 8.67
N LEU A 75 -0.83 2.00 7.50
CA LEU A 75 -2.17 1.74 6.98
C LEU A 75 -3.06 1.09 8.04
N ILE A 76 -2.51 0.11 8.73
CA ILE A 76 -3.25 -0.59 9.77
C ILE A 76 -3.75 0.37 10.85
N ASP A 77 -2.92 1.35 11.18
CA ASP A 77 -3.26 2.36 12.18
C ASP A 77 -4.13 3.46 11.57
N ARG A 78 -4.17 3.50 10.25
CA ARG A 78 -4.96 4.51 9.54
C ARG A 78 -6.41 4.06 9.39
N ASP A 79 -6.83 3.17 10.27
CA ASP A 79 -8.19 2.65 10.23
C ASP A 79 -8.49 1.97 8.90
N TYR A 80 -7.60 1.08 8.48
CA TYR A 80 -7.75 0.37 7.22
C TYR A 80 -7.70 -1.14 7.44
N MET A 81 -6.85 -1.57 8.36
CA MET A 81 -6.70 -2.99 8.66
C MET A 81 -6.43 -3.20 10.15
N GLU A 82 -6.92 -4.30 10.69
CA GLU A 82 -6.74 -4.62 12.10
C GLU A 82 -5.91 -5.89 12.27
N ARG A 83 -5.03 -5.90 13.26
CA ARG A 83 -4.19 -7.06 13.53
C ARG A 83 -4.96 -8.15 14.25
N ASP A 84 -5.10 -9.30 13.60
CA ASP A 84 -5.83 -10.43 14.18
C ASP A 84 -5.28 -10.77 15.57
N LYS A 85 -6.14 -10.62 16.58
CA LYS A 85 -5.75 -10.92 17.96
C LYS A 85 -4.94 -12.21 18.03
N GLU A 86 -5.31 -13.18 17.20
CA GLU A 86 -4.62 -14.47 17.17
C GLU A 86 -3.14 -14.29 16.86
N ASN A 87 -2.85 -13.43 15.89
CA ASN A 87 -1.47 -13.16 15.49
C ASN A 87 -1.39 -11.91 14.62
N PRO A 88 -0.30 -11.14 14.79
CA PRO A 88 -0.08 -9.91 14.03
C PRO A 88 0.23 -10.18 12.56
N ASN A 89 0.25 -11.46 12.19
CA ASN A 89 0.54 -11.85 10.82
C ASN A 89 -0.73 -11.77 9.96
N GLN A 90 -1.88 -11.83 10.61
CA GLN A 90 -3.16 -11.76 9.90
C GLN A 90 -3.79 -10.37 10.06
N TYR A 91 -4.31 -9.84 8.97
CA TYR A 91 -4.95 -8.54 8.98
C TYR A 91 -6.36 -8.60 8.41
N ASN A 92 -7.29 -7.93 9.08
CA ASN A 92 -8.68 -7.92 8.63
C ASN A 92 -9.07 -6.55 8.06
N TYR A 93 -10.04 -6.54 7.16
CA TYR A 93 -10.50 -5.32 6.53
C TYR A 93 -11.51 -4.59 7.41
N ILE A 94 -11.32 -3.29 7.57
CA ILE A 94 -12.21 -2.48 8.39
C ILE A 94 -12.72 -1.27 7.61
N ALA A 95 -11.83 -0.65 6.84
CA ALA A 95 -12.19 0.52 6.04
C ALA A 95 -13.62 0.41 5.52
N SER A 96 -14.29 1.56 5.39
CA SER A 96 -15.66 1.59 4.92
C SER A 96 -15.72 2.05 3.46
N GLY A 97 -14.93 3.07 3.13
CA GLY A 97 -14.90 3.59 1.78
C GLY A 97 -13.64 4.39 1.49
N PRO A 98 -13.66 5.14 0.37
CA PRO A 98 -12.52 5.96 -0.04
C PRO A 98 -12.30 7.16 0.88
N SER A 99 -13.26 7.39 1.78
CA SER A 99 -13.18 8.51 2.72
C SER A 99 -11.76 8.66 3.24
N SER A 100 -11.21 9.86 3.11
CA SER A 100 -9.86 10.14 3.57
C SER A 100 -9.83 11.39 4.46
N GLY A 101 -10.08 11.20 5.75
CA GLY A 101 -10.08 12.31 6.68
C GLY A 101 -9.49 11.94 8.02
N GLY A 1 -27.69 18.15 -29.04
CA GLY A 1 -26.68 17.20 -29.43
C GLY A 1 -25.54 17.14 -28.43
N SER A 2 -25.31 15.96 -27.85
CA SER A 2 -24.25 15.78 -26.87
C SER A 2 -23.15 14.90 -27.43
N SER A 3 -21.93 15.10 -26.94
CA SER A 3 -20.78 14.32 -27.40
C SER A 3 -19.96 13.82 -26.21
N GLY A 4 -19.22 12.73 -26.43
CA GLY A 4 -18.40 12.17 -25.38
C GLY A 4 -17.92 10.77 -25.69
N SER A 5 -16.82 10.69 -26.45
CA SER A 5 -16.26 9.40 -26.84
C SER A 5 -14.80 9.29 -26.39
N SER A 6 -14.52 8.30 -25.55
CA SER A 6 -13.17 8.09 -25.05
C SER A 6 -12.57 6.80 -25.62
N GLY A 7 -13.29 5.69 -25.42
CA GLY A 7 -12.82 4.41 -25.92
C GLY A 7 -11.33 4.22 -25.69
N ILE A 8 -10.73 3.32 -26.47
CA ILE A 8 -9.31 3.04 -26.34
C ILE A 8 -8.61 3.14 -27.69
N GLN A 9 -7.29 3.28 -27.66
CA GLN A 9 -6.50 3.39 -28.88
C GLN A 9 -5.01 3.35 -28.58
N MET A 10 -4.27 2.57 -29.37
CA MET A 10 -2.82 2.46 -29.17
C MET A 10 -2.08 3.48 -30.02
N LYS A 11 -1.35 4.37 -29.36
CA LYS A 11 -0.59 5.41 -30.05
C LYS A 11 0.88 5.35 -29.65
N GLU A 12 1.68 6.22 -30.27
CA GLU A 12 3.11 6.26 -29.98
C GLU A 12 3.37 6.15 -28.48
N THR A 13 4.61 5.82 -28.11
CA THR A 13 4.98 5.67 -26.72
C THR A 13 5.76 6.88 -26.23
N VAL A 14 5.66 7.16 -24.93
CA VAL A 14 6.36 8.29 -24.33
C VAL A 14 7.50 7.82 -23.43
N GLU A 15 8.59 8.57 -23.42
CA GLU A 15 9.74 8.24 -22.59
C GLU A 15 10.54 9.48 -22.23
N GLU A 16 10.60 9.79 -20.94
CA GLU A 16 11.32 10.95 -20.46
C GLU A 16 12.69 10.56 -19.91
N GLN A 17 13.75 11.07 -20.53
CA GLN A 17 15.10 10.77 -20.10
C GLN A 17 15.73 11.96 -19.38
N ALA A 18 16.05 11.78 -18.11
CA ALA A 18 16.65 12.84 -17.30
C ALA A 18 17.19 12.29 -15.98
N SER A 19 17.97 13.10 -15.29
CA SER A 19 18.55 12.70 -14.01
C SER A 19 17.48 12.13 -13.08
N THR A 20 17.93 11.52 -11.99
CA THR A 20 17.01 10.93 -11.02
C THR A 20 15.77 11.79 -10.84
N THR A 21 14.66 11.37 -11.44
CA THR A 21 13.41 12.11 -11.35
C THR A 21 12.78 11.96 -9.96
N GLU A 22 12.80 13.04 -9.19
CA GLU A 22 12.23 13.02 -7.85
C GLU A 22 10.81 12.46 -7.86
N ARG A 23 10.01 12.91 -8.81
CA ARG A 23 8.63 12.45 -8.94
C ARG A 23 8.53 10.96 -8.64
N VAL A 24 9.57 10.21 -8.99
CA VAL A 24 9.61 8.78 -8.76
C VAL A 24 9.48 8.45 -7.28
N PHE A 25 10.26 9.14 -6.46
CA PHE A 25 10.23 8.93 -5.01
C PHE A 25 8.80 8.76 -4.51
N GLN A 26 7.91 9.66 -4.97
CA GLN A 26 6.52 9.61 -4.57
C GLN A 26 5.79 8.44 -5.24
N ASP A 27 5.96 8.32 -6.55
CA ASP A 27 5.33 7.25 -7.31
C ASP A 27 5.50 5.90 -6.59
N ARG A 28 6.68 5.68 -6.03
CA ARG A 28 6.98 4.45 -5.33
C ARG A 28 6.07 4.29 -4.12
N GLN A 29 6.34 5.08 -3.08
CA GLN A 29 5.56 5.02 -1.85
C GLN A 29 4.07 4.89 -2.17
N TYR A 30 3.64 5.47 -3.28
CA TYR A 30 2.25 5.41 -3.69
C TYR A 30 1.91 4.04 -4.27
N GLN A 31 2.75 3.57 -5.19
CA GLN A 31 2.53 2.27 -5.81
C GLN A 31 2.34 1.18 -4.76
N ILE A 32 3.08 1.29 -3.66
CA ILE A 32 2.99 0.31 -2.58
C ILE A 32 1.72 0.51 -1.77
N ASP A 33 1.65 1.64 -1.08
CA ASP A 33 0.49 1.96 -0.26
C ASP A 33 -0.80 1.61 -0.98
N ALA A 34 -0.84 1.91 -2.27
CA ALA A 34 -2.02 1.63 -3.09
C ALA A 34 -2.22 0.13 -3.29
N ALA A 35 -1.20 -0.52 -3.85
CA ALA A 35 -1.25 -1.96 -4.08
C ALA A 35 -1.75 -2.70 -2.85
N ILE A 36 -1.35 -2.23 -1.67
CA ILE A 36 -1.76 -2.84 -0.42
C ILE A 36 -3.23 -2.56 -0.13
N VAL A 37 -3.56 -1.30 0.10
CA VAL A 37 -4.94 -0.91 0.38
C VAL A 37 -5.92 -1.57 -0.58
N ARG A 38 -5.43 -1.88 -1.78
CA ARG A 38 -6.26 -2.52 -2.79
C ARG A 38 -6.37 -4.02 -2.54
N ILE A 39 -5.23 -4.67 -2.41
CA ILE A 39 -5.20 -6.12 -2.17
C ILE A 39 -5.96 -6.47 -0.89
N MET A 40 -5.65 -5.76 0.19
CA MET A 40 -6.31 -6.00 1.48
C MET A 40 -7.82 -5.85 1.35
N LYS A 41 -8.24 -4.87 0.55
CA LYS A 41 -9.67 -4.62 0.35
C LYS A 41 -10.35 -5.81 -0.30
N MET A 42 -9.89 -6.18 -1.50
CA MET A 42 -10.45 -7.31 -2.23
C MET A 42 -10.53 -8.54 -1.33
N ARG A 43 -9.54 -8.69 -0.45
CA ARG A 43 -9.51 -9.83 0.45
C ARG A 43 -9.97 -9.43 1.85
N LYS A 44 -11.20 -9.78 2.18
CA LYS A 44 -11.76 -9.45 3.49
C LYS A 44 -10.72 -9.64 4.59
N THR A 45 -9.83 -10.60 4.40
CA THR A 45 -8.79 -10.87 5.38
C THR A 45 -7.56 -11.48 4.72
N LEU A 46 -6.40 -10.92 5.03
CA LEU A 46 -5.14 -11.41 4.46
C LEU A 46 -4.01 -11.33 5.49
N SER A 47 -2.96 -12.11 5.26
CA SER A 47 -1.82 -12.14 6.17
C SER A 47 -0.60 -11.47 5.54
N HIS A 48 0.49 -11.42 6.29
CA HIS A 48 1.72 -10.80 5.79
C HIS A 48 2.20 -11.50 4.52
N ASN A 49 2.44 -12.81 4.63
CA ASN A 49 2.90 -13.59 3.49
C ASN A 49 2.13 -13.23 2.23
N LEU A 50 0.83 -13.51 2.23
CA LEU A 50 -0.02 -13.21 1.09
C LEU A 50 0.00 -11.73 0.76
N LEU A 51 -0.03 -10.90 1.80
CA LEU A 51 -0.01 -9.45 1.61
C LEU A 51 1.14 -9.03 0.71
N VAL A 52 2.36 -9.16 1.22
CA VAL A 52 3.55 -8.79 0.46
C VAL A 52 3.57 -9.48 -0.90
N SER A 53 3.21 -10.76 -0.91
CA SER A 53 3.19 -11.54 -2.14
C SER A 53 2.40 -10.81 -3.23
N GLU A 54 1.13 -10.56 -2.97
CA GLU A 54 0.27 -9.86 -3.92
C GLU A 54 0.88 -8.53 -4.33
N VAL A 55 1.22 -7.71 -3.33
CA VAL A 55 1.82 -6.41 -3.59
C VAL A 55 2.95 -6.50 -4.60
N TYR A 56 3.93 -7.35 -4.30
CA TYR A 56 5.08 -7.53 -5.19
C TYR A 56 4.62 -7.83 -6.62
N ASN A 57 3.64 -8.73 -6.74
CA ASN A 57 3.12 -9.10 -8.05
C ASN A 57 2.60 -7.87 -8.79
N GLN A 58 2.05 -6.92 -8.05
CA GLN A 58 1.52 -5.70 -8.64
C GLN A 58 2.64 -4.77 -9.07
N LEU A 59 3.74 -4.80 -8.34
CA LEU A 59 4.90 -3.96 -8.64
C LEU A 59 5.94 -4.73 -9.46
N LYS A 60 6.24 -4.23 -10.65
CA LYS A 60 7.21 -4.87 -11.52
C LYS A 60 8.64 -4.54 -11.07
N PHE A 61 8.75 -3.73 -10.03
CA PHE A 61 10.05 -3.33 -9.51
C PHE A 61 10.22 -3.78 -8.06
N PRO A 62 11.47 -4.08 -7.68
CA PRO A 62 11.79 -4.53 -6.32
C PRO A 62 11.62 -3.43 -5.28
N VAL A 63 11.14 -3.80 -4.10
CA VAL A 63 10.93 -2.84 -3.03
C VAL A 63 11.75 -3.21 -1.79
N LYS A 64 12.07 -2.21 -0.97
CA LYS A 64 12.85 -2.42 0.24
C LYS A 64 11.97 -2.99 1.35
N PRO A 65 12.58 -3.78 2.25
CA PRO A 65 11.88 -4.40 3.38
C PRO A 65 11.46 -3.37 4.43
N ALA A 66 12.34 -2.42 4.71
CA ALA A 66 12.07 -1.37 5.69
C ALA A 66 10.81 -0.61 5.33
N ASP A 67 10.79 -0.03 4.14
CA ASP A 67 9.64 0.74 3.68
C ASP A 67 8.37 -0.10 3.74
N LEU A 68 8.36 -1.20 2.98
CA LEU A 68 7.21 -2.10 2.94
C LEU A 68 6.59 -2.25 4.32
N LYS A 69 7.39 -2.74 5.27
CA LYS A 69 6.92 -2.93 6.64
C LYS A 69 6.19 -1.70 7.15
N LYS A 70 6.86 -0.55 7.08
CA LYS A 70 6.28 0.71 7.52
C LYS A 70 4.91 0.93 6.90
N ARG A 71 4.82 0.70 5.59
CA ARG A 71 3.57 0.88 4.86
C ARG A 71 2.46 0.03 5.48
N ILE A 72 2.77 -1.23 5.74
CA ILE A 72 1.80 -2.15 6.34
C ILE A 72 1.23 -1.58 7.64
N GLU A 73 2.10 -1.42 8.64
CA GLU A 73 1.70 -0.88 9.93
C GLU A 73 0.78 0.33 9.75
N SER A 74 1.35 1.42 9.26
CA SER A 74 0.60 2.65 9.05
C SER A 74 -0.80 2.34 8.53
N LEU A 75 -0.88 1.82 7.32
CA LEU A 75 -2.16 1.48 6.70
C LEU A 75 -3.10 0.85 7.73
N ILE A 76 -2.62 -0.17 8.43
CA ILE A 76 -3.42 -0.85 9.45
C ILE A 76 -3.80 0.11 10.57
N ASP A 77 -2.95 1.08 10.83
CA ASP A 77 -3.20 2.07 11.88
C ASP A 77 -4.03 3.24 11.34
N ARG A 78 -4.23 3.25 10.02
CA ARG A 78 -5.00 4.31 9.39
C ARG A 78 -6.50 4.02 9.46
N ASP A 79 -6.86 3.01 10.25
CA ASP A 79 -8.26 2.63 10.41
C ASP A 79 -8.77 1.91 9.17
N TYR A 80 -7.85 1.28 8.44
CA TYR A 80 -8.21 0.55 7.23
C TYR A 80 -8.17 -0.96 7.47
N MET A 81 -7.25 -1.40 8.31
CA MET A 81 -7.10 -2.81 8.62
C MET A 81 -6.80 -3.00 10.11
N GLU A 82 -7.03 -4.22 10.60
CA GLU A 82 -6.78 -4.53 12.00
C GLU A 82 -6.05 -5.87 12.14
N ARG A 83 -5.18 -5.97 13.13
CA ARG A 83 -4.42 -7.18 13.37
C ARG A 83 -5.28 -8.22 14.08
N ASP A 84 -5.33 -9.43 13.52
CA ASP A 84 -6.11 -10.51 14.10
C ASP A 84 -5.69 -10.77 15.55
N LYS A 85 -6.60 -10.52 16.48
CA LYS A 85 -6.32 -10.72 17.90
C LYS A 85 -5.54 -12.01 18.12
N GLU A 86 -5.72 -12.97 17.21
CA GLU A 86 -5.04 -14.25 17.31
C GLU A 86 -3.54 -14.09 17.07
N ASN A 87 -3.20 -13.54 15.90
CA ASN A 87 -1.80 -13.33 15.53
C ASN A 87 -1.63 -12.05 14.72
N PRO A 88 -0.55 -11.32 15.01
CA PRO A 88 -0.25 -10.05 14.32
C PRO A 88 0.15 -10.27 12.86
N ASN A 89 0.26 -11.54 12.46
CA ASN A 89 0.63 -11.89 11.09
C ASN A 89 -0.59 -11.87 10.17
N GLN A 90 -1.75 -11.62 10.75
CA GLN A 90 -2.99 -11.58 9.98
C GLN A 90 -3.63 -10.18 10.05
N TYR A 91 -4.35 -9.81 9.01
CA TYR A 91 -5.00 -8.52 8.95
C TYR A 91 -6.44 -8.65 8.46
N ASN A 92 -7.33 -7.86 9.06
CA ASN A 92 -8.75 -7.89 8.69
C ASN A 92 -9.17 -6.56 8.06
N TYR A 93 -10.13 -6.63 7.14
CA TYR A 93 -10.62 -5.44 6.47
C TYR A 93 -11.68 -4.73 7.32
N ILE A 94 -11.53 -3.43 7.50
CA ILE A 94 -12.47 -2.64 8.28
C ILE A 94 -13.03 -1.48 7.47
N ALA A 95 -12.17 -0.86 6.67
CA ALA A 95 -12.57 0.26 5.83
C ALA A 95 -13.98 0.07 5.31
N SER A 96 -14.80 1.13 5.44
CA SER A 96 -16.18 1.07 4.97
C SER A 96 -16.31 1.65 3.56
N GLY A 97 -16.23 0.77 2.57
CA GLY A 97 -16.34 1.21 1.19
C GLY A 97 -17.70 1.77 0.86
N PRO A 98 -17.86 2.29 -0.37
CA PRO A 98 -19.13 2.87 -0.83
C PRO A 98 -20.21 1.81 -1.04
N SER A 99 -19.87 0.56 -0.73
CA SER A 99 -20.81 -0.55 -0.89
C SER A 99 -22.20 -0.14 -0.41
N SER A 100 -23.08 0.13 -1.36
CA SER A 100 -24.46 0.53 -1.04
C SER A 100 -25.37 -0.68 -0.93
N GLY A 101 -25.14 -1.67 -1.80
CA GLY A 101 -25.95 -2.87 -1.77
C GLY A 101 -25.55 -3.82 -0.65
N GLY A 1 -16.74 8.29 25.73
CA GLY A 1 -17.36 8.01 24.44
C GLY A 1 -16.33 7.74 23.36
N SER A 2 -16.73 7.94 22.11
CA SER A 2 -15.85 7.70 20.97
C SER A 2 -16.46 8.25 19.69
N SER A 3 -15.66 8.29 18.62
CA SER A 3 -16.11 8.79 17.33
C SER A 3 -15.30 8.18 16.19
N GLY A 4 -15.65 8.54 14.97
CA GLY A 4 -14.94 8.03 13.80
C GLY A 4 -14.23 9.11 13.03
N SER A 5 -14.01 8.87 11.74
CA SER A 5 -13.34 9.83 10.88
C SER A 5 -13.45 9.43 9.41
N SER A 6 -12.92 10.28 8.53
CA SER A 6 -12.96 10.00 7.10
C SER A 6 -12.00 10.92 6.35
N GLY A 7 -11.83 10.66 5.06
CA GLY A 7 -10.94 11.47 4.25
C GLY A 7 -10.91 11.04 2.79
N ILE A 8 -10.37 11.88 1.93
CA ILE A 8 -10.29 11.58 0.51
C ILE A 8 -8.90 11.89 -0.04
N GLN A 9 -8.65 11.48 -1.28
CA GLN A 9 -7.37 11.71 -1.92
C GLN A 9 -7.54 12.13 -3.38
N MET A 10 -6.70 13.05 -3.84
CA MET A 10 -6.77 13.53 -5.21
C MET A 10 -5.39 13.57 -5.85
N LYS A 11 -5.34 13.83 -7.14
CA LYS A 11 -4.08 13.90 -7.87
C LYS A 11 -4.07 15.08 -8.83
N GLU A 12 -2.91 15.35 -9.43
CA GLU A 12 -2.77 16.44 -10.37
C GLU A 12 -1.79 16.08 -11.49
N THR A 13 -2.32 15.91 -12.70
CA THR A 13 -1.50 15.56 -13.85
C THR A 13 -0.70 16.75 -14.34
N VAL A 14 0.51 16.94 -13.80
CA VAL A 14 1.36 18.04 -14.19
C VAL A 14 2.67 17.54 -14.79
N GLU A 15 3.18 18.26 -15.78
CA GLU A 15 4.42 17.89 -16.44
C GLU A 15 5.54 17.69 -15.42
N GLU A 16 6.44 16.74 -15.71
CA GLU A 16 7.55 16.45 -14.82
C GLU A 16 8.82 17.15 -15.28
N GLN A 17 9.53 17.76 -14.33
CA GLN A 17 10.77 18.47 -14.66
C GLN A 17 11.98 17.62 -14.31
N ALA A 18 13.16 18.08 -14.74
CA ALA A 18 14.40 17.36 -14.47
C ALA A 18 14.76 17.39 -13.00
N SER A 19 14.79 18.60 -12.44
CA SER A 19 15.13 18.77 -11.02
C SER A 19 14.45 17.71 -10.17
N THR A 20 15.17 17.25 -9.13
CA THR A 20 14.63 16.23 -8.24
C THR A 20 13.30 16.67 -7.63
N THR A 21 12.22 16.36 -8.32
CA THR A 21 10.88 16.71 -7.85
C THR A 21 10.49 15.88 -6.64
N GLU A 22 9.51 16.37 -5.88
CA GLU A 22 9.04 15.67 -4.69
C GLU A 22 8.02 14.59 -5.06
N ARG A 23 7.00 14.99 -5.81
CA ARG A 23 5.96 14.06 -6.24
C ARG A 23 6.57 12.81 -6.88
N VAL A 24 7.39 13.02 -7.90
CA VAL A 24 8.03 11.91 -8.61
C VAL A 24 8.66 10.94 -7.62
N PHE A 25 9.19 11.46 -6.52
CA PHE A 25 9.82 10.63 -5.51
C PHE A 25 8.78 9.80 -4.75
N GLN A 26 7.80 10.49 -4.17
CA GLN A 26 6.74 9.82 -3.42
C GLN A 26 6.03 8.78 -4.28
N ASP A 27 6.11 8.97 -5.60
CA ASP A 27 5.48 8.04 -6.53
C ASP A 27 5.55 6.61 -6.01
N ARG A 28 6.63 6.29 -5.30
CA ARG A 28 6.81 4.95 -4.75
C ARG A 28 5.86 4.71 -3.58
N GLN A 29 6.09 5.42 -2.48
CA GLN A 29 5.25 5.29 -1.29
C GLN A 29 3.78 5.11 -1.68
N TYR A 30 3.39 5.73 -2.78
CA TYR A 30 2.01 5.65 -3.25
C TYR A 30 1.76 4.32 -3.94
N GLN A 31 2.69 3.92 -4.81
CA GLN A 31 2.56 2.66 -5.54
C GLN A 31 2.45 1.49 -4.58
N ILE A 32 3.24 1.52 -3.52
CA ILE A 32 3.22 0.44 -2.52
C ILE A 32 1.98 0.53 -1.65
N ASP A 33 1.75 1.68 -1.04
CA ASP A 33 0.59 1.89 -0.19
C ASP A 33 -0.70 1.50 -0.92
N ALA A 34 -0.78 1.88 -2.20
CA ALA A 34 -1.95 1.58 -3.00
C ALA A 34 -2.12 0.08 -3.19
N ALA A 35 -1.11 -0.56 -3.77
CA ALA A 35 -1.14 -2.00 -4.01
C ALA A 35 -1.65 -2.74 -2.77
N ILE A 36 -1.26 -2.27 -1.60
CA ILE A 36 -1.67 -2.89 -0.36
C ILE A 36 -3.16 -2.65 -0.09
N VAL A 37 -3.51 -1.41 0.22
CA VAL A 37 -4.90 -1.05 0.49
C VAL A 37 -5.84 -1.73 -0.50
N ARG A 38 -5.39 -1.86 -1.74
CA ARG A 38 -6.19 -2.49 -2.78
C ARG A 38 -6.32 -3.99 -2.55
N ILE A 39 -5.18 -4.66 -2.43
CA ILE A 39 -5.17 -6.10 -2.21
C ILE A 39 -6.00 -6.48 -0.98
N MET A 40 -5.84 -5.71 0.09
CA MET A 40 -6.57 -5.96 1.32
C MET A 40 -8.08 -5.90 1.07
N LYS A 41 -8.52 -4.84 0.40
CA LYS A 41 -9.94 -4.68 0.10
C LYS A 41 -10.52 -5.93 -0.52
N MET A 42 -9.95 -6.37 -1.63
CA MET A 42 -10.42 -7.57 -2.32
C MET A 42 -10.40 -8.77 -1.38
N ARG A 43 -9.35 -8.86 -0.55
CA ARG A 43 -9.21 -9.95 0.39
C ARG A 43 -9.45 -9.48 1.83
N LYS A 44 -10.68 -9.59 2.28
CA LYS A 44 -11.04 -9.17 3.64
C LYS A 44 -9.89 -9.44 4.61
N THR A 45 -9.72 -10.70 4.97
CA THR A 45 -8.66 -11.10 5.89
C THR A 45 -7.49 -11.73 5.15
N LEU A 46 -6.31 -11.15 5.32
CA LEU A 46 -5.10 -11.64 4.68
C LEU A 46 -3.91 -11.63 5.63
N SER A 47 -2.89 -12.42 5.31
CA SER A 47 -1.70 -12.50 6.14
C SER A 47 -0.58 -11.65 5.56
N HIS A 48 0.52 -11.54 6.32
CA HIS A 48 1.67 -10.75 5.88
C HIS A 48 2.25 -11.33 4.60
N ASN A 49 2.66 -12.60 4.65
CA ASN A 49 3.24 -13.27 3.49
C ASN A 49 2.35 -13.11 2.27
N LEU A 50 1.05 -13.30 2.45
CA LEU A 50 0.09 -13.17 1.37
C LEU A 50 0.08 -11.75 0.80
N LEU A 51 0.28 -10.77 1.68
CA LEU A 51 0.29 -9.37 1.28
C LEU A 51 1.51 -9.07 0.40
N VAL A 52 2.69 -9.14 1.00
CA VAL A 52 3.93 -8.89 0.28
C VAL A 52 3.93 -9.59 -1.07
N SER A 53 3.42 -10.81 -1.09
CA SER A 53 3.37 -11.59 -2.32
C SER A 53 2.55 -10.89 -3.38
N GLU A 54 1.30 -10.58 -3.06
CA GLU A 54 0.40 -9.90 -3.99
C GLU A 54 0.98 -8.55 -4.40
N VAL A 55 1.34 -7.74 -3.41
CA VAL A 55 1.91 -6.42 -3.67
C VAL A 55 3.01 -6.49 -4.73
N TYR A 56 4.01 -7.32 -4.49
CA TYR A 56 5.11 -7.49 -5.42
C TYR A 56 4.61 -7.81 -6.82
N ASN A 57 3.63 -8.71 -6.90
CA ASN A 57 3.06 -9.11 -8.18
C ASN A 57 2.48 -7.90 -8.91
N GLN A 58 1.96 -6.95 -8.15
CA GLN A 58 1.36 -5.74 -8.73
C GLN A 58 2.45 -4.75 -9.13
N LEU A 59 3.52 -4.69 -8.34
CA LEU A 59 4.63 -3.78 -8.63
C LEU A 59 5.61 -4.41 -9.62
N LYS A 60 6.09 -3.60 -10.55
CA LYS A 60 7.05 -4.07 -11.55
C LYS A 60 8.47 -4.03 -11.02
N PHE A 61 8.67 -3.27 -9.95
CA PHE A 61 10.00 -3.14 -9.34
C PHE A 61 9.98 -3.67 -7.91
N PRO A 62 11.12 -4.24 -7.49
CA PRO A 62 11.27 -4.80 -6.13
C PRO A 62 11.29 -3.71 -5.06
N VAL A 63 10.65 -3.99 -3.93
CA VAL A 63 10.61 -3.04 -2.81
C VAL A 63 11.25 -3.63 -1.56
N LYS A 64 12.09 -2.83 -0.91
CA LYS A 64 12.76 -3.27 0.31
C LYS A 64 11.76 -3.55 1.42
N PRO A 65 12.16 -4.39 2.38
CA PRO A 65 11.31 -4.76 3.51
C PRO A 65 11.11 -3.61 4.48
N ALA A 66 12.09 -2.72 4.55
CA ALA A 66 12.02 -1.56 5.45
C ALA A 66 10.79 -0.72 5.14
N ASP A 67 10.78 -0.10 3.96
CA ASP A 67 9.66 0.74 3.55
C ASP A 67 8.36 -0.05 3.53
N LEU A 68 8.40 -1.23 2.92
CA LEU A 68 7.22 -2.09 2.82
C LEU A 68 6.57 -2.26 4.19
N LYS A 69 7.35 -2.73 5.16
CA LYS A 69 6.84 -2.94 6.51
C LYS A 69 6.16 -1.68 7.04
N LYS A 70 6.89 -0.58 7.05
CA LYS A 70 6.35 0.70 7.52
C LYS A 70 4.99 0.98 6.89
N ARG A 71 4.88 0.73 5.59
CA ARG A 71 3.63 0.95 4.87
C ARG A 71 2.50 0.13 5.48
N ILE A 72 2.75 -1.16 5.68
CA ILE A 72 1.75 -2.05 6.25
C ILE A 72 1.24 -1.51 7.58
N GLU A 73 2.12 -1.51 8.58
CA GLU A 73 1.76 -1.02 9.91
C GLU A 73 0.89 0.23 9.81
N SER A 74 1.43 1.29 9.20
CA SER A 74 0.71 2.54 9.05
C SER A 74 -0.72 2.29 8.59
N LEU A 75 -0.86 1.80 7.37
CA LEU A 75 -2.18 1.50 6.80
C LEU A 75 -3.10 0.92 7.86
N ILE A 76 -2.62 -0.08 8.58
CA ILE A 76 -3.40 -0.72 9.63
C ILE A 76 -3.89 0.30 10.65
N ASP A 77 -3.05 1.27 10.96
CA ASP A 77 -3.41 2.31 11.92
C ASP A 77 -4.24 3.40 11.26
N ARG A 78 -4.34 3.35 9.94
CA ARG A 78 -5.12 4.33 9.19
C ARG A 78 -6.60 3.97 9.19
N ASP A 79 -7.00 3.11 10.12
CA ASP A 79 -8.39 2.70 10.23
C ASP A 79 -8.82 1.94 8.98
N TYR A 80 -7.86 1.28 8.33
CA TYR A 80 -8.15 0.53 7.11
C TYR A 80 -8.08 -0.98 7.38
N MET A 81 -7.12 -1.39 8.20
CA MET A 81 -6.94 -2.79 8.54
C MET A 81 -6.71 -2.97 10.04
N GLU A 82 -7.20 -4.08 10.58
CA GLU A 82 -7.04 -4.36 12.01
C GLU A 82 -6.25 -5.65 12.22
N ARG A 83 -5.37 -5.64 13.21
CA ARG A 83 -4.55 -6.80 13.51
C ARG A 83 -5.37 -7.86 14.25
N ASP A 84 -5.51 -9.03 13.64
CA ASP A 84 -6.27 -10.12 14.23
C ASP A 84 -5.79 -10.40 15.65
N LYS A 85 -6.73 -10.47 16.58
CA LYS A 85 -6.40 -10.74 17.98
C LYS A 85 -5.53 -11.98 18.11
N GLU A 86 -5.88 -13.02 17.36
CA GLU A 86 -5.13 -14.27 17.39
C GLU A 86 -3.64 -14.02 17.14
N ASN A 87 -3.35 -13.16 16.18
CA ASN A 87 -1.97 -12.84 15.84
C ASN A 87 -1.90 -11.62 14.93
N PRO A 88 -0.88 -10.77 15.15
CA PRO A 88 -0.68 -9.55 14.35
C PRO A 88 -0.26 -9.86 12.92
N ASN A 89 -0.02 -11.13 12.63
CA ASN A 89 0.39 -11.55 11.30
C ASN A 89 -0.80 -11.55 10.34
N GLN A 90 -2.00 -11.57 10.90
CA GLN A 90 -3.22 -11.58 10.10
C GLN A 90 -3.96 -10.24 10.23
N TYR A 91 -4.35 -9.68 9.08
CA TYR A 91 -5.06 -8.40 9.07
C TYR A 91 -6.45 -8.57 8.46
N ASN A 92 -7.41 -7.82 9.00
CA ASN A 92 -8.78 -7.87 8.51
C ASN A 92 -9.20 -6.54 7.91
N TYR A 93 -10.21 -6.57 7.05
CA TYR A 93 -10.72 -5.36 6.41
C TYR A 93 -11.75 -4.66 7.29
N ILE A 94 -11.58 -3.37 7.47
CA ILE A 94 -12.49 -2.57 8.29
C ILE A 94 -13.06 -1.40 7.51
N ALA A 95 -12.25 -0.87 6.60
CA ALA A 95 -12.67 0.26 5.77
C ALA A 95 -14.16 0.19 5.45
N SER A 96 -14.87 1.28 5.69
CA SER A 96 -16.31 1.33 5.43
C SER A 96 -16.61 2.22 4.23
N GLY A 97 -17.29 1.64 3.24
CA GLY A 97 -17.62 2.39 2.04
C GLY A 97 -18.95 1.96 1.44
N PRO A 98 -19.51 2.80 0.56
CA PRO A 98 -20.79 2.52 -0.11
C PRO A 98 -20.69 1.36 -1.10
N SER A 99 -21.65 0.46 -1.04
CA SER A 99 -21.67 -0.70 -1.94
C SER A 99 -21.32 -0.27 -3.37
N SER A 100 -21.94 0.81 -3.83
CA SER A 100 -21.72 1.31 -5.18
C SER A 100 -21.01 2.66 -5.13
N GLY A 101 -19.90 2.77 -5.86
CA GLY A 101 -19.16 4.01 -5.90
C GLY A 101 -17.80 3.90 -5.23
N GLY A 1 -16.09 5.30 22.66
CA GLY A 1 -16.23 6.61 22.03
C GLY A 1 -15.14 6.88 21.02
N SER A 2 -14.16 7.68 21.40
CA SER A 2 -13.06 8.02 20.51
C SER A 2 -13.53 8.12 19.06
N SER A 3 -14.60 8.87 18.84
CA SER A 3 -15.16 9.03 17.50
C SER A 3 -14.35 10.05 16.71
N GLY A 4 -14.46 9.97 15.39
CA GLY A 4 -13.74 10.89 14.53
C GLY A 4 -12.62 10.22 13.78
N SER A 5 -12.85 9.89 12.51
CA SER A 5 -11.84 9.23 11.69
C SER A 5 -12.00 9.62 10.22
N SER A 6 -11.00 9.27 9.41
CA SER A 6 -11.03 9.59 7.99
C SER A 6 -10.67 8.36 7.15
N GLY A 7 -11.40 8.15 6.07
CA GLY A 7 -11.15 7.01 5.20
C GLY A 7 -11.54 7.27 3.77
N ILE A 8 -11.09 8.40 3.23
CA ILE A 8 -11.40 8.77 1.85
C ILE A 8 -10.15 9.25 1.12
N GLN A 9 -9.70 8.46 0.15
CA GLN A 9 -8.52 8.81 -0.62
C GLN A 9 -8.89 9.13 -2.07
N MET A 10 -8.07 9.95 -2.72
CA MET A 10 -8.32 10.33 -4.11
C MET A 10 -7.33 9.66 -5.04
N LYS A 11 -7.51 9.86 -6.34
CA LYS A 11 -6.62 9.27 -7.34
C LYS A 11 -6.69 10.04 -8.65
N GLU A 12 -5.57 10.60 -9.06
CA GLU A 12 -5.50 11.37 -10.31
C GLU A 12 -4.33 10.91 -11.16
N THR A 13 -4.37 11.26 -12.45
CA THR A 13 -3.31 10.89 -13.38
C THR A 13 -1.99 11.55 -13.00
N VAL A 14 -0.89 10.84 -13.25
CA VAL A 14 0.44 11.36 -12.94
C VAL A 14 1.36 11.28 -14.14
N GLU A 15 2.14 12.34 -14.37
CA GLU A 15 3.06 12.39 -15.50
C GLU A 15 4.49 12.15 -15.04
N GLU A 16 5.31 11.58 -15.91
CA GLU A 16 6.71 11.30 -15.60
C GLU A 16 7.60 12.47 -15.99
N GLN A 17 8.59 12.78 -15.15
CA GLN A 17 9.51 13.87 -15.42
C GLN A 17 10.95 13.36 -15.49
N ALA A 18 11.42 13.09 -16.70
CA ALA A 18 12.78 12.60 -16.90
C ALA A 18 13.76 13.32 -15.98
N SER A 19 13.80 14.64 -16.05
CA SER A 19 14.70 15.43 -15.23
C SER A 19 14.45 15.17 -13.75
N THR A 20 15.50 15.30 -12.94
CA THR A 20 15.40 15.07 -11.51
C THR A 20 14.25 15.87 -10.90
N THR A 21 13.60 15.29 -9.90
CA THR A 21 12.48 15.96 -9.23
C THR A 21 12.23 15.37 -7.85
N GLU A 22 11.50 16.10 -7.02
CA GLU A 22 11.20 15.66 -5.67
C GLU A 22 9.83 14.99 -5.61
N ARG A 23 8.86 15.60 -6.29
CA ARG A 23 7.50 15.07 -6.31
C ARG A 23 7.49 13.63 -6.80
N VAL A 24 8.25 13.35 -7.85
CA VAL A 24 8.32 12.01 -8.41
C VAL A 24 8.59 10.97 -7.32
N PHE A 25 9.12 11.43 -6.19
CA PHE A 25 9.42 10.55 -5.07
C PHE A 25 8.14 10.02 -4.43
N GLN A 26 7.19 10.91 -4.20
CA GLN A 26 5.91 10.54 -3.59
C GLN A 26 5.25 9.42 -4.39
N ASP A 27 5.32 9.52 -5.70
CA ASP A 27 4.71 8.52 -6.59
C ASP A 27 4.94 7.12 -6.04
N ARG A 28 6.09 6.90 -5.43
CA ARG A 28 6.44 5.60 -4.86
C ARG A 28 5.52 5.26 -3.69
N GLN A 29 5.67 6.01 -2.59
CA GLN A 29 4.86 5.78 -1.41
C GLN A 29 3.40 5.51 -1.78
N TYR A 30 2.97 6.09 -2.89
CA TYR A 30 1.60 5.91 -3.36
C TYR A 30 1.41 4.54 -4.01
N GLN A 31 2.33 4.19 -4.91
CA GLN A 31 2.27 2.90 -5.60
C GLN A 31 2.24 1.75 -4.60
N ILE A 32 2.99 1.90 -3.51
CA ILE A 32 3.04 0.86 -2.48
C ILE A 32 1.76 0.85 -1.66
N ASP A 33 1.43 1.99 -1.08
CA ASP A 33 0.23 2.11 -0.26
C ASP A 33 -1.02 1.70 -1.05
N ALA A 34 -1.01 2.00 -2.35
CA ALA A 34 -2.12 1.68 -3.22
C ALA A 34 -2.25 0.17 -3.41
N ALA A 35 -1.15 -0.47 -3.84
CA ALA A 35 -1.13 -1.90 -4.06
C ALA A 35 -1.63 -2.65 -2.83
N ILE A 36 -1.25 -2.18 -1.66
CA ILE A 36 -1.65 -2.80 -0.40
C ILE A 36 -3.15 -2.63 -0.16
N VAL A 37 -3.60 -1.38 -0.15
CA VAL A 37 -5.00 -1.07 0.07
C VAL A 37 -5.89 -1.82 -0.93
N ARG A 38 -5.36 -2.04 -2.12
CA ARG A 38 -6.10 -2.76 -3.16
C ARG A 38 -6.21 -4.25 -2.84
N ILE A 39 -5.06 -4.87 -2.59
CA ILE A 39 -5.02 -6.30 -2.27
C ILE A 39 -5.85 -6.60 -1.02
N MET A 40 -5.55 -5.89 0.06
CA MET A 40 -6.27 -6.07 1.31
C MET A 40 -7.77 -5.98 1.10
N LYS A 41 -8.22 -4.84 0.60
CA LYS A 41 -9.65 -4.62 0.35
C LYS A 41 -10.27 -5.86 -0.28
N MET A 42 -9.80 -6.21 -1.48
CA MET A 42 -10.33 -7.38 -2.18
C MET A 42 -10.34 -8.60 -1.28
N ARG A 43 -9.30 -8.74 -0.46
CA ARG A 43 -9.20 -9.86 0.46
C ARG A 43 -9.64 -9.48 1.86
N LYS A 44 -10.91 -9.74 2.18
CA LYS A 44 -11.45 -9.41 3.49
C LYS A 44 -10.40 -9.58 4.57
N THR A 45 -9.66 -10.67 4.51
CA THR A 45 -8.61 -10.96 5.49
C THR A 45 -7.37 -11.54 4.82
N LEU A 46 -6.21 -10.98 5.15
CA LEU A 46 -4.96 -11.46 4.58
C LEU A 46 -3.82 -11.32 5.59
N SER A 47 -2.76 -12.10 5.39
CA SER A 47 -1.61 -12.08 6.28
C SER A 47 -0.43 -11.34 5.64
N HIS A 48 0.68 -11.27 6.35
CA HIS A 48 1.87 -10.60 5.86
C HIS A 48 2.42 -11.31 4.63
N ASN A 49 2.85 -12.56 4.81
CA ASN A 49 3.39 -13.35 3.72
C ASN A 49 2.58 -13.15 2.44
N LEU A 50 1.29 -13.41 2.52
CA LEU A 50 0.40 -13.26 1.37
C LEU A 50 0.33 -11.80 0.92
N LEU A 51 0.22 -10.90 1.90
CA LEU A 51 0.14 -9.47 1.61
C LEU A 51 1.34 -9.02 0.78
N VAL A 52 2.51 -8.99 1.41
CA VAL A 52 3.73 -8.58 0.73
C VAL A 52 3.85 -9.25 -0.64
N SER A 53 3.54 -10.53 -0.69
CA SER A 53 3.62 -11.28 -1.94
C SER A 53 2.79 -10.62 -3.03
N GLU A 54 1.49 -10.50 -2.79
CA GLU A 54 0.58 -9.88 -3.74
C GLU A 54 1.13 -8.54 -4.22
N VAL A 55 1.44 -7.67 -3.27
CA VAL A 55 1.98 -6.35 -3.59
C VAL A 55 3.10 -6.45 -4.62
N TYR A 56 4.11 -7.27 -4.31
CA TYR A 56 5.24 -7.47 -5.22
C TYR A 56 4.78 -7.80 -6.63
N ASN A 57 3.76 -8.65 -6.72
CA ASN A 57 3.21 -9.05 -8.02
C ASN A 57 2.55 -7.87 -8.71
N GLN A 58 2.00 -6.95 -7.92
CA GLN A 58 1.34 -5.77 -8.47
C GLN A 58 2.36 -4.75 -8.97
N LEU A 59 3.46 -4.61 -8.23
CA LEU A 59 4.51 -3.67 -8.59
C LEU A 59 5.52 -4.32 -9.52
N LYS A 60 5.85 -3.63 -10.62
CA LYS A 60 6.81 -4.14 -11.59
C LYS A 60 8.22 -4.11 -11.01
N PHE A 61 8.42 -3.28 -10.00
CA PHE A 61 9.73 -3.16 -9.35
C PHE A 61 9.70 -3.72 -7.94
N PRO A 62 10.83 -4.29 -7.51
CA PRO A 62 10.97 -4.88 -6.17
C PRO A 62 10.98 -3.82 -5.08
N VAL A 63 10.34 -4.13 -3.95
CA VAL A 63 10.29 -3.21 -2.82
C VAL A 63 10.98 -3.79 -1.59
N LYS A 64 11.79 -2.98 -0.94
CA LYS A 64 12.51 -3.42 0.26
C LYS A 64 11.54 -3.81 1.37
N PRO A 65 11.99 -4.70 2.26
CA PRO A 65 11.17 -5.17 3.38
C PRO A 65 10.95 -4.08 4.44
N ALA A 66 11.93 -3.20 4.57
CA ALA A 66 11.83 -2.11 5.54
C ALA A 66 10.72 -1.14 5.17
N ASP A 67 10.81 -0.55 3.98
CA ASP A 67 9.81 0.39 3.51
C ASP A 67 8.42 -0.23 3.54
N LEU A 68 8.28 -1.39 2.89
CA LEU A 68 7.01 -2.08 2.84
C LEU A 68 6.43 -2.27 4.24
N LYS A 69 7.20 -2.90 5.12
CA LYS A 69 6.76 -3.14 6.49
C LYS A 69 6.10 -1.89 7.07
N LYS A 70 6.82 -0.78 7.07
CA LYS A 70 6.30 0.47 7.60
C LYS A 70 4.95 0.80 6.96
N ARG A 71 4.90 0.82 5.64
CA ARG A 71 3.67 1.13 4.92
C ARG A 71 2.51 0.30 5.48
N ILE A 72 2.70 -1.00 5.59
CA ILE A 72 1.67 -1.89 6.11
C ILE A 72 1.15 -1.40 7.46
N GLU A 73 2.02 -1.50 8.48
CA GLU A 73 1.65 -1.06 9.82
C GLU A 73 0.83 0.22 9.78
N SER A 74 1.37 1.23 9.10
CA SER A 74 0.70 2.52 8.99
C SER A 74 -0.76 2.34 8.59
N LEU A 75 -0.98 1.85 7.37
CA LEU A 75 -2.32 1.63 6.87
C LEU A 75 -3.22 1.03 7.95
N ILE A 76 -2.70 0.05 8.67
CA ILE A 76 -3.45 -0.60 9.73
C ILE A 76 -3.89 0.40 10.79
N ASP A 77 -3.01 1.36 11.08
CA ASP A 77 -3.31 2.39 12.08
C ASP A 77 -4.13 3.51 11.46
N ARG A 78 -4.16 3.57 10.14
CA ARG A 78 -4.91 4.60 9.43
C ARG A 78 -6.39 4.21 9.34
N ASP A 79 -6.78 3.21 10.10
CA ASP A 79 -8.17 2.75 10.11
C ASP A 79 -8.53 2.08 8.78
N TYR A 80 -7.62 1.27 8.27
CA TYR A 80 -7.83 0.58 7.00
C TYR A 80 -7.80 -0.93 7.19
N MET A 81 -7.03 -1.38 8.18
CA MET A 81 -6.91 -2.80 8.46
C MET A 81 -6.72 -3.05 9.96
N GLU A 82 -7.19 -4.20 10.43
CA GLU A 82 -7.07 -4.55 11.84
C GLU A 82 -6.34 -5.89 12.01
N ARG A 83 -5.49 -5.96 13.03
CA ARG A 83 -4.74 -7.17 13.31
C ARG A 83 -5.62 -8.22 13.99
N ASP A 84 -5.36 -9.48 13.71
CA ASP A 84 -6.13 -10.58 14.29
C ASP A 84 -5.60 -10.92 15.68
N LYS A 85 -6.49 -10.87 16.67
CA LYS A 85 -6.12 -11.18 18.05
C LYS A 85 -5.28 -12.46 18.12
N GLU A 86 -5.53 -13.38 17.20
CA GLU A 86 -4.80 -14.64 17.14
C GLU A 86 -3.32 -14.39 16.87
N ASN A 87 -3.03 -13.52 15.91
CA ASN A 87 -1.66 -13.20 15.55
C ASN A 87 -1.59 -11.90 14.76
N PRO A 88 -0.53 -11.12 15.00
CA PRO A 88 -0.33 -9.83 14.32
C PRO A 88 0.02 -10.01 12.85
N ASN A 89 0.37 -11.22 12.47
CA ASN A 89 0.73 -11.53 11.08
C ASN A 89 -0.51 -11.50 10.20
N GLN A 90 -1.69 -11.66 10.80
CA GLN A 90 -2.94 -11.66 10.07
C GLN A 90 -3.65 -10.32 10.21
N TYR A 91 -4.29 -9.87 9.12
CA TYR A 91 -5.01 -8.61 9.14
C TYR A 91 -6.38 -8.76 8.48
N ASN A 92 -7.32 -7.92 8.89
CA ASN A 92 -8.67 -7.95 8.35
C ASN A 92 -9.03 -6.62 7.70
N TYR A 93 -10.10 -6.62 6.90
CA TYR A 93 -10.55 -5.42 6.21
C TYR A 93 -11.58 -4.67 7.04
N ILE A 94 -11.28 -3.42 7.38
CA ILE A 94 -12.18 -2.59 8.17
C ILE A 94 -12.68 -1.40 7.36
N ALA A 95 -11.77 -0.79 6.60
CA ALA A 95 -12.12 0.37 5.78
C ALA A 95 -13.54 0.24 5.23
N SER A 96 -14.23 1.37 5.13
CA SER A 96 -15.60 1.38 4.61
C SER A 96 -15.66 2.09 3.27
N GLY A 97 -16.17 1.39 2.26
CA GLY A 97 -16.27 1.96 0.93
C GLY A 97 -17.37 3.00 0.84
N PRO A 98 -17.86 3.24 -0.39
CA PRO A 98 -18.93 4.22 -0.63
C PRO A 98 -20.27 3.77 -0.08
N SER A 99 -20.40 2.47 0.17
CA SER A 99 -21.64 1.90 0.70
C SER A 99 -21.98 2.53 2.04
N SER A 100 -23.15 3.15 2.12
CA SER A 100 -23.61 3.79 3.35
C SER A 100 -23.24 2.94 4.57
N GLY A 101 -23.66 1.68 4.55
CA GLY A 101 -23.37 0.78 5.66
C GLY A 101 -22.50 -0.38 5.25
N GLY A 1 36.47 -23.48 22.56
CA GLY A 1 35.15 -22.90 22.68
C GLY A 1 34.72 -22.15 21.43
N SER A 2 33.61 -21.43 21.51
CA SER A 2 33.10 -20.68 20.38
C SER A 2 32.14 -19.59 20.85
N SER A 3 31.83 -18.66 19.94
CA SER A 3 30.94 -17.55 20.26
C SER A 3 30.28 -17.01 19.01
N GLY A 4 29.16 -16.31 19.18
CA GLY A 4 28.45 -15.74 18.04
C GLY A 4 28.24 -14.24 18.18
N SER A 5 27.51 -13.66 17.24
CA SER A 5 27.24 -12.23 17.25
C SER A 5 25.90 -11.92 16.59
N SER A 6 25.45 -10.68 16.73
CA SER A 6 24.18 -10.25 16.15
C SER A 6 24.39 -9.13 15.14
N GLY A 7 25.14 -8.11 15.55
CA GLY A 7 25.41 -6.98 14.68
C GLY A 7 24.44 -5.83 14.91
N ILE A 8 24.83 -4.64 14.48
CA ILE A 8 23.99 -3.45 14.63
C ILE A 8 23.56 -2.91 13.27
N GLN A 9 22.59 -1.99 13.29
CA GLN A 9 22.09 -1.39 12.07
C GLN A 9 22.33 0.11 12.06
N MET A 10 23.33 0.54 11.28
CA MET A 10 23.66 1.96 11.18
C MET A 10 23.08 2.57 9.92
N LYS A 11 22.98 3.89 9.90
CA LYS A 11 22.44 4.60 8.74
C LYS A 11 22.65 6.11 8.88
N GLU A 12 22.61 6.81 7.76
CA GLU A 12 22.78 8.26 7.75
C GLU A 12 21.92 8.91 6.68
N THR A 13 21.48 10.15 6.95
CA THR A 13 20.65 10.88 6.00
C THR A 13 21.33 11.00 4.65
N VAL A 14 20.58 11.48 3.66
CA VAL A 14 21.11 11.65 2.31
C VAL A 14 20.97 13.09 1.84
N GLU A 15 22.05 13.63 1.29
CA GLU A 15 22.04 15.02 0.80
C GLU A 15 23.06 15.19 -0.32
N GLU A 16 22.64 15.86 -1.40
CA GLU A 16 23.51 16.10 -2.53
C GLU A 16 23.24 17.47 -3.15
N GLN A 17 24.28 18.08 -3.71
CA GLN A 17 24.15 19.39 -4.34
C GLN A 17 23.03 19.40 -5.37
N ALA A 18 23.00 18.35 -6.20
CA ALA A 18 21.98 18.23 -7.24
C ALA A 18 20.64 17.87 -6.64
N SER A 19 19.61 18.65 -6.97
CA SER A 19 18.27 18.41 -6.46
C SER A 19 17.79 17.00 -6.84
N THR A 20 17.15 16.33 -5.89
CA THR A 20 16.65 14.98 -6.10
C THR A 20 15.20 15.00 -6.56
N THR A 21 14.83 14.05 -7.42
CA THR A 21 13.47 13.96 -7.93
C THR A 21 12.45 13.97 -6.79
N GLU A 22 11.41 14.78 -6.95
CA GLU A 22 10.36 14.89 -5.93
C GLU A 22 9.28 13.82 -6.16
N ARG A 23 8.66 13.87 -7.32
CA ARG A 23 7.61 12.91 -7.67
C ARG A 23 8.09 11.48 -7.48
N VAL A 24 9.20 11.15 -8.15
CA VAL A 24 9.77 9.81 -8.07
C VAL A 24 9.67 9.26 -6.65
N PHE A 25 9.61 10.17 -5.67
CA PHE A 25 9.53 9.77 -4.27
C PHE A 25 8.07 9.51 -3.88
N GLN A 26 7.28 10.57 -3.83
CA GLN A 26 5.87 10.46 -3.46
C GLN A 26 5.20 9.35 -4.25
N ASP A 27 5.46 9.30 -5.54
CA ASP A 27 4.87 8.27 -6.40
C ASP A 27 5.12 6.88 -5.84
N ARG A 28 6.34 6.62 -5.39
CA ARG A 28 6.71 5.34 -4.83
C ARG A 28 5.80 4.98 -3.65
N GLN A 29 5.90 5.74 -2.58
CA GLN A 29 5.09 5.51 -1.39
C GLN A 29 3.63 5.23 -1.77
N TYR A 30 3.19 5.87 -2.85
CA TYR A 30 1.81 5.69 -3.32
C TYR A 30 1.66 4.37 -4.06
N GLN A 31 2.67 4.01 -4.85
CA GLN A 31 2.64 2.77 -5.61
C GLN A 31 2.48 1.57 -4.69
N ILE A 32 3.30 1.51 -3.66
CA ILE A 32 3.26 0.42 -2.70
C ILE A 32 1.96 0.46 -1.87
N ASP A 33 1.71 1.61 -1.27
CA ASP A 33 0.52 1.80 -0.44
C ASP A 33 -0.75 1.47 -1.24
N ALA A 34 -0.76 1.89 -2.50
CA ALA A 34 -1.90 1.64 -3.37
C ALA A 34 -2.11 0.15 -3.59
N ALA A 35 -1.03 -0.56 -3.92
CA ALA A 35 -1.10 -2.00 -4.15
C ALA A 35 -1.68 -2.73 -2.95
N ILE A 36 -1.31 -2.28 -1.75
CA ILE A 36 -1.80 -2.89 -0.52
C ILE A 36 -3.30 -2.69 -0.37
N VAL A 37 -3.72 -1.45 -0.17
CA VAL A 37 -5.13 -1.13 -0.02
C VAL A 37 -5.99 -1.93 -0.99
N ARG A 38 -5.54 -2.00 -2.24
CA ARG A 38 -6.27 -2.74 -3.27
C ARG A 38 -6.36 -4.21 -2.91
N ILE A 39 -5.24 -4.79 -2.51
CA ILE A 39 -5.19 -6.21 -2.14
C ILE A 39 -6.05 -6.48 -0.92
N MET A 40 -5.84 -5.70 0.14
CA MET A 40 -6.60 -5.86 1.37
C MET A 40 -8.09 -5.78 1.10
N LYS A 41 -8.50 -4.75 0.38
CA LYS A 41 -9.91 -4.56 0.05
C LYS A 41 -10.52 -5.84 -0.52
N MET A 42 -10.00 -6.27 -1.67
CA MET A 42 -10.49 -7.48 -2.33
C MET A 42 -10.40 -8.67 -1.38
N ARG A 43 -9.31 -8.75 -0.63
CA ARG A 43 -9.10 -9.84 0.31
C ARG A 43 -9.36 -9.38 1.74
N LYS A 44 -10.62 -9.42 2.16
CA LYS A 44 -11.00 -9.02 3.50
C LYS A 44 -9.91 -9.36 4.51
N THR A 45 -9.68 -10.65 4.71
CA THR A 45 -8.66 -11.11 5.65
C THR A 45 -7.47 -11.73 4.90
N LEU A 46 -6.27 -11.23 5.20
CA LEU A 46 -5.06 -11.73 4.57
C LEU A 46 -3.88 -11.71 5.54
N SER A 47 -2.92 -12.58 5.31
CA SER A 47 -1.73 -12.65 6.16
C SER A 47 -0.55 -11.96 5.52
N HIS A 48 0.32 -11.37 6.34
CA HIS A 48 1.49 -10.67 5.84
C HIS A 48 2.11 -11.41 4.66
N ASN A 49 2.24 -12.72 4.80
CA ASN A 49 2.81 -13.55 3.74
C ASN A 49 2.23 -13.17 2.38
N LEU A 50 0.93 -13.42 2.22
CA LEU A 50 0.26 -13.10 0.96
C LEU A 50 0.30 -11.60 0.68
N LEU A 51 0.01 -10.81 1.69
CA LEU A 51 0.02 -9.35 1.55
C LEU A 51 1.19 -8.89 0.71
N VAL A 52 2.41 -9.15 1.19
CA VAL A 52 3.62 -8.77 0.47
C VAL A 52 3.68 -9.45 -0.90
N SER A 53 3.34 -10.73 -0.93
CA SER A 53 3.36 -11.49 -2.18
C SER A 53 2.61 -10.75 -3.28
N GLU A 54 1.36 -10.41 -3.01
CA GLU A 54 0.52 -9.71 -3.98
C GLU A 54 1.18 -8.40 -4.40
N VAL A 55 1.51 -7.57 -3.42
CA VAL A 55 2.14 -6.28 -3.68
C VAL A 55 3.22 -6.41 -4.75
N TYR A 56 4.16 -7.33 -4.53
CA TYR A 56 5.24 -7.56 -5.48
C TYR A 56 4.71 -7.92 -6.86
N ASN A 57 3.67 -8.76 -6.88
CA ASN A 57 3.06 -9.18 -8.14
C ASN A 57 2.46 -7.99 -8.88
N GLN A 58 2.02 -6.99 -8.12
CA GLN A 58 1.41 -5.80 -8.72
C GLN A 58 2.50 -4.81 -9.16
N LEU A 59 3.55 -4.69 -8.36
CA LEU A 59 4.64 -3.78 -8.66
C LEU A 59 5.70 -4.48 -9.52
N LYS A 60 6.09 -3.84 -10.62
CA LYS A 60 7.09 -4.40 -11.52
C LYS A 60 8.48 -4.36 -10.88
N PHE A 61 8.68 -3.40 -9.98
CA PHE A 61 9.96 -3.27 -9.29
C PHE A 61 9.87 -3.76 -7.85
N PRO A 62 10.97 -4.32 -7.35
CA PRO A 62 11.04 -4.85 -5.98
C PRO A 62 11.01 -3.73 -4.93
N VAL A 63 10.39 -4.02 -3.79
CA VAL A 63 10.28 -3.05 -2.71
C VAL A 63 11.01 -3.52 -1.46
N LYS A 64 11.83 -2.65 -0.89
CA LYS A 64 12.59 -2.99 0.31
C LYS A 64 11.66 -3.35 1.46
N PRO A 65 12.19 -4.09 2.45
CA PRO A 65 11.43 -4.51 3.62
C PRO A 65 11.09 -3.34 4.54
N ALA A 66 12.11 -2.57 4.90
CA ALA A 66 11.93 -1.41 5.78
C ALA A 66 10.70 -0.61 5.38
N ASP A 67 10.73 -0.06 4.16
CA ASP A 67 9.61 0.73 3.66
C ASP A 67 8.31 -0.05 3.74
N LEU A 68 8.26 -1.19 3.06
CA LEU A 68 7.07 -2.04 3.06
C LEU A 68 6.45 -2.11 4.46
N LYS A 69 7.24 -2.60 5.42
CA LYS A 69 6.76 -2.72 6.79
C LYS A 69 6.05 -1.44 7.24
N LYS A 70 6.72 -0.30 7.05
CA LYS A 70 6.15 0.98 7.44
C LYS A 70 4.80 1.19 6.77
N ARG A 71 4.71 0.88 5.48
CA ARG A 71 3.47 1.04 4.74
C ARG A 71 2.35 0.20 5.35
N ILE A 72 2.64 -1.09 5.53
CA ILE A 72 1.66 -2.01 6.11
C ILE A 72 1.20 -1.53 7.49
N GLU A 73 2.13 -1.50 8.44
CA GLU A 73 1.81 -1.06 9.79
C GLU A 73 1.02 0.24 9.77
N SER A 74 1.60 1.27 9.16
CA SER A 74 0.94 2.57 9.08
C SER A 74 -0.51 2.43 8.62
N LEU A 75 -0.69 1.83 7.45
CA LEU A 75 -2.03 1.63 6.90
C LEU A 75 -2.97 1.05 7.94
N ILE A 76 -2.54 -0.04 8.58
CA ILE A 76 -3.34 -0.69 9.61
C ILE A 76 -3.80 0.31 10.66
N ASP A 77 -2.91 1.23 11.03
CA ASP A 77 -3.22 2.24 12.03
C ASP A 77 -4.05 3.37 11.42
N ARG A 78 -4.10 3.40 10.09
CA ARG A 78 -4.86 4.43 9.38
C ARG A 78 -6.32 4.03 9.26
N ASP A 79 -6.81 3.26 10.23
CA ASP A 79 -8.19 2.80 10.21
C ASP A 79 -8.53 2.11 8.90
N TYR A 80 -7.67 1.20 8.48
CA TYR A 80 -7.87 0.46 7.23
C TYR A 80 -7.85 -1.05 7.48
N MET A 81 -6.94 -1.48 8.35
CA MET A 81 -6.82 -2.89 8.68
C MET A 81 -6.58 -3.09 10.18
N GLU A 82 -6.98 -4.26 10.68
CA GLU A 82 -6.81 -4.56 12.09
C GLU A 82 -6.06 -5.88 12.28
N ARG A 83 -5.13 -5.90 13.23
CA ARG A 83 -4.34 -7.09 13.51
C ARG A 83 -5.17 -8.12 14.28
N ASP A 84 -5.41 -9.27 13.67
CA ASP A 84 -6.18 -10.33 14.30
C ASP A 84 -5.62 -10.67 15.68
N LYS A 85 -6.45 -10.57 16.70
CA LYS A 85 -6.03 -10.87 18.07
C LYS A 85 -5.23 -12.17 18.11
N GLU A 86 -5.75 -13.20 17.47
CA GLU A 86 -5.08 -14.49 17.45
C GLU A 86 -3.59 -14.34 17.14
N ASN A 87 -3.27 -13.40 16.26
CA ASN A 87 -1.90 -13.13 15.87
C ASN A 87 -1.79 -11.91 14.98
N PRO A 88 -0.73 -11.12 15.17
CA PRO A 88 -0.50 -9.90 14.39
C PRO A 88 -0.13 -10.20 12.94
N ASN A 89 -0.13 -11.48 12.59
CA ASN A 89 0.20 -11.91 11.23
C ASN A 89 -1.00 -11.78 10.31
N GLN A 90 -2.18 -12.06 10.86
CA GLN A 90 -3.41 -11.98 10.08
C GLN A 90 -4.07 -10.62 10.24
N TYR A 91 -4.50 -10.04 9.12
CA TYR A 91 -5.15 -8.73 9.13
C TYR A 91 -6.58 -8.81 8.61
N ASN A 92 -7.44 -7.92 9.09
CA ASN A 92 -8.83 -7.91 8.68
C ASN A 92 -9.19 -6.56 8.05
N TYR A 93 -10.19 -6.57 7.17
CA TYR A 93 -10.62 -5.35 6.51
C TYR A 93 -11.62 -4.59 7.37
N ILE A 94 -11.23 -3.39 7.80
CA ILE A 94 -12.10 -2.55 8.62
C ILE A 94 -12.62 -1.35 7.85
N ALA A 95 -11.74 -0.75 7.05
CA ALA A 95 -12.11 0.41 6.26
C ALA A 95 -13.54 0.30 5.74
N SER A 96 -13.82 -0.81 5.05
CA SER A 96 -15.16 -1.04 4.50
C SER A 96 -15.63 0.17 3.70
N GLY A 97 -14.73 0.73 2.90
CA GLY A 97 -15.08 1.89 2.09
C GLY A 97 -14.54 1.79 0.68
N PRO A 98 -15.29 2.32 -0.29
CA PRO A 98 -14.90 2.30 -1.70
C PRO A 98 -13.72 3.22 -1.99
N SER A 99 -12.85 2.79 -2.90
CA SER A 99 -11.68 3.57 -3.27
C SER A 99 -11.75 4.03 -4.73
N SER A 100 -10.76 4.79 -5.14
CA SER A 100 -10.72 5.30 -6.52
C SER A 100 -9.28 5.61 -6.94
N GLY A 101 -9.07 5.73 -8.24
CA GLY A 101 -7.74 6.02 -8.76
C GLY A 101 -7.40 5.18 -9.97
N GLY A 1 10.82 2.97 47.55
CA GLY A 1 9.76 3.84 47.09
C GLY A 1 9.40 3.59 45.63
N SER A 2 8.38 4.30 45.16
CA SER A 2 7.94 4.15 43.78
C SER A 2 6.90 5.21 43.43
N SER A 3 6.73 5.45 42.13
CA SER A 3 5.77 6.44 41.66
C SER A 3 5.60 6.37 40.15
N GLY A 4 4.69 7.18 39.61
CA GLY A 4 4.45 7.18 38.18
C GLY A 4 4.30 8.58 37.62
N SER A 5 4.28 8.70 36.30
CA SER A 5 4.15 9.99 35.64
C SER A 5 4.00 9.82 34.14
N SER A 6 3.80 10.94 33.44
CA SER A 6 3.63 10.91 31.99
C SER A 6 3.82 12.31 31.40
N GLY A 7 4.03 12.36 30.09
CA GLY A 7 4.22 13.64 29.42
C GLY A 7 4.38 13.49 27.92
N ILE A 8 4.50 14.61 27.22
CA ILE A 8 4.66 14.61 25.78
C ILE A 8 5.75 15.59 25.34
N GLN A 9 6.57 15.16 24.40
CA GLN A 9 7.65 16.00 23.89
C GLN A 9 7.58 16.13 22.37
N MET A 10 7.84 17.33 21.88
CA MET A 10 7.80 17.59 20.43
C MET A 10 8.28 19.00 20.12
N LYS A 11 8.88 19.17 18.94
CA LYS A 11 9.37 20.47 18.52
C LYS A 11 9.66 20.50 17.03
N GLU A 12 9.50 21.66 16.41
CA GLU A 12 9.75 21.80 14.98
C GLU A 12 10.53 23.08 14.69
N THR A 13 11.62 22.94 13.92
CA THR A 13 12.45 24.08 13.57
C THR A 13 12.71 24.13 12.07
N VAL A 14 12.92 25.34 11.55
CA VAL A 14 13.17 25.53 10.13
C VAL A 14 14.65 25.78 9.87
N GLU A 15 15.15 25.26 8.75
CA GLU A 15 16.54 25.42 8.38
C GLU A 15 16.70 25.63 6.88
N GLU A 16 17.63 26.49 6.49
CA GLU A 16 17.87 26.78 5.09
C GLU A 16 18.13 25.49 4.31
N GLN A 17 17.12 25.04 3.56
CA GLN A 17 17.23 23.82 2.77
C GLN A 17 16.78 24.05 1.34
N ALA A 18 17.48 23.43 0.39
CA ALA A 18 17.16 23.58 -1.02
C ALA A 18 15.86 22.85 -1.37
N SER A 19 15.43 22.98 -2.61
CA SER A 19 14.20 22.34 -3.06
C SER A 19 14.43 20.85 -3.33
N THR A 20 13.94 20.02 -2.42
CA THR A 20 14.09 18.58 -2.55
C THR A 20 12.91 17.97 -3.30
N THR A 21 13.21 16.98 -4.15
CA THR A 21 12.17 16.31 -4.93
C THR A 21 11.27 15.47 -4.04
N GLU A 22 10.08 15.98 -3.75
CA GLU A 22 9.13 15.28 -2.90
C GLU A 22 8.06 14.59 -3.75
N ARG A 23 7.44 15.35 -4.65
CA ARG A 23 6.40 14.82 -5.52
C ARG A 23 6.80 13.44 -6.05
N VAL A 24 7.98 13.36 -6.64
CA VAL A 24 8.47 12.10 -7.19
C VAL A 24 8.34 10.97 -6.19
N PHE A 25 8.69 11.25 -4.93
CA PHE A 25 8.60 10.25 -3.87
C PHE A 25 7.15 9.82 -3.65
N GLN A 26 6.28 10.79 -3.45
CA GLN A 26 4.86 10.52 -3.22
C GLN A 26 4.38 9.39 -4.12
N ASP A 27 4.85 9.40 -5.37
CA ASP A 27 4.46 8.37 -6.34
C ASP A 27 4.75 6.98 -5.81
N ARG A 28 5.99 6.75 -5.39
CA ARG A 28 6.40 5.46 -4.86
C ARG A 28 5.46 5.02 -3.73
N GLN A 29 5.54 5.71 -2.60
CA GLN A 29 4.71 5.39 -1.44
C GLN A 29 3.30 5.03 -1.88
N TYR A 30 2.79 5.74 -2.89
CA TYR A 30 1.45 5.50 -3.40
C TYR A 30 1.36 4.13 -4.08
N GLN A 31 2.38 3.80 -4.87
CA GLN A 31 2.41 2.54 -5.57
C GLN A 31 2.30 1.37 -4.60
N ILE A 32 3.12 1.40 -3.55
CA ILE A 32 3.12 0.36 -2.54
C ILE A 32 1.84 0.39 -1.70
N ASP A 33 1.58 1.55 -1.10
CA ASP A 33 0.38 1.72 -0.27
C ASP A 33 -0.87 1.37 -1.06
N ALA A 34 -0.87 1.66 -2.35
CA ALA A 34 -2.01 1.37 -3.21
C ALA A 34 -2.18 -0.14 -3.40
N ALA A 35 -1.11 -0.80 -3.83
CA ALA A 35 -1.15 -2.24 -4.06
C ALA A 35 -1.61 -2.98 -2.80
N ILE A 36 -1.10 -2.57 -1.66
CA ILE A 36 -1.46 -3.19 -0.39
C ILE A 36 -2.95 -3.04 -0.11
N VAL A 37 -3.41 -1.79 -0.07
CA VAL A 37 -4.82 -1.50 0.18
C VAL A 37 -5.72 -2.26 -0.79
N ARG A 38 -5.38 -2.19 -2.07
CA ARG A 38 -6.16 -2.87 -3.11
C ARG A 38 -6.33 -4.34 -2.77
N ILE A 39 -5.21 -5.06 -2.70
CA ILE A 39 -5.23 -6.49 -2.39
C ILE A 39 -6.03 -6.76 -1.11
N MET A 40 -5.74 -5.99 -0.07
CA MET A 40 -6.44 -6.15 1.21
C MET A 40 -7.95 -6.02 1.03
N LYS A 41 -8.39 -4.85 0.57
CA LYS A 41 -9.81 -4.61 0.35
C LYS A 41 -10.50 -5.84 -0.24
N MET A 42 -10.11 -6.19 -1.47
CA MET A 42 -10.69 -7.35 -2.13
C MET A 42 -10.70 -8.56 -1.21
N ARG A 43 -9.64 -8.71 -0.43
CA ARG A 43 -9.52 -9.84 0.49
C ARG A 43 -9.86 -9.40 1.92
N LYS A 44 -11.13 -9.57 2.29
CA LYS A 44 -11.59 -9.20 3.62
C LYS A 44 -10.50 -9.44 4.66
N THR A 45 -9.83 -10.58 4.55
CA THR A 45 -8.76 -10.93 5.49
C THR A 45 -7.59 -11.58 4.75
N LEU A 46 -6.40 -11.01 4.94
CA LEU A 46 -5.20 -11.54 4.30
C LEU A 46 -4.02 -11.53 5.27
N SER A 47 -3.05 -12.41 5.02
CA SER A 47 -1.88 -12.52 5.87
C SER A 47 -0.74 -11.65 5.33
N HIS A 48 0.32 -11.54 6.12
CA HIS A 48 1.48 -10.74 5.71
C HIS A 48 2.17 -11.36 4.49
N ASN A 49 2.38 -12.67 4.53
CA ASN A 49 3.01 -13.38 3.43
C ASN A 49 2.27 -13.14 2.13
N LEU A 50 0.97 -13.45 2.13
CA LEU A 50 0.14 -13.29 0.95
C LEU A 50 0.07 -11.82 0.54
N LEU A 51 0.13 -10.93 1.52
CA LEU A 51 0.08 -9.49 1.27
C LEU A 51 1.32 -9.03 0.51
N VAL A 52 2.46 -9.06 1.19
CA VAL A 52 3.72 -8.64 0.57
C VAL A 52 3.91 -9.30 -0.79
N SER A 53 3.52 -10.57 -0.88
CA SER A 53 3.66 -11.32 -2.13
C SER A 53 2.85 -10.65 -3.25
N GLU A 54 1.53 -10.62 -3.07
CA GLU A 54 0.65 -10.02 -4.07
C GLU A 54 1.18 -8.65 -4.51
N VAL A 55 1.51 -7.82 -3.53
CA VAL A 55 2.03 -6.48 -3.81
C VAL A 55 3.14 -6.53 -4.86
N TYR A 56 4.17 -7.31 -4.57
CA TYR A 56 5.30 -7.45 -5.49
C TYR A 56 4.82 -7.80 -6.89
N ASN A 57 3.85 -8.70 -6.97
CA ASN A 57 3.30 -9.13 -8.25
C ASN A 57 2.66 -7.96 -8.99
N GLN A 58 2.06 -7.05 -8.23
CA GLN A 58 1.42 -5.87 -8.82
C GLN A 58 2.44 -4.85 -9.26
N LEU A 59 3.51 -4.71 -8.48
CA LEU A 59 4.57 -3.75 -8.78
C LEU A 59 5.63 -4.39 -9.67
N LYS A 60 6.12 -3.63 -10.64
CA LYS A 60 7.15 -4.12 -11.54
C LYS A 60 8.52 -4.13 -10.87
N PHE A 61 8.68 -3.28 -9.87
CA PHE A 61 9.94 -3.20 -9.14
C PHE A 61 9.77 -3.68 -7.70
N PRO A 62 10.84 -4.27 -7.14
CA PRO A 62 10.83 -4.79 -5.77
C PRO A 62 10.78 -3.68 -4.73
N VAL A 63 10.31 -4.00 -3.54
CA VAL A 63 10.22 -3.03 -2.46
C VAL A 63 10.95 -3.51 -1.21
N LYS A 64 11.86 -2.69 -0.71
CA LYS A 64 12.63 -3.04 0.48
C LYS A 64 11.71 -3.44 1.63
N PRO A 65 12.28 -4.19 2.59
CA PRO A 65 11.52 -4.65 3.76
C PRO A 65 11.16 -3.52 4.71
N ALA A 66 12.14 -2.68 5.03
CA ALA A 66 11.91 -1.55 5.92
C ALA A 66 10.70 -0.73 5.48
N ASP A 67 10.76 -0.21 4.26
CA ASP A 67 9.68 0.60 3.72
C ASP A 67 8.37 -0.19 3.71
N LEU A 68 8.34 -1.26 2.92
CA LEU A 68 7.14 -2.11 2.83
C LEU A 68 6.47 -2.25 4.18
N LYS A 69 7.25 -2.63 5.19
CA LYS A 69 6.73 -2.80 6.55
C LYS A 69 6.03 -1.53 7.03
N LYS A 70 6.68 -0.39 6.83
CA LYS A 70 6.12 0.90 7.24
C LYS A 70 4.73 1.10 6.63
N ARG A 71 4.65 1.01 5.31
CA ARG A 71 3.39 1.19 4.61
C ARG A 71 2.29 0.34 5.25
N ILE A 72 2.61 -0.90 5.56
CA ILE A 72 1.65 -1.80 6.17
C ILE A 72 1.19 -1.28 7.53
N GLU A 73 2.14 -1.08 8.43
CA GLU A 73 1.84 -0.58 9.77
C GLU A 73 1.01 0.70 9.70
N SER A 74 1.55 1.70 8.98
CA SER A 74 0.86 2.98 8.84
C SER A 74 -0.61 2.77 8.50
N LEU A 75 -0.86 1.99 7.45
CA LEU A 75 -2.23 1.72 7.02
C LEU A 75 -3.07 1.21 8.18
N ILE A 76 -2.58 0.17 8.85
CA ILE A 76 -3.29 -0.41 9.98
C ILE A 76 -3.68 0.66 10.99
N ASP A 77 -2.79 1.62 11.21
CA ASP A 77 -3.05 2.70 12.15
C ASP A 77 -4.02 3.71 11.56
N ARG A 78 -4.13 3.72 10.24
CA ARG A 78 -5.03 4.64 9.55
C ARG A 78 -6.45 4.10 9.53
N ASP A 79 -6.70 3.06 10.32
CA ASP A 79 -8.02 2.45 10.39
C ASP A 79 -8.36 1.73 9.09
N TYR A 80 -7.34 1.15 8.46
CA TYR A 80 -7.52 0.42 7.21
C TYR A 80 -7.57 -1.08 7.45
N MET A 81 -6.82 -1.54 8.45
CA MET A 81 -6.77 -2.96 8.78
C MET A 81 -6.57 -3.15 10.28
N GLU A 82 -6.91 -4.34 10.77
CA GLU A 82 -6.77 -4.66 12.18
C GLU A 82 -6.04 -5.99 12.37
N ARG A 83 -5.30 -6.09 13.47
CA ARG A 83 -4.55 -7.30 13.78
C ARG A 83 -5.47 -8.40 14.29
N ASP A 84 -5.64 -9.45 13.49
CA ASP A 84 -6.50 -10.56 13.86
C ASP A 84 -6.13 -11.09 15.25
N LYS A 85 -7.09 -11.05 16.16
CA LYS A 85 -6.86 -11.52 17.52
C LYS A 85 -6.04 -12.81 17.53
N GLU A 86 -6.12 -13.55 16.42
CA GLU A 86 -5.38 -14.81 16.29
C GLU A 86 -3.88 -14.55 16.18
N ASN A 87 -3.52 -13.57 15.36
CA ASN A 87 -2.12 -13.22 15.16
C ASN A 87 -1.99 -11.90 14.40
N PRO A 88 -0.87 -11.19 14.65
CA PRO A 88 -0.60 -9.91 14.00
C PRO A 88 -0.30 -10.05 12.51
N ASN A 89 0.10 -11.26 12.11
CA ASN A 89 0.42 -11.54 10.71
C ASN A 89 -0.83 -11.41 9.84
N GLN A 90 -1.98 -11.76 10.41
CA GLN A 90 -3.23 -11.69 9.67
C GLN A 90 -3.93 -10.34 9.91
N TYR A 91 -4.31 -9.69 8.82
CA TYR A 91 -4.97 -8.39 8.91
C TYR A 91 -6.40 -8.47 8.36
N ASN A 92 -7.32 -7.82 9.06
CA ASN A 92 -8.72 -7.82 8.65
C ASN A 92 -9.11 -6.47 8.03
N TYR A 93 -10.04 -6.50 7.09
CA TYR A 93 -10.50 -5.28 6.43
C TYR A 93 -11.51 -4.54 7.28
N ILE A 94 -11.27 -3.25 7.50
CA ILE A 94 -12.15 -2.42 8.30
C ILE A 94 -12.64 -1.22 7.51
N ALA A 95 -11.84 -0.78 6.54
CA ALA A 95 -12.20 0.36 5.71
C ALA A 95 -13.40 0.05 4.83
N SER A 96 -14.59 0.29 5.35
CA SER A 96 -15.82 0.04 4.60
C SER A 96 -15.73 0.59 3.18
N GLY A 97 -14.93 1.64 3.01
CA GLY A 97 -14.77 2.24 1.71
C GLY A 97 -14.30 3.68 1.78
N PRO A 98 -14.49 4.43 0.68
CA PRO A 98 -14.09 5.83 0.61
C PRO A 98 -14.97 6.73 1.47
N SER A 99 -14.87 8.04 1.25
CA SER A 99 -15.66 9.01 2.01
C SER A 99 -17.14 8.91 1.65
N SER A 100 -17.83 7.97 2.27
CA SER A 100 -19.25 7.77 2.01
C SER A 100 -20.08 8.02 3.27
N GLY A 101 -21.27 8.56 3.09
CA GLY A 101 -22.14 8.84 4.23
C GLY A 101 -22.65 7.57 4.89
N GLY A 1 -22.46 7.69 8.47
CA GLY A 1 -21.20 7.42 9.17
C GLY A 1 -20.82 8.51 10.13
N SER A 2 -19.96 8.18 11.10
CA SER A 2 -19.53 9.14 12.11
C SER A 2 -18.06 9.48 11.92
N SER A 3 -17.64 9.66 10.67
CA SER A 3 -16.25 9.98 10.36
C SER A 3 -16.15 10.77 9.06
N GLY A 4 -15.09 11.55 8.93
CA GLY A 4 -14.89 12.35 7.72
C GLY A 4 -13.80 11.79 6.83
N SER A 5 -13.46 12.54 5.79
CA SER A 5 -12.43 12.11 4.84
C SER A 5 -11.89 13.30 4.06
N SER A 6 -10.58 13.51 4.13
CA SER A 6 -9.94 14.60 3.42
C SER A 6 -10.09 14.45 1.91
N GLY A 7 -10.03 15.57 1.19
CA GLY A 7 -10.17 15.53 -0.25
C GLY A 7 -8.83 15.38 -0.95
N ILE A 8 -8.84 14.71 -2.10
CA ILE A 8 -7.62 14.50 -2.87
C ILE A 8 -7.23 15.77 -3.64
N GLN A 9 -5.92 15.94 -3.84
CA GLN A 9 -5.42 17.10 -4.55
C GLN A 9 -4.92 16.71 -5.94
N MET A 10 -4.76 17.71 -6.81
CA MET A 10 -4.29 17.47 -8.16
C MET A 10 -2.93 18.13 -8.40
N LYS A 11 -1.99 17.36 -8.92
CA LYS A 11 -0.65 17.87 -9.19
C LYS A 11 0.05 17.02 -10.24
N GLU A 12 0.67 17.67 -11.21
CA GLU A 12 1.39 16.98 -12.28
C GLU A 12 2.34 17.92 -13.00
N THR A 13 3.64 17.66 -12.87
CA THR A 13 4.65 18.47 -13.51
C THR A 13 5.35 17.72 -14.63
N VAL A 14 5.89 18.46 -15.60
CA VAL A 14 6.59 17.85 -16.73
C VAL A 14 8.10 18.05 -16.61
N GLU A 15 8.83 16.94 -16.59
CA GLU A 15 10.29 16.98 -16.48
C GLU A 15 10.91 15.66 -16.93
N GLU A 16 11.78 15.73 -17.92
CA GLU A 16 12.44 14.55 -18.45
C GLU A 16 13.94 14.58 -18.15
N GLN A 17 14.30 14.17 -16.94
CA GLN A 17 15.70 14.16 -16.52
C GLN A 17 15.95 13.06 -15.50
N ALA A 18 17.18 12.55 -15.49
CA ALA A 18 17.55 11.49 -14.54
C ALA A 18 18.20 12.08 -13.29
N SER A 19 17.46 12.10 -12.20
CA SER A 19 17.97 12.63 -10.94
C SER A 19 16.97 12.37 -9.81
N THR A 20 17.43 11.67 -8.78
CA THR A 20 16.59 11.35 -7.63
C THR A 20 16.13 12.62 -6.93
N THR A 21 14.84 12.66 -6.57
CA THR A 21 14.27 13.82 -5.89
C THR A 21 13.15 13.40 -4.95
N GLU A 22 13.06 14.09 -3.81
CA GLU A 22 12.03 13.80 -2.81
C GLU A 22 10.74 13.34 -3.49
N ARG A 23 10.20 14.20 -4.35
CA ARG A 23 8.96 13.89 -5.06
C ARG A 23 8.99 12.47 -5.62
N VAL A 24 10.03 12.17 -6.40
CA VAL A 24 10.19 10.85 -7.00
C VAL A 24 9.99 9.75 -5.95
N PHE A 25 10.62 9.92 -4.80
CA PHE A 25 10.51 8.95 -3.72
C PHE A 25 9.05 8.64 -3.41
N GLN A 26 8.28 9.68 -3.15
CA GLN A 26 6.86 9.52 -2.83
C GLN A 26 6.21 8.48 -3.75
N ASP A 27 6.33 8.70 -5.05
CA ASP A 27 5.76 7.78 -6.02
C ASP A 27 5.82 6.34 -5.53
N ARG A 28 6.92 6.01 -4.83
CA ARG A 28 7.10 4.67 -4.31
C ARG A 28 6.10 4.36 -3.21
N GLN A 29 6.26 5.02 -2.06
CA GLN A 29 5.36 4.82 -0.93
C GLN A 29 3.92 4.68 -1.40
N TYR A 30 3.59 5.37 -2.50
CA TYR A 30 2.25 5.32 -3.05
C TYR A 30 1.98 3.99 -3.74
N GLN A 31 2.94 3.55 -4.54
CA GLN A 31 2.82 2.29 -5.26
C GLN A 31 2.52 1.13 -4.31
N ILE A 32 3.23 1.12 -3.19
CA ILE A 32 3.05 0.07 -2.18
C ILE A 32 1.69 0.20 -1.49
N ASP A 33 1.46 1.36 -0.89
CA ASP A 33 0.20 1.62 -0.19
C ASP A 33 -0.99 1.28 -1.08
N ALA A 34 -0.99 1.82 -2.29
CA ALA A 34 -2.08 1.57 -3.24
C ALA A 34 -2.26 0.08 -3.49
N ALA A 35 -1.16 -0.63 -3.73
CA ALA A 35 -1.20 -2.06 -3.97
C ALA A 35 -1.78 -2.80 -2.77
N ILE A 36 -1.33 -2.43 -1.58
CA ILE A 36 -1.81 -3.05 -0.35
C ILE A 36 -3.30 -2.86 -0.18
N VAL A 37 -3.74 -1.61 -0.12
CA VAL A 37 -5.14 -1.29 0.05
C VAL A 37 -6.01 -2.09 -0.93
N ARG A 38 -5.64 -2.05 -2.20
CA ARG A 38 -6.38 -2.77 -3.23
C ARG A 38 -6.47 -4.25 -2.90
N ILE A 39 -5.32 -4.88 -2.64
CA ILE A 39 -5.28 -6.29 -2.31
C ILE A 39 -6.15 -6.60 -1.10
N MET A 40 -5.84 -5.98 0.02
CA MET A 40 -6.59 -6.19 1.26
C MET A 40 -8.08 -5.92 1.02
N LYS A 41 -8.40 -4.69 0.62
CA LYS A 41 -9.78 -4.31 0.36
C LYS A 41 -10.57 -5.48 -0.23
N MET A 42 -10.04 -6.06 -1.31
CA MET A 42 -10.70 -7.18 -1.97
C MET A 42 -10.71 -8.41 -1.05
N ARG A 43 -9.61 -8.63 -0.35
CA ARG A 43 -9.50 -9.77 0.55
C ARG A 43 -9.76 -9.35 1.99
N LYS A 44 -11.00 -9.53 2.44
CA LYS A 44 -11.38 -9.17 3.80
C LYS A 44 -10.23 -9.40 4.77
N THR A 45 -9.72 -10.64 4.80
CA THR A 45 -8.62 -10.99 5.68
C THR A 45 -7.46 -11.58 4.89
N LEU A 46 -6.24 -11.12 5.20
CA LEU A 46 -5.05 -11.60 4.52
C LEU A 46 -3.85 -11.58 5.46
N SER A 47 -2.92 -12.51 5.24
CA SER A 47 -1.72 -12.59 6.07
C SER A 47 -0.58 -11.77 5.47
N HIS A 48 0.52 -11.66 6.21
CA HIS A 48 1.67 -10.91 5.75
C HIS A 48 2.29 -11.55 4.51
N ASN A 49 2.72 -12.79 4.65
CA ASN A 49 3.32 -13.52 3.54
C ASN A 49 2.52 -13.33 2.26
N LEU A 50 1.22 -13.63 2.33
CA LEU A 50 0.35 -13.49 1.18
C LEU A 50 0.22 -12.02 0.77
N LEU A 51 0.07 -11.15 1.76
CA LEU A 51 -0.06 -9.73 1.50
C LEU A 51 1.11 -9.21 0.68
N VAL A 52 2.30 -9.30 1.24
CA VAL A 52 3.52 -8.84 0.57
C VAL A 52 3.63 -9.46 -0.83
N SER A 53 3.30 -10.74 -0.93
CA SER A 53 3.37 -11.45 -2.21
C SER A 53 2.60 -10.68 -3.29
N GLU A 54 1.30 -10.50 -3.07
CA GLU A 54 0.46 -9.78 -4.02
C GLU A 54 1.07 -8.44 -4.39
N VAL A 55 1.35 -7.63 -3.37
CA VAL A 55 1.93 -6.31 -3.57
C VAL A 55 3.00 -6.34 -4.66
N TYR A 56 3.99 -7.22 -4.47
CA TYR A 56 5.08 -7.36 -5.43
C TYR A 56 4.54 -7.66 -6.82
N ASN A 57 3.59 -8.58 -6.90
CA ASN A 57 3.00 -8.97 -8.17
C ASN A 57 2.48 -7.75 -8.93
N GLN A 58 1.99 -6.76 -8.19
CA GLN A 58 1.48 -5.54 -8.78
C GLN A 58 2.61 -4.56 -9.10
N LEU A 59 3.58 -4.48 -8.20
CA LEU A 59 4.73 -3.59 -8.39
C LEU A 59 5.84 -4.29 -9.16
N LYS A 60 6.14 -3.77 -10.35
CA LYS A 60 7.18 -4.34 -11.19
C LYS A 60 8.55 -3.77 -10.83
N PHE A 61 8.69 -3.34 -9.58
CA PHE A 61 9.95 -2.77 -9.10
C PHE A 61 10.29 -3.31 -7.72
N PRO A 62 11.59 -3.35 -7.41
CA PRO A 62 12.09 -3.83 -6.12
C PRO A 62 11.74 -2.89 -4.97
N VAL A 63 11.26 -3.47 -3.87
CA VAL A 63 10.90 -2.68 -2.70
C VAL A 63 11.52 -3.24 -1.43
N LYS A 64 12.35 -2.44 -0.77
CA LYS A 64 13.02 -2.87 0.45
C LYS A 64 12.02 -3.46 1.44
N PRO A 65 12.50 -4.32 2.34
CA PRO A 65 11.67 -4.97 3.34
C PRO A 65 11.19 -3.99 4.42
N ALA A 66 12.06 -3.06 4.80
CA ALA A 66 11.72 -2.07 5.81
C ALA A 66 10.57 -1.19 5.35
N ASP A 67 10.71 -0.62 4.16
CA ASP A 67 9.66 0.25 3.60
C ASP A 67 8.33 -0.48 3.53
N LEU A 68 8.32 -1.61 2.80
CA LEU A 68 7.10 -2.39 2.66
C LEU A 68 6.37 -2.53 3.98
N LYS A 69 7.06 -3.07 4.98
CA LYS A 69 6.47 -3.24 6.31
C LYS A 69 5.90 -1.93 6.83
N LYS A 70 6.74 -0.89 6.86
CA LYS A 70 6.32 0.41 7.34
C LYS A 70 4.98 0.82 6.72
N ARG A 71 4.92 0.78 5.39
CA ARG A 71 3.70 1.14 4.67
C ARG A 71 2.51 0.34 5.20
N ILE A 72 2.67 -0.97 5.29
CA ILE A 72 1.61 -1.84 5.78
C ILE A 72 1.09 -1.38 7.14
N GLU A 73 2.01 -1.20 8.08
CA GLU A 73 1.65 -0.75 9.42
C GLU A 73 0.82 0.53 9.36
N SER A 74 1.41 1.58 8.80
CA SER A 74 0.74 2.87 8.69
C SER A 74 -0.73 2.68 8.29
N LEU A 75 -0.95 1.97 7.19
CA LEU A 75 -2.30 1.71 6.70
C LEU A 75 -3.18 1.15 7.81
N ILE A 76 -2.72 0.07 8.44
CA ILE A 76 -3.47 -0.55 9.52
C ILE A 76 -3.93 0.48 10.54
N ASP A 77 -3.03 1.36 10.93
CA ASP A 77 -3.35 2.41 11.90
C ASP A 77 -4.17 3.52 11.25
N ARG A 78 -4.22 3.51 9.92
CA ARG A 78 -4.97 4.52 9.18
C ARG A 78 -6.43 4.12 9.04
N ASP A 79 -6.95 3.41 10.03
CA ASP A 79 -8.33 2.97 10.02
C ASP A 79 -8.66 2.23 8.72
N TYR A 80 -7.80 1.29 8.36
CA TYR A 80 -7.99 0.51 7.13
C TYR A 80 -7.97 -0.99 7.43
N MET A 81 -7.10 -1.39 8.36
CA MET A 81 -6.99 -2.79 8.73
C MET A 81 -6.76 -2.92 10.24
N GLU A 82 -7.02 -4.12 10.77
CA GLU A 82 -6.83 -4.38 12.19
C GLU A 82 -6.03 -5.66 12.41
N ARG A 83 -5.10 -5.61 13.35
CA ARG A 83 -4.27 -6.77 13.66
C ARG A 83 -5.04 -7.81 14.47
N ASP A 84 -5.17 -9.01 13.91
CA ASP A 84 -5.89 -10.08 14.58
C ASP A 84 -5.35 -10.31 15.99
N LYS A 85 -6.23 -10.23 16.98
CA LYS A 85 -5.85 -10.43 18.36
C LYS A 85 -4.96 -11.66 18.51
N GLU A 86 -5.24 -12.68 17.71
CA GLU A 86 -4.45 -13.92 17.76
C GLU A 86 -3.01 -13.66 17.33
N ASN A 87 -2.83 -12.98 16.21
CA ASN A 87 -1.51 -12.67 15.69
C ASN A 87 -1.56 -11.46 14.77
N PRO A 88 -0.54 -10.59 14.87
CA PRO A 88 -0.44 -9.38 14.06
C PRO A 88 -0.14 -9.69 12.60
N ASN A 89 0.11 -10.96 12.30
CA ASN A 89 0.41 -11.39 10.95
C ASN A 89 -0.85 -11.36 10.08
N GLN A 90 -1.96 -11.79 10.65
CA GLN A 90 -3.23 -11.81 9.93
C GLN A 90 -4.00 -10.50 10.12
N TYR A 91 -4.19 -9.77 9.03
CA TYR A 91 -4.89 -8.50 9.07
C TYR A 91 -6.34 -8.66 8.61
N ASN A 92 -7.22 -7.84 9.17
CA ASN A 92 -8.64 -7.89 8.81
C ASN A 92 -9.09 -6.58 8.18
N TYR A 93 -10.07 -6.67 7.27
CA TYR A 93 -10.59 -5.48 6.59
C TYR A 93 -11.60 -4.76 7.46
N ILE A 94 -11.39 -3.47 7.65
CA ILE A 94 -12.30 -2.66 8.45
C ILE A 94 -12.90 -1.52 7.64
N ALA A 95 -12.10 -0.98 6.71
CA ALA A 95 -12.56 0.11 5.86
C ALA A 95 -13.85 -0.26 5.14
N SER A 96 -14.58 0.76 4.69
CA SER A 96 -15.83 0.55 3.98
C SER A 96 -15.98 1.52 2.82
N GLY A 97 -15.95 0.98 1.60
CA GLY A 97 -16.08 1.82 0.42
C GLY A 97 -17.48 1.79 -0.16
N PRO A 98 -17.94 2.95 -0.67
CA PRO A 98 -19.27 3.08 -1.27
C PRO A 98 -19.40 2.34 -2.58
N SER A 99 -19.95 1.12 -2.52
CA SER A 99 -20.11 0.30 -3.71
C SER A 99 -20.92 1.05 -4.77
N SER A 100 -20.41 1.06 -6.00
CA SER A 100 -21.08 1.73 -7.10
C SER A 100 -21.33 0.77 -8.26
N GLY A 101 -22.58 0.70 -8.71
CA GLY A 101 -22.92 -0.19 -9.81
C GLY A 101 -23.86 0.48 -10.81
N GLY A 1 -23.26 29.10 -5.41
CA GLY A 1 -21.90 28.92 -5.87
C GLY A 1 -21.84 28.16 -7.18
N SER A 2 -21.84 28.90 -8.29
CA SER A 2 -21.79 28.29 -9.62
C SER A 2 -20.74 27.18 -9.66
N SER A 3 -21.21 25.94 -9.75
CA SER A 3 -20.31 24.79 -9.80
C SER A 3 -19.88 24.50 -11.24
N GLY A 4 -18.67 23.97 -11.39
CA GLY A 4 -18.15 23.65 -12.70
C GLY A 4 -16.70 24.06 -12.86
N SER A 5 -15.85 23.61 -11.95
CA SER A 5 -14.43 23.94 -11.99
C SER A 5 -13.66 22.94 -12.85
N SER A 6 -12.69 23.44 -13.61
CA SER A 6 -11.89 22.59 -14.49
C SER A 6 -10.42 22.63 -14.09
N GLY A 7 -9.60 21.86 -14.78
CA GLY A 7 -8.18 21.81 -14.49
C GLY A 7 -7.43 20.83 -15.36
N ILE A 8 -6.95 21.29 -16.50
CA ILE A 8 -6.22 20.44 -17.43
C ILE A 8 -4.90 19.98 -16.82
N GLN A 9 -4.22 19.08 -17.52
CA GLN A 9 -2.93 18.56 -17.04
C GLN A 9 -1.99 18.28 -18.21
N MET A 10 -0.86 18.99 -18.24
CA MET A 10 0.12 18.81 -19.30
C MET A 10 0.53 17.35 -19.43
N LYS A 11 0.82 16.91 -20.64
CA LYS A 11 1.24 15.54 -20.90
C LYS A 11 2.21 15.47 -22.06
N GLU A 12 3.40 14.92 -21.80
CA GLU A 12 4.43 14.80 -22.81
C GLU A 12 4.78 13.34 -23.07
N THR A 13 4.43 12.84 -24.25
CA THR A 13 4.70 11.46 -24.61
C THR A 13 6.16 11.26 -24.98
N VAL A 14 6.91 12.36 -25.04
CA VAL A 14 8.33 12.31 -25.37
C VAL A 14 9.14 13.26 -24.51
N GLU A 15 9.97 12.70 -23.65
CA GLU A 15 10.81 13.51 -22.76
C GLU A 15 12.23 13.61 -23.29
N GLU A 16 12.92 14.68 -22.93
CA GLU A 16 14.30 14.90 -23.37
C GLU A 16 15.28 14.65 -22.23
N GLN A 17 14.99 15.21 -21.06
CA GLN A 17 15.85 15.04 -19.91
C GLN A 17 15.02 14.83 -18.63
N ALA A 18 15.52 13.99 -17.74
CA ALA A 18 14.83 13.70 -16.49
C ALA A 18 14.55 14.98 -15.71
N SER A 19 13.34 15.49 -15.83
CA SER A 19 12.95 16.72 -15.14
C SER A 19 12.77 16.47 -13.64
N THR A 20 13.36 17.34 -12.83
CA THR A 20 13.27 17.20 -11.38
C THR A 20 11.85 17.50 -10.89
N THR A 21 11.16 16.47 -10.42
CA THR A 21 9.81 16.61 -9.91
C THR A 21 9.59 15.77 -8.66
N GLU A 22 8.85 16.32 -7.70
CA GLU A 22 8.56 15.63 -6.46
C GLU A 22 7.59 14.47 -6.69
N ARG A 23 6.55 14.74 -7.48
CA ARG A 23 5.54 13.72 -7.78
C ARG A 23 6.18 12.34 -7.92
N VAL A 24 7.40 12.33 -8.44
CA VAL A 24 8.13 11.07 -8.63
C VAL A 24 8.44 10.41 -7.29
N PHE A 25 9.12 11.13 -6.42
CA PHE A 25 9.47 10.62 -5.10
C PHE A 25 8.25 10.02 -4.40
N GLN A 26 7.07 10.44 -4.83
CA GLN A 26 5.83 9.95 -4.24
C GLN A 26 5.30 8.75 -5.02
N ASP A 27 5.34 8.84 -6.34
CA ASP A 27 4.86 7.76 -7.20
C ASP A 27 5.16 6.40 -6.59
N ARG A 28 6.30 6.30 -5.90
CA ARG A 28 6.70 5.06 -5.26
C ARG A 28 5.84 4.77 -4.03
N GLN A 29 6.09 5.51 -2.95
CA GLN A 29 5.34 5.33 -1.72
C GLN A 29 3.86 5.09 -2.01
N TYR A 30 3.34 5.78 -3.02
CA TYR A 30 1.94 5.64 -3.40
C TYR A 30 1.69 4.30 -4.09
N GLN A 31 2.65 3.88 -4.91
CA GLN A 31 2.54 2.62 -5.63
C GLN A 31 2.43 1.45 -4.65
N ILE A 32 3.29 1.45 -3.64
CA ILE A 32 3.29 0.39 -2.64
C ILE A 32 2.04 0.44 -1.77
N ASP A 33 1.81 1.59 -1.15
CA ASP A 33 0.64 1.78 -0.30
C ASP A 33 -0.63 1.48 -1.05
N ALA A 34 -0.69 1.92 -2.31
CA ALA A 34 -1.87 1.70 -3.15
C ALA A 34 -2.13 0.22 -3.34
N ALA A 35 -1.10 -0.51 -3.78
CA ALA A 35 -1.23 -1.95 -4.00
C ALA A 35 -1.76 -2.66 -2.76
N ILE A 36 -1.22 -2.30 -1.60
CA ILE A 36 -1.64 -2.91 -0.35
C ILE A 36 -3.11 -2.64 -0.08
N VAL A 37 -3.45 -1.37 0.15
CA VAL A 37 -4.82 -0.98 0.41
C VAL A 37 -5.79 -1.65 -0.57
N ARG A 38 -5.34 -1.81 -1.81
CA ARG A 38 -6.17 -2.45 -2.83
C ARG A 38 -6.32 -3.94 -2.57
N ILE A 39 -5.19 -4.63 -2.47
CA ILE A 39 -5.19 -6.07 -2.22
C ILE A 39 -5.99 -6.40 -0.96
N MET A 40 -5.61 -5.79 0.15
CA MET A 40 -6.30 -6.01 1.43
C MET A 40 -7.81 -5.85 1.27
N LYS A 41 -8.21 -4.76 0.63
CA LYS A 41 -9.63 -4.48 0.42
C LYS A 41 -10.33 -5.68 -0.21
N MET A 42 -9.78 -6.18 -1.31
CA MET A 42 -10.35 -7.33 -2.00
C MET A 42 -10.39 -8.55 -1.08
N ARG A 43 -9.29 -8.77 -0.37
CA ARG A 43 -9.19 -9.91 0.54
C ARG A 43 -9.64 -9.51 1.94
N LYS A 44 -10.91 -9.77 2.25
CA LYS A 44 -11.47 -9.44 3.55
C LYS A 44 -10.43 -9.64 4.65
N THR A 45 -9.59 -10.66 4.50
CA THR A 45 -8.55 -10.96 5.47
C THR A 45 -7.31 -11.53 4.79
N LEU A 46 -6.16 -10.88 5.01
CA LEU A 46 -4.91 -11.33 4.43
C LEU A 46 -3.77 -11.20 5.43
N SER A 47 -2.75 -12.04 5.28
CA SER A 47 -1.60 -12.02 6.17
C SER A 47 -0.42 -11.32 5.50
N HIS A 48 0.71 -11.26 6.21
CA HIS A 48 1.92 -10.62 5.69
C HIS A 48 2.42 -11.35 4.45
N ASN A 49 2.88 -12.58 4.63
CA ASN A 49 3.40 -13.38 3.52
C ASN A 49 2.52 -13.21 2.28
N LEU A 50 1.24 -13.50 2.42
CA LEU A 50 0.29 -13.40 1.32
C LEU A 50 0.21 -11.96 0.82
N LEU A 51 0.26 -11.01 1.75
CA LEU A 51 0.20 -9.59 1.40
C LEU A 51 1.37 -9.20 0.52
N VAL A 52 2.57 -9.19 1.10
CA VAL A 52 3.77 -8.84 0.37
C VAL A 52 3.79 -9.49 -1.01
N SER A 53 3.40 -10.77 -1.06
CA SER A 53 3.38 -11.51 -2.32
C SER A 53 2.55 -10.77 -3.36
N GLU A 54 1.27 -10.56 -3.07
CA GLU A 54 0.37 -9.87 -3.98
C GLU A 54 0.97 -8.54 -4.43
N VAL A 55 1.34 -7.72 -3.47
CA VAL A 55 1.93 -6.41 -3.76
C VAL A 55 3.02 -6.53 -4.82
N TYR A 56 3.98 -7.41 -4.57
CA TYR A 56 5.08 -7.62 -5.51
C TYR A 56 4.57 -7.92 -6.91
N ASN A 57 3.52 -8.74 -6.99
CA ASN A 57 2.94 -9.11 -8.26
C ASN A 57 2.34 -7.89 -8.96
N GLN A 58 1.88 -6.92 -8.16
CA GLN A 58 1.29 -5.71 -8.70
C GLN A 58 2.37 -4.73 -9.15
N LEU A 59 3.42 -4.61 -8.37
CA LEU A 59 4.52 -3.71 -8.69
C LEU A 59 5.54 -4.40 -9.59
N LYS A 60 5.93 -3.71 -10.67
CA LYS A 60 6.90 -4.25 -11.61
C LYS A 60 8.30 -4.23 -11.03
N PHE A 61 8.48 -3.46 -9.96
CA PHE A 61 9.78 -3.35 -9.29
C PHE A 61 9.70 -3.81 -7.85
N PRO A 62 10.79 -4.42 -7.35
CA PRO A 62 10.86 -4.93 -5.98
C PRO A 62 10.90 -3.81 -4.95
N VAL A 63 10.27 -4.04 -3.81
CA VAL A 63 10.24 -3.05 -2.74
C VAL A 63 11.06 -3.50 -1.53
N LYS A 64 11.75 -2.56 -0.91
CA LYS A 64 12.57 -2.87 0.26
C LYS A 64 11.70 -3.33 1.43
N PRO A 65 12.31 -4.10 2.35
CA PRO A 65 11.62 -4.62 3.52
C PRO A 65 11.26 -3.52 4.52
N ALA A 66 12.19 -2.60 4.75
CA ALA A 66 11.98 -1.51 5.67
C ALA A 66 10.70 -0.73 5.33
N ASP A 67 10.72 -0.07 4.19
CA ASP A 67 9.56 0.71 3.74
C ASP A 67 8.30 -0.15 3.77
N LEU A 68 8.33 -1.28 3.07
CA LEU A 68 7.19 -2.19 3.01
C LEU A 68 6.58 -2.38 4.39
N LYS A 69 7.43 -2.72 5.36
CA LYS A 69 6.97 -2.94 6.73
C LYS A 69 6.20 -1.72 7.25
N LYS A 70 6.86 -0.57 7.21
CA LYS A 70 6.23 0.67 7.68
C LYS A 70 4.87 0.86 7.03
N ARG A 71 4.81 0.70 5.71
CA ARG A 71 3.55 0.85 4.98
C ARG A 71 2.46 -0.03 5.58
N ILE A 72 2.79 -1.29 5.85
CA ILE A 72 1.84 -2.23 6.41
C ILE A 72 1.27 -1.70 7.72
N GLU A 73 2.12 -1.57 8.73
CA GLU A 73 1.69 -1.07 10.03
C GLU A 73 0.86 0.19 9.89
N SER A 74 1.45 1.23 9.32
CA SER A 74 0.75 2.51 9.13
C SER A 74 -0.67 2.27 8.63
N LEU A 75 -0.78 1.77 7.39
CA LEU A 75 -2.08 1.50 6.79
C LEU A 75 -3.04 0.92 7.82
N ILE A 76 -2.61 -0.11 8.52
CA ILE A 76 -3.43 -0.75 9.54
C ILE A 76 -3.95 0.26 10.54
N ASP A 77 -3.12 1.25 10.87
CA ASP A 77 -3.50 2.28 11.82
C ASP A 77 -4.26 3.40 11.13
N ARG A 78 -4.30 3.35 9.79
CA ARG A 78 -5.00 4.37 9.01
C ARG A 78 -6.50 4.09 8.97
N ASP A 79 -6.94 3.18 9.85
CA ASP A 79 -8.36 2.82 9.91
C ASP A 79 -8.79 2.07 8.66
N TYR A 80 -7.88 1.26 8.13
CA TYR A 80 -8.18 0.48 6.92
C TYR A 80 -8.11 -1.01 7.22
N MET A 81 -7.22 -1.40 8.11
CA MET A 81 -7.06 -2.80 8.48
C MET A 81 -6.94 -2.95 10.00
N GLU A 82 -7.07 -4.19 10.48
CA GLU A 82 -6.98 -4.46 11.90
C GLU A 82 -6.27 -5.78 12.15
N ARG A 83 -5.42 -5.82 13.18
CA ARG A 83 -4.67 -7.02 13.53
C ARG A 83 -5.57 -8.03 14.23
N ASP A 84 -5.68 -9.23 13.65
CA ASP A 84 -6.51 -10.28 14.23
C ASP A 84 -6.20 -10.46 15.71
N LYS A 85 -7.18 -10.12 16.55
CA LYS A 85 -7.03 -10.25 18.00
C LYS A 85 -6.22 -11.49 18.36
N GLU A 86 -6.30 -12.50 17.50
CA GLU A 86 -5.58 -13.75 17.72
C GLU A 86 -4.08 -13.55 17.56
N ASN A 87 -3.66 -13.14 16.37
CA ASN A 87 -2.25 -12.91 16.09
C ASN A 87 -2.07 -11.71 15.16
N PRO A 88 -1.03 -10.91 15.43
CA PRO A 88 -0.72 -9.72 14.63
C PRO A 88 -0.21 -10.07 13.24
N ASN A 89 -0.11 -11.37 12.96
CA ASN A 89 0.35 -11.84 11.66
C ASN A 89 -0.76 -11.76 10.63
N GLN A 90 -2.00 -11.78 11.08
CA GLN A 90 -3.16 -11.71 10.19
C GLN A 90 -3.82 -10.34 10.28
N TYR A 91 -4.31 -9.86 9.14
CA TYR A 91 -4.97 -8.55 9.10
C TYR A 91 -6.38 -8.68 8.52
N ASN A 92 -7.30 -7.87 9.01
CA ASN A 92 -8.68 -7.89 8.55
C ASN A 92 -9.06 -6.56 7.91
N TYR A 93 -10.12 -6.57 7.10
CA TYR A 93 -10.58 -5.38 6.43
C TYR A 93 -11.61 -4.64 7.28
N ILE A 94 -11.43 -3.32 7.40
CA ILE A 94 -12.34 -2.49 8.18
C ILE A 94 -12.91 -1.36 7.34
N ALA A 95 -12.06 -0.73 6.54
CA ALA A 95 -12.49 0.36 5.68
C ALA A 95 -13.89 0.12 5.13
N SER A 96 -14.77 1.11 5.29
CA SER A 96 -16.13 1.00 4.82
C SER A 96 -16.31 1.72 3.48
N GLY A 97 -16.04 0.99 2.40
CA GLY A 97 -16.17 1.57 1.07
C GLY A 97 -17.29 0.95 0.27
N PRO A 98 -17.95 1.77 -0.57
CA PRO A 98 -19.07 1.31 -1.40
C PRO A 98 -18.61 0.37 -2.52
N SER A 99 -19.02 -0.89 -2.41
CA SER A 99 -18.64 -1.89 -3.41
C SER A 99 -19.19 -1.52 -4.79
N SER A 100 -18.36 -1.65 -5.81
CA SER A 100 -18.74 -1.32 -7.17
C SER A 100 -18.09 -2.26 -8.17
N GLY A 101 -18.91 -2.93 -8.98
CA GLY A 101 -18.40 -3.86 -9.97
C GLY A 101 -18.08 -3.19 -11.29
N GLY A 1 -19.82 27.62 -18.34
CA GLY A 1 -20.30 28.04 -17.04
C GLY A 1 -19.39 27.60 -15.91
N SER A 2 -19.23 26.29 -15.76
CA SER A 2 -18.38 25.73 -14.71
C SER A 2 -17.38 24.74 -15.28
N SER A 3 -16.46 24.28 -14.45
CA SER A 3 -15.43 23.33 -14.87
C SER A 3 -16.07 22.00 -15.25
N GLY A 4 -15.37 21.23 -16.08
CA GLY A 4 -15.88 19.94 -16.51
C GLY A 4 -15.80 19.75 -18.01
N SER A 5 -16.16 20.80 -18.75
CA SER A 5 -16.13 20.74 -20.21
C SER A 5 -14.80 21.28 -20.75
N SER A 6 -14.52 22.53 -20.44
CA SER A 6 -13.28 23.16 -20.89
C SER A 6 -12.12 22.84 -19.96
N GLY A 7 -11.24 21.96 -20.41
CA GLY A 7 -10.09 21.58 -19.61
C GLY A 7 -8.85 21.32 -20.43
N ILE A 8 -8.11 22.38 -20.73
CA ILE A 8 -6.90 22.27 -21.53
C ILE A 8 -5.76 21.67 -20.71
N GLN A 9 -5.45 20.40 -20.98
CA GLN A 9 -4.39 19.70 -20.27
C GLN A 9 -4.04 18.38 -20.96
N MET A 10 -2.76 18.17 -21.21
CA MET A 10 -2.30 16.95 -21.86
C MET A 10 -0.88 16.59 -21.41
N LYS A 11 -0.72 15.39 -20.87
CA LYS A 11 0.58 14.93 -20.42
C LYS A 11 1.49 14.59 -21.59
N GLU A 12 2.20 15.59 -22.09
CA GLU A 12 3.11 15.41 -23.22
C GLU A 12 4.56 15.61 -22.79
N THR A 13 5.35 14.54 -22.87
CA THR A 13 6.75 14.60 -22.50
C THR A 13 7.65 14.09 -23.62
N VAL A 14 8.67 14.86 -23.95
CA VAL A 14 9.60 14.48 -25.01
C VAL A 14 11.03 14.39 -24.48
N GLU A 15 11.18 13.84 -23.28
CA GLU A 15 12.49 13.69 -22.66
C GLU A 15 12.53 12.45 -21.77
N GLU A 16 13.71 11.83 -21.69
CA GLU A 16 13.88 10.63 -20.88
C GLU A 16 14.76 10.92 -19.66
N GLN A 17 14.15 10.92 -18.48
CA GLN A 17 14.89 11.19 -17.25
C GLN A 17 14.61 10.10 -16.21
N ALA A 18 15.58 9.20 -16.02
CA ALA A 18 15.43 8.13 -15.05
C ALA A 18 16.08 8.50 -13.72
N SER A 19 15.34 9.22 -12.88
CA SER A 19 15.85 9.64 -11.58
C SER A 19 14.72 9.71 -10.56
N THR A 20 15.08 9.98 -9.31
CA THR A 20 14.10 10.08 -8.23
C THR A 20 13.83 11.54 -7.87
N THR A 21 12.76 12.10 -8.42
CA THR A 21 12.41 13.49 -8.16
C THR A 21 11.12 13.57 -7.34
N GLU A 22 10.78 14.78 -6.90
CA GLU A 22 9.58 14.99 -6.10
C GLU A 22 8.47 14.05 -6.53
N ARG A 23 8.01 14.20 -7.77
CA ARG A 23 6.94 13.36 -8.30
C ARG A 23 7.22 11.89 -8.03
N VAL A 24 8.40 11.43 -8.45
CA VAL A 24 8.79 10.04 -8.24
C VAL A 24 8.65 9.64 -6.77
N PHE A 25 9.38 10.34 -5.91
CA PHE A 25 9.34 10.05 -4.48
C PHE A 25 7.94 9.64 -4.04
N GLN A 26 6.94 10.44 -4.40
CA GLN A 26 5.56 10.15 -4.05
C GLN A 26 5.05 8.93 -4.80
N ASP A 27 5.17 8.95 -6.12
CA ASP A 27 4.73 7.84 -6.95
C ASP A 27 4.99 6.50 -6.26
N ARG A 28 6.09 6.44 -5.52
CA ARG A 28 6.47 5.22 -4.81
C ARG A 28 5.47 4.92 -3.69
N GLN A 29 5.54 5.71 -2.63
CA GLN A 29 4.64 5.54 -1.49
C GLN A 29 3.23 5.18 -1.95
N TYR A 30 2.86 5.67 -3.12
CA TYR A 30 1.54 5.40 -3.67
C TYR A 30 1.48 4.00 -4.28
N GLN A 31 2.55 3.61 -4.95
CA GLN A 31 2.62 2.29 -5.58
C GLN A 31 2.49 1.18 -4.53
N ILE A 32 3.22 1.31 -3.43
CA ILE A 32 3.18 0.33 -2.37
C ILE A 32 1.86 0.37 -1.62
N ASP A 33 1.51 1.56 -1.12
CA ASP A 33 0.26 1.75 -0.39
C ASP A 33 -0.94 1.34 -1.24
N ALA A 34 -0.90 1.68 -2.51
CA ALA A 34 -1.97 1.35 -3.44
C ALA A 34 -2.18 -0.16 -3.53
N ALA A 35 -1.12 -0.87 -3.91
CA ALA A 35 -1.18 -2.33 -4.03
C ALA A 35 -1.75 -2.95 -2.76
N ILE A 36 -1.40 -2.39 -1.62
CA ILE A 36 -1.87 -2.90 -0.34
C ILE A 36 -3.37 -2.69 -0.18
N VAL A 37 -3.79 -1.43 -0.16
CA VAL A 37 -5.21 -1.09 -0.02
C VAL A 37 -6.06 -1.91 -0.98
N ARG A 38 -5.62 -1.99 -2.24
CA ARG A 38 -6.34 -2.74 -3.25
C ARG A 38 -6.44 -4.21 -2.87
N ILE A 39 -5.29 -4.88 -2.81
CA ILE A 39 -5.25 -6.30 -2.45
C ILE A 39 -6.13 -6.59 -1.25
N MET A 40 -5.87 -5.90 -0.15
CA MET A 40 -6.64 -6.08 1.08
C MET A 40 -8.13 -5.95 0.80
N LYS A 41 -8.53 -4.80 0.26
CA LYS A 41 -9.94 -4.56 -0.05
C LYS A 41 -10.61 -5.83 -0.56
N MET A 42 -10.15 -6.31 -1.72
CA MET A 42 -10.71 -7.51 -2.32
C MET A 42 -10.66 -8.68 -1.33
N ARG A 43 -9.53 -8.83 -0.65
CA ARG A 43 -9.36 -9.90 0.33
C ARG A 43 -9.64 -9.41 1.74
N LYS A 44 -10.87 -9.60 2.20
CA LYS A 44 -11.27 -9.18 3.53
C LYS A 44 -10.12 -9.34 4.52
N THR A 45 -9.56 -10.55 4.58
CA THR A 45 -8.45 -10.83 5.48
C THR A 45 -7.26 -11.42 4.72
N LEU A 46 -6.07 -10.92 5.03
CA LEU A 46 -4.86 -11.41 4.38
C LEU A 46 -3.67 -11.37 5.35
N SER A 47 -2.73 -12.28 5.16
CA SER A 47 -1.55 -12.35 6.01
C SER A 47 -0.33 -11.77 5.30
N HIS A 48 0.60 -11.22 6.07
CA HIS A 48 1.81 -10.63 5.52
C HIS A 48 2.29 -11.42 4.30
N ASN A 49 2.46 -12.72 4.47
CA ASN A 49 2.91 -13.59 3.38
C ASN A 49 2.16 -13.28 2.10
N LEU A 50 0.84 -13.38 2.15
CA LEU A 50 0.00 -13.12 0.99
C LEU A 50 0.11 -11.67 0.56
N LEU A 51 -0.09 -10.76 1.50
CA LEU A 51 -0.02 -9.33 1.22
C LEU A 51 1.24 -9.01 0.41
N VAL A 52 2.39 -9.08 1.05
CA VAL A 52 3.66 -8.80 0.39
C VAL A 52 3.73 -9.48 -0.97
N SER A 53 3.31 -10.74 -1.01
CA SER A 53 3.33 -11.51 -2.25
C SER A 53 2.55 -10.79 -3.35
N GLU A 54 1.24 -10.66 -3.14
CA GLU A 54 0.38 -10.00 -4.11
C GLU A 54 0.96 -8.65 -4.53
N VAL A 55 1.38 -7.86 -3.55
CA VAL A 55 1.96 -6.55 -3.81
C VAL A 55 3.05 -6.64 -4.88
N TYR A 56 4.01 -7.52 -4.67
CA TYR A 56 5.10 -7.70 -5.61
C TYR A 56 4.58 -8.00 -7.01
N ASN A 57 3.57 -8.86 -7.08
CA ASN A 57 2.97 -9.24 -8.36
C ASN A 57 2.39 -8.02 -9.07
N GLN A 58 1.92 -7.06 -8.28
CA GLN A 58 1.34 -5.84 -8.85
C GLN A 58 2.43 -4.83 -9.18
N LEU A 59 3.46 -4.77 -8.35
CA LEU A 59 4.57 -3.84 -8.55
C LEU A 59 5.65 -4.48 -9.44
N LYS A 60 6.04 -3.76 -10.48
CA LYS A 60 7.06 -4.24 -11.40
C LYS A 60 8.42 -4.31 -10.72
N PHE A 61 8.63 -3.45 -9.73
CA PHE A 61 9.88 -3.41 -8.98
C PHE A 61 9.68 -3.86 -7.55
N PRO A 62 10.74 -4.44 -6.95
CA PRO A 62 10.70 -4.92 -5.57
C PRO A 62 10.63 -3.78 -4.55
N VAL A 63 10.28 -4.11 -3.33
CA VAL A 63 10.17 -3.12 -2.26
C VAL A 63 11.03 -3.50 -1.06
N LYS A 64 11.76 -2.52 -0.53
CA LYS A 64 12.63 -2.76 0.62
C LYS A 64 11.81 -3.22 1.82
N PRO A 65 12.49 -3.88 2.78
CA PRO A 65 11.85 -4.38 4.00
C PRO A 65 11.43 -3.26 4.93
N ALA A 66 12.23 -2.20 5.00
CA ALA A 66 11.94 -1.06 5.85
C ALA A 66 10.66 -0.36 5.41
N ASP A 67 10.66 0.13 4.17
CA ASP A 67 9.50 0.83 3.64
C ASP A 67 8.28 -0.09 3.63
N LEU A 68 8.43 -1.26 3.04
CA LEU A 68 7.34 -2.23 2.98
C LEU A 68 6.60 -2.31 4.30
N LYS A 69 7.33 -2.61 5.37
CA LYS A 69 6.75 -2.72 6.70
C LYS A 69 6.07 -1.42 7.10
N LYS A 70 6.84 -0.34 7.17
CA LYS A 70 6.32 0.96 7.54
C LYS A 70 5.00 1.24 6.84
N ARG A 71 4.93 0.89 5.55
CA ARG A 71 3.72 1.11 4.77
C ARG A 71 2.57 0.27 5.31
N ILE A 72 2.82 -1.02 5.53
CA ILE A 72 1.80 -1.92 6.05
C ILE A 72 1.30 -1.46 7.41
N GLU A 73 2.20 -1.43 8.39
CA GLU A 73 1.85 -1.00 9.73
C GLU A 73 1.04 0.29 9.70
N SER A 74 1.62 1.34 9.14
CA SER A 74 0.95 2.63 9.04
C SER A 74 -0.52 2.46 8.66
N LEU A 75 -0.76 1.85 7.51
CA LEU A 75 -2.12 1.62 7.03
C LEU A 75 -3.00 1.07 8.15
N ILE A 76 -2.51 0.03 8.81
CA ILE A 76 -3.25 -0.60 9.90
C ILE A 76 -3.66 0.43 10.95
N ASP A 77 -2.76 1.36 11.23
CA ASP A 77 -3.02 2.40 12.21
C ASP A 77 -3.89 3.52 11.61
N ARG A 78 -3.95 3.55 10.28
CA ARG A 78 -4.73 4.57 9.58
C ARG A 78 -6.21 4.19 9.56
N ASP A 79 -6.56 3.17 10.34
CA ASP A 79 -7.94 2.71 10.41
C ASP A 79 -8.36 2.03 9.10
N TYR A 80 -7.51 1.16 8.60
CA TYR A 80 -7.78 0.45 7.36
C TYR A 80 -7.81 -1.06 7.58
N MET A 81 -6.97 -1.54 8.50
CA MET A 81 -6.90 -2.95 8.81
C MET A 81 -6.69 -3.17 10.31
N GLU A 82 -7.19 -4.28 10.82
CA GLU A 82 -7.06 -4.61 12.23
C GLU A 82 -6.25 -5.90 12.42
N ARG A 83 -5.35 -5.87 13.40
CA ARG A 83 -4.51 -7.03 13.69
C ARG A 83 -5.30 -8.11 14.43
N ASP A 84 -5.48 -9.26 13.79
CA ASP A 84 -6.22 -10.37 14.39
C ASP A 84 -5.68 -10.68 15.78
N LYS A 85 -6.58 -10.69 16.77
CA LYS A 85 -6.20 -10.98 18.14
C LYS A 85 -5.32 -12.22 18.22
N GLU A 86 -5.52 -13.14 17.29
CA GLU A 86 -4.74 -14.38 17.24
C GLU A 86 -3.26 -14.08 16.99
N ASN A 87 -3.01 -13.17 16.06
CA ASN A 87 -1.64 -12.80 15.70
C ASN A 87 -1.63 -11.56 14.82
N PRO A 88 -0.62 -10.69 15.02
CA PRO A 88 -0.46 -9.46 14.26
C PRO A 88 -0.06 -9.72 12.81
N ASN A 89 0.17 -10.99 12.49
CA ASN A 89 0.55 -11.38 11.14
C ASN A 89 -0.65 -11.34 10.19
N GLN A 90 -1.84 -11.55 10.76
CA GLN A 90 -3.06 -11.53 9.97
C GLN A 90 -3.77 -10.19 10.07
N TYR A 91 -4.19 -9.65 8.94
CA TYR A 91 -4.89 -8.37 8.91
C TYR A 91 -6.29 -8.52 8.32
N ASN A 92 -7.25 -7.80 8.90
CA ASN A 92 -8.63 -7.85 8.45
C ASN A 92 -9.07 -6.51 7.88
N TYR A 93 -9.98 -6.55 6.91
CA TYR A 93 -10.48 -5.33 6.28
C TYR A 93 -11.54 -4.66 7.16
N ILE A 94 -11.33 -3.39 7.45
CA ILE A 94 -12.27 -2.63 8.27
C ILE A 94 -12.83 -1.43 7.52
N ALA A 95 -12.00 -0.85 6.65
CA ALA A 95 -12.40 0.30 5.86
C ALA A 95 -13.48 -0.08 4.85
N SER A 96 -14.44 0.82 4.64
CA SER A 96 -15.54 0.58 3.71
C SER A 96 -15.17 1.07 2.31
N GLY A 97 -14.79 2.33 2.21
CA GLY A 97 -14.42 2.90 0.93
C GLY A 97 -15.02 4.26 0.69
N PRO A 98 -16.18 4.29 0.01
CA PRO A 98 -16.89 5.54 -0.29
C PRO A 98 -17.50 6.17 0.95
N SER A 99 -16.74 7.04 1.60
CA SER A 99 -17.20 7.72 2.81
C SER A 99 -16.40 8.99 3.07
N SER A 100 -16.97 9.89 3.87
CA SER A 100 -16.32 11.15 4.20
C SER A 100 -16.87 11.73 5.48
N GLY A 101 -16.13 12.68 6.07
CA GLY A 101 -16.57 13.29 7.31
C GLY A 101 -17.10 14.70 7.09
N GLY A 1 13.69 16.68 8.50
CA GLY A 1 13.75 16.28 9.90
C GLY A 1 14.60 17.23 10.73
N SER A 2 14.37 18.53 10.56
CA SER A 2 15.13 19.54 11.30
C SER A 2 14.44 20.90 11.21
N SER A 3 14.55 21.68 12.28
CA SER A 3 13.94 23.01 12.33
C SER A 3 14.31 23.82 11.09
N GLY A 4 13.31 24.36 10.42
CA GLY A 4 13.55 25.15 9.22
C GLY A 4 12.30 25.85 8.72
N SER A 5 12.14 25.90 7.40
CA SER A 5 10.98 26.54 6.79
C SER A 5 10.91 28.01 7.19
N SER A 6 12.05 28.68 7.17
CA SER A 6 12.13 30.09 7.53
C SER A 6 11.14 30.91 6.71
N GLY A 7 10.18 31.52 7.39
CA GLY A 7 9.18 32.33 6.71
C GLY A 7 8.25 31.49 5.85
N ILE A 8 7.74 32.10 4.77
CA ILE A 8 6.84 31.40 3.87
C ILE A 8 7.34 31.46 2.43
N GLN A 9 8.64 31.26 2.27
CA GLN A 9 9.26 31.29 0.94
C GLN A 9 8.56 30.32 0.00
N MET A 10 8.70 30.56 -1.31
CA MET A 10 8.08 29.70 -2.30
C MET A 10 9.06 29.38 -3.43
N LYS A 11 9.00 28.14 -3.93
CA LYS A 11 9.88 27.71 -5.00
C LYS A 11 9.09 27.43 -6.28
N GLU A 12 9.68 27.76 -7.42
CA GLU A 12 9.02 27.55 -8.71
C GLU A 12 9.43 26.19 -9.29
N THR A 13 8.82 25.85 -10.42
CA THR A 13 9.10 24.58 -11.08
C THR A 13 9.63 24.80 -12.50
N VAL A 14 10.59 23.98 -12.91
CA VAL A 14 11.18 24.09 -14.24
C VAL A 14 10.70 22.97 -15.15
N GLU A 15 10.15 23.34 -16.30
CA GLU A 15 9.64 22.36 -17.25
C GLU A 15 10.79 21.71 -18.01
N GLU A 16 11.23 20.54 -17.52
CA GLU A 16 12.32 19.82 -18.15
C GLU A 16 12.02 18.32 -18.19
N GLN A 17 12.61 17.63 -19.16
CA GLN A 17 12.40 16.19 -19.31
C GLN A 17 13.72 15.43 -19.14
N ALA A 18 13.91 14.84 -17.96
CA ALA A 18 15.12 14.08 -17.68
C ALA A 18 14.78 12.68 -17.19
N SER A 19 15.80 11.83 -17.13
CA SER A 19 15.61 10.45 -16.68
C SER A 19 15.63 10.36 -15.16
N THR A 20 16.66 10.92 -14.55
CA THR A 20 16.80 10.91 -13.09
C THR A 20 16.11 12.12 -12.47
N THR A 21 15.27 11.88 -11.48
CA THR A 21 14.56 12.95 -10.79
C THR A 21 14.30 12.60 -9.33
N GLU A 22 13.65 13.51 -8.62
CA GLU A 22 13.33 13.29 -7.21
C GLU A 22 11.88 12.87 -7.03
N ARG A 23 10.99 13.47 -7.81
CA ARG A 23 9.57 13.16 -7.75
C ARG A 23 9.33 11.68 -8.05
N VAL A 24 10.28 11.06 -8.74
CA VAL A 24 10.16 9.65 -9.09
C VAL A 24 10.36 8.75 -7.87
N PHE A 25 10.73 9.37 -6.74
CA PHE A 25 10.95 8.64 -5.51
C PHE A 25 9.64 8.42 -4.77
N GLN A 26 8.79 9.45 -4.75
CA GLN A 26 7.51 9.35 -4.07
C GLN A 26 6.60 8.34 -4.76
N ASP A 27 6.42 8.50 -6.06
CA ASP A 27 5.57 7.59 -6.83
C ASP A 27 5.66 6.17 -6.28
N ARG A 28 6.86 5.79 -5.86
CA ARG A 28 7.08 4.45 -5.33
C ARG A 28 6.23 4.22 -4.08
N GLN A 29 6.62 4.85 -2.98
CA GLN A 29 5.90 4.72 -1.72
C GLN A 29 4.39 4.68 -1.96
N TYR A 30 3.95 5.42 -2.97
CA TYR A 30 2.52 5.48 -3.31
C TYR A 30 2.06 4.17 -3.94
N GLN A 31 2.90 3.60 -4.78
CA GLN A 31 2.58 2.34 -5.46
C GLN A 31 2.44 1.20 -4.45
N ILE A 32 3.21 1.29 -3.37
CA ILE A 32 3.18 0.27 -2.33
C ILE A 32 1.90 0.37 -1.49
N ASP A 33 1.71 1.52 -0.86
CA ASP A 33 0.54 1.75 -0.02
C ASP A 33 -0.74 1.47 -0.82
N ALA A 34 -0.80 1.97 -2.04
CA ALA A 34 -1.96 1.78 -2.90
C ALA A 34 -2.23 0.30 -3.13
N ALA A 35 -1.23 -0.41 -3.63
CA ALA A 35 -1.35 -1.84 -3.89
C ALA A 35 -1.86 -2.58 -2.66
N ILE A 36 -1.31 -2.24 -1.51
CA ILE A 36 -1.71 -2.88 -0.25
C ILE A 36 -3.20 -2.69 0.01
N VAL A 37 -3.61 -1.43 0.09
CA VAL A 37 -5.01 -1.11 0.34
C VAL A 37 -5.94 -1.90 -0.58
N ARG A 38 -5.67 -1.79 -1.88
CA ARG A 38 -6.47 -2.50 -2.88
C ARG A 38 -6.52 -4.00 -2.58
N ILE A 39 -5.35 -4.61 -2.53
CA ILE A 39 -5.25 -6.04 -2.26
C ILE A 39 -6.06 -6.42 -1.02
N MET A 40 -5.71 -5.83 0.11
CA MET A 40 -6.40 -6.09 1.36
C MET A 40 -7.90 -5.91 1.20
N LYS A 41 -8.29 -4.84 0.52
CA LYS A 41 -9.70 -4.54 0.30
C LYS A 41 -10.42 -5.74 -0.33
N MET A 42 -9.96 -6.14 -1.51
CA MET A 42 -10.55 -7.28 -2.20
C MET A 42 -10.56 -8.51 -1.32
N ARG A 43 -9.46 -8.74 -0.60
CA ARG A 43 -9.36 -9.89 0.28
C ARG A 43 -9.73 -9.52 1.71
N LYS A 44 -10.98 -9.81 2.09
CA LYS A 44 -11.47 -9.50 3.42
C LYS A 44 -10.36 -9.66 4.45
N THR A 45 -9.69 -10.81 4.43
CA THR A 45 -8.60 -11.09 5.37
C THR A 45 -7.39 -11.65 4.65
N LEU A 46 -6.21 -11.11 4.96
CA LEU A 46 -4.97 -11.57 4.35
C LEU A 46 -3.84 -11.60 5.36
N SER A 47 -2.93 -12.56 5.21
CA SER A 47 -1.80 -12.69 6.12
C SER A 47 -0.58 -11.97 5.57
N HIS A 48 0.24 -11.45 6.47
CA HIS A 48 1.46 -10.73 6.08
C HIS A 48 2.07 -11.35 4.83
N ASN A 49 2.36 -12.64 4.89
CA ASN A 49 2.96 -13.36 3.77
C ASN A 49 2.15 -13.13 2.50
N LEU A 50 0.84 -13.37 2.58
CA LEU A 50 -0.04 -13.20 1.44
C LEU A 50 -0.03 -11.75 0.96
N LEU A 51 0.10 -10.82 1.90
CA LEU A 51 0.12 -9.40 1.58
C LEU A 51 1.34 -9.05 0.74
N VAL A 52 2.52 -9.19 1.33
CA VAL A 52 3.76 -8.89 0.63
C VAL A 52 3.79 -9.54 -0.75
N SER A 53 3.25 -10.75 -0.84
CA SER A 53 3.22 -11.48 -2.10
C SER A 53 2.39 -10.73 -3.14
N GLU A 54 1.13 -10.46 -2.80
CA GLU A 54 0.24 -9.74 -3.71
C GLU A 54 0.89 -8.45 -4.19
N VAL A 55 1.28 -7.59 -3.25
CA VAL A 55 1.90 -6.32 -3.58
C VAL A 55 2.96 -6.49 -4.67
N TYR A 56 3.94 -7.35 -4.39
CA TYR A 56 5.02 -7.61 -5.34
C TYR A 56 4.46 -7.93 -6.72
N ASN A 57 3.37 -8.69 -6.75
CA ASN A 57 2.73 -9.08 -8.00
C ASN A 57 2.24 -7.85 -8.76
N GLN A 58 1.76 -6.85 -8.01
CA GLN A 58 1.24 -5.63 -8.61
C GLN A 58 2.38 -4.69 -9.00
N LEU A 59 3.48 -4.76 -8.24
CA LEU A 59 4.64 -3.93 -8.51
C LEU A 59 5.72 -4.71 -9.24
N LYS A 60 6.05 -4.25 -10.45
CA LYS A 60 7.08 -4.90 -11.25
C LYS A 60 8.47 -4.45 -10.83
N PHE A 61 8.56 -3.85 -9.65
CA PHE A 61 9.84 -3.38 -9.13
C PHE A 61 10.01 -3.78 -7.67
N PRO A 62 11.27 -3.98 -7.26
CA PRO A 62 11.61 -4.38 -5.89
C PRO A 62 11.35 -3.26 -4.89
N VAL A 63 10.83 -3.62 -3.71
CA VAL A 63 10.54 -2.65 -2.68
C VAL A 63 11.31 -2.97 -1.39
N LYS A 64 12.12 -2.01 -0.94
CA LYS A 64 12.91 -2.19 0.27
C LYS A 64 12.05 -2.73 1.40
N PRO A 65 12.69 -3.45 2.35
CA PRO A 65 12.00 -4.04 3.50
C PRO A 65 11.53 -2.98 4.49
N ALA A 66 12.28 -1.89 4.60
CA ALA A 66 11.94 -0.80 5.50
C ALA A 66 10.64 -0.12 5.07
N ASP A 67 10.57 0.23 3.79
CA ASP A 67 9.39 0.89 3.24
C ASP A 67 8.19 -0.05 3.24
N LEU A 68 8.41 -1.27 2.73
CA LEU A 68 7.34 -2.26 2.65
C LEU A 68 6.67 -2.44 4.01
N LYS A 69 7.43 -2.90 5.00
CA LYS A 69 6.92 -3.10 6.34
C LYS A 69 6.21 -1.85 6.85
N LYS A 70 6.90 -0.71 6.76
CA LYS A 70 6.34 0.56 7.21
C LYS A 70 4.96 0.80 6.59
N ARG A 71 4.87 0.61 5.28
CA ARG A 71 3.61 0.80 4.57
C ARG A 71 2.51 -0.08 5.16
N ILE A 72 2.85 -1.31 5.47
CA ILE A 72 1.90 -2.25 6.05
C ILE A 72 1.38 -1.76 7.39
N GLU A 73 2.29 -1.67 8.37
CA GLU A 73 1.93 -1.21 9.70
C GLU A 73 1.11 0.08 9.63
N SER A 74 1.70 1.12 9.06
CA SER A 74 1.02 2.41 8.93
C SER A 74 -0.43 2.22 8.51
N LEU A 75 -0.63 1.73 7.30
CA LEU A 75 -1.97 1.51 6.77
C LEU A 75 -2.90 0.96 7.86
N ILE A 76 -2.45 -0.10 8.53
CA ILE A 76 -3.24 -0.71 9.60
C ILE A 76 -3.65 0.32 10.63
N ASP A 77 -2.75 1.25 10.92
CA ASP A 77 -3.03 2.30 11.89
C ASP A 77 -3.94 3.38 11.31
N ARG A 78 -4.04 3.40 9.98
CA ARG A 78 -4.87 4.37 9.30
C ARG A 78 -6.32 3.90 9.23
N ASP A 79 -6.70 3.05 10.18
CA ASP A 79 -8.06 2.52 10.23
C ASP A 79 -8.42 1.81 8.92
N TYR A 80 -7.41 1.22 8.29
CA TYR A 80 -7.61 0.51 7.03
C TYR A 80 -7.68 -1.00 7.25
N MET A 81 -6.87 -1.48 8.19
CA MET A 81 -6.84 -2.91 8.50
C MET A 81 -6.54 -3.13 9.98
N GLU A 82 -7.18 -4.14 10.56
CA GLU A 82 -6.99 -4.45 11.97
C GLU A 82 -6.37 -5.84 12.14
N ARG A 83 -5.44 -5.96 13.08
CA ARG A 83 -4.77 -7.23 13.34
C ARG A 83 -5.67 -8.17 14.13
N ASP A 84 -5.70 -9.43 13.75
CA ASP A 84 -6.51 -10.43 14.42
C ASP A 84 -5.82 -10.94 15.67
N LYS A 85 -6.61 -11.28 16.68
CA LYS A 85 -6.08 -11.78 17.94
C LYS A 85 -5.53 -13.20 17.78
N GLU A 86 -6.24 -14.02 17.03
CA GLU A 86 -5.82 -15.39 16.78
C GLU A 86 -4.36 -15.45 16.37
N ASN A 87 -3.94 -14.49 15.57
CA ASN A 87 -2.56 -14.43 15.11
C ASN A 87 -2.21 -13.04 14.59
N PRO A 88 -1.03 -12.54 14.96
CA PRO A 88 -0.55 -11.22 14.53
C PRO A 88 -0.23 -11.17 13.04
N ASN A 89 -0.32 -12.32 12.38
CA ASN A 89 -0.03 -12.39 10.95
C ASN A 89 -1.33 -12.43 10.14
N GLN A 90 -2.39 -11.88 10.71
CA GLN A 90 -3.68 -11.84 10.04
C GLN A 90 -4.28 -10.44 10.07
N TYR A 91 -4.59 -9.90 8.89
CA TYR A 91 -5.16 -8.56 8.79
C TYR A 91 -6.59 -8.62 8.27
N ASN A 92 -7.49 -7.93 8.97
CA ASN A 92 -8.89 -7.91 8.57
C ASN A 92 -9.25 -6.58 7.91
N TYR A 93 -10.23 -6.61 7.01
CA TYR A 93 -10.67 -5.43 6.29
C TYR A 93 -11.67 -4.63 7.13
N ILE A 94 -11.43 -3.32 7.25
CA ILE A 94 -12.31 -2.46 8.02
C ILE A 94 -12.76 -1.26 7.18
N ALA A 95 -11.86 -0.76 6.34
CA ALA A 95 -12.17 0.38 5.48
C ALA A 95 -13.55 0.23 4.84
N SER A 96 -14.49 1.05 5.30
CA SER A 96 -15.86 1.01 4.78
C SER A 96 -16.02 1.98 3.62
N GLY A 97 -14.94 2.20 2.87
CA GLY A 97 -14.99 3.12 1.75
C GLY A 97 -15.84 2.59 0.61
N PRO A 98 -16.46 3.50 -0.14
CA PRO A 98 -17.31 3.15 -1.28
C PRO A 98 -16.52 2.58 -2.45
N SER A 99 -17.03 1.50 -3.04
CA SER A 99 -16.37 0.86 -4.16
C SER A 99 -17.09 1.16 -5.47
N SER A 100 -16.33 1.25 -6.56
CA SER A 100 -16.90 1.54 -7.87
C SER A 100 -18.21 0.80 -8.07
N GLY A 101 -18.17 -0.52 -7.90
CA GLY A 101 -19.36 -1.33 -8.06
C GLY A 101 -19.14 -2.78 -7.69
N GLY A 1 4.95 -25.29 16.61
CA GLY A 1 6.33 -25.05 17.00
C GLY A 1 6.99 -23.97 16.16
N SER A 2 7.45 -22.92 16.82
CA SER A 2 8.10 -21.81 16.12
C SER A 2 9.60 -22.06 15.99
N SER A 3 10.15 -21.71 14.83
CA SER A 3 11.57 -21.90 14.58
C SER A 3 12.16 -20.69 13.84
N GLY A 4 13.48 -20.54 13.92
CA GLY A 4 14.14 -19.43 13.26
C GLY A 4 13.41 -18.11 13.48
N SER A 5 13.35 -17.29 12.44
CA SER A 5 12.70 -15.99 12.51
C SER A 5 13.18 -15.21 13.74
N SER A 6 14.49 -15.25 13.98
CA SER A 6 15.08 -14.56 15.10
C SER A 6 15.69 -13.23 14.66
N GLY A 7 16.41 -13.25 13.55
CA GLY A 7 17.03 -12.05 13.04
C GLY A 7 17.86 -12.31 11.79
N ILE A 8 17.36 -11.85 10.65
CA ILE A 8 18.07 -12.03 9.38
C ILE A 8 19.37 -11.25 9.36
N GLN A 9 20.37 -11.80 8.69
CA GLN A 9 21.68 -11.15 8.59
C GLN A 9 21.66 -10.07 7.51
N MET A 10 21.65 -8.81 7.94
CA MET A 10 21.65 -7.68 7.01
C MET A 10 22.77 -6.71 7.33
N LYS A 11 23.80 -6.71 6.49
CA LYS A 11 24.95 -5.83 6.69
C LYS A 11 24.83 -4.60 5.79
N GLU A 12 24.19 -3.56 6.31
CA GLU A 12 24.00 -2.32 5.56
C GLU A 12 24.98 -1.25 6.03
N THR A 13 25.44 -0.42 5.10
CA THR A 13 26.38 0.65 5.42
C THR A 13 25.76 2.03 5.19
N VAL A 14 26.14 2.99 6.02
CA VAL A 14 25.62 4.35 5.90
C VAL A 14 26.45 5.17 4.92
N GLU A 15 25.76 5.87 4.02
CA GLU A 15 26.43 6.69 3.02
C GLU A 15 26.29 8.18 3.37
N GLU A 16 27.01 9.02 2.63
CA GLU A 16 26.98 10.45 2.85
C GLU A 16 26.06 11.14 1.86
N GLN A 17 26.13 10.71 0.61
CA GLN A 17 25.29 11.28 -0.45
C GLN A 17 24.54 10.20 -1.21
N ALA A 18 23.51 10.60 -1.95
CA ALA A 18 22.72 9.65 -2.72
C ALA A 18 21.85 10.38 -3.75
N SER A 19 21.48 9.67 -4.81
CA SER A 19 20.65 10.25 -5.86
C SER A 19 19.19 9.84 -5.69
N THR A 20 18.46 10.58 -4.85
CA THR A 20 17.06 10.29 -4.60
C THR A 20 16.19 11.52 -4.87
N THR A 21 15.19 11.35 -5.73
CA THR A 21 14.29 12.44 -6.08
C THR A 21 12.93 12.25 -5.42
N GLU A 22 12.31 13.36 -5.04
CA GLU A 22 11.00 13.33 -4.39
C GLU A 22 9.93 12.81 -5.36
N ARG A 23 9.95 13.32 -6.59
CA ARG A 23 8.98 12.91 -7.60
C ARG A 23 8.81 11.40 -7.59
N VAL A 24 9.92 10.67 -7.59
CA VAL A 24 9.89 9.22 -7.60
C VAL A 24 9.47 8.68 -6.23
N PHE A 25 9.66 9.49 -5.19
CA PHE A 25 9.30 9.09 -3.84
C PHE A 25 7.79 9.01 -3.68
N GLN A 26 7.11 10.12 -3.96
CA GLN A 26 5.66 10.18 -3.86
C GLN A 26 5.00 9.05 -4.63
N ASP A 27 5.28 9.00 -5.93
CA ASP A 27 4.72 7.96 -6.80
C ASP A 27 4.95 6.58 -6.20
N ARG A 28 6.17 6.33 -5.73
CA ARG A 28 6.52 5.05 -5.15
C ARG A 28 5.62 4.73 -3.96
N GLN A 29 5.80 5.48 -2.88
CA GLN A 29 5.00 5.28 -1.67
C GLN A 29 3.55 4.96 -2.03
N TYR A 30 3.06 5.57 -3.09
CA TYR A 30 1.68 5.36 -3.54
C TYR A 30 1.52 3.97 -4.15
N GLN A 31 2.50 3.57 -4.96
CA GLN A 31 2.47 2.26 -5.61
C GLN A 31 2.34 1.15 -4.57
N ILE A 32 3.12 1.24 -3.52
CA ILE A 32 3.10 0.23 -2.46
C ILE A 32 1.81 0.32 -1.65
N ASP A 33 1.58 1.47 -1.03
CA ASP A 33 0.37 1.67 -0.22
C ASP A 33 -0.87 1.27 -1.01
N ALA A 34 -0.97 1.76 -2.25
CA ALA A 34 -2.11 1.45 -3.10
C ALA A 34 -2.28 -0.05 -3.28
N ALA A 35 -1.20 -0.71 -3.69
CA ALA A 35 -1.22 -2.15 -3.90
C ALA A 35 -1.72 -2.88 -2.65
N ILE A 36 -1.21 -2.46 -1.50
CA ILE A 36 -1.59 -3.08 -0.22
C ILE A 36 -3.08 -2.90 0.04
N VAL A 37 -3.53 -1.64 0.04
CA VAL A 37 -4.93 -1.33 0.29
C VAL A 37 -5.83 -2.08 -0.68
N ARG A 38 -5.51 -2.01 -1.97
CA ARG A 38 -6.29 -2.69 -3.00
C ARG A 38 -6.39 -4.18 -2.71
N ILE A 39 -5.24 -4.80 -2.40
CA ILE A 39 -5.19 -6.22 -2.10
C ILE A 39 -6.02 -6.55 -0.86
N MET A 40 -5.69 -5.91 0.25
CA MET A 40 -6.39 -6.14 1.50
C MET A 40 -7.89 -5.93 1.33
N LYS A 41 -8.26 -4.86 0.62
CA LYS A 41 -9.67 -4.55 0.38
C LYS A 41 -10.38 -5.74 -0.25
N MET A 42 -9.82 -6.26 -1.34
CA MET A 42 -10.41 -7.39 -2.03
C MET A 42 -10.50 -8.60 -1.12
N ARG A 43 -9.39 -8.92 -0.45
CA ARG A 43 -9.35 -10.05 0.47
C ARG A 43 -9.73 -9.63 1.89
N LYS A 44 -10.98 -9.87 2.25
CA LYS A 44 -11.47 -9.52 3.58
C LYS A 44 -10.38 -9.68 4.63
N THR A 45 -9.64 -10.78 4.54
CA THR A 45 -8.56 -11.06 5.49
C THR A 45 -7.37 -11.68 4.78
N LEU A 46 -6.19 -11.11 4.99
CA LEU A 46 -4.97 -11.61 4.38
C LEU A 46 -3.79 -11.50 5.33
N SER A 47 -2.81 -12.37 5.17
CA SER A 47 -1.63 -12.37 6.02
C SER A 47 -0.50 -11.57 5.38
N HIS A 48 0.62 -11.48 6.08
CA HIS A 48 1.79 -10.74 5.59
C HIS A 48 2.37 -11.42 4.36
N ASN A 49 2.59 -12.73 4.46
CA ASN A 49 3.16 -13.49 3.35
C ASN A 49 2.34 -13.28 2.08
N LEU A 50 1.05 -13.58 2.14
CA LEU A 50 0.17 -13.42 1.00
C LEU A 50 0.07 -11.96 0.58
N LEU A 51 0.09 -11.07 1.58
CA LEU A 51 0.00 -9.63 1.32
C LEU A 51 1.16 -9.17 0.44
N VAL A 52 2.35 -9.15 1.03
CA VAL A 52 3.55 -8.72 0.31
C VAL A 52 3.63 -9.40 -1.06
N SER A 53 3.25 -10.66 -1.11
CA SER A 53 3.28 -11.42 -2.36
C SER A 53 2.47 -10.71 -3.44
N GLU A 54 1.19 -10.50 -3.18
CA GLU A 54 0.31 -9.84 -4.13
C GLU A 54 0.87 -8.48 -4.54
N VAL A 55 1.29 -7.71 -3.55
CA VAL A 55 1.85 -6.38 -3.80
C VAL A 55 2.94 -6.43 -4.87
N TYR A 56 3.96 -7.25 -4.61
CA TYR A 56 5.07 -7.39 -5.55
C TYR A 56 4.56 -7.69 -6.95
N ASN A 57 3.61 -8.61 -7.05
CA ASN A 57 3.04 -8.98 -8.34
C ASN A 57 2.45 -7.77 -9.05
N GLN A 58 1.91 -6.84 -8.27
CA GLN A 58 1.32 -5.62 -8.83
C GLN A 58 2.40 -4.60 -9.18
N LEU A 59 3.43 -4.55 -8.36
CA LEU A 59 4.53 -3.63 -8.58
C LEU A 59 5.61 -4.24 -9.47
N LYS A 60 5.95 -3.54 -10.55
CA LYS A 60 6.97 -4.03 -11.48
C LYS A 60 8.33 -4.12 -10.80
N PHE A 61 8.52 -3.34 -9.75
CA PHE A 61 9.77 -3.34 -9.01
C PHE A 61 9.56 -3.80 -7.58
N PRO A 62 10.60 -4.40 -6.99
CA PRO A 62 10.56 -4.91 -5.60
C PRO A 62 10.49 -3.78 -4.58
N VAL A 63 10.23 -4.15 -3.33
CA VAL A 63 10.14 -3.17 -2.26
C VAL A 63 11.03 -3.56 -1.08
N LYS A 64 11.69 -2.58 -0.48
CA LYS A 64 12.57 -2.82 0.65
C LYS A 64 11.78 -3.26 1.87
N PRO A 65 12.48 -3.90 2.83
CA PRO A 65 11.86 -4.39 4.07
C PRO A 65 11.42 -3.26 4.99
N ALA A 66 12.33 -2.31 5.22
CA ALA A 66 12.04 -1.16 6.08
C ALA A 66 10.74 -0.47 5.65
N ASP A 67 10.71 0.00 4.41
CA ASP A 67 9.54 0.68 3.88
C ASP A 67 8.31 -0.24 3.91
N LEU A 68 8.39 -1.34 3.18
CA LEU A 68 7.29 -2.30 3.13
C LEU A 68 6.58 -2.39 4.47
N LYS A 69 7.32 -2.75 5.51
CA LYS A 69 6.76 -2.87 6.85
C LYS A 69 6.06 -1.57 7.26
N LYS A 70 6.75 -0.44 7.08
CA LYS A 70 6.20 0.85 7.43
C LYS A 70 4.87 1.09 6.72
N ARG A 71 4.81 0.72 5.45
CA ARG A 71 3.59 0.89 4.66
C ARG A 71 2.44 0.07 5.24
N ILE A 72 2.69 -1.21 5.47
CA ILE A 72 1.68 -2.10 6.03
C ILE A 72 1.18 -1.58 7.38
N GLU A 73 2.10 -1.43 8.33
CA GLU A 73 1.75 -0.95 9.66
C GLU A 73 0.99 0.37 9.57
N SER A 74 1.54 1.31 8.81
CA SER A 74 0.92 2.62 8.64
C SER A 74 -0.56 2.48 8.28
N LEU A 75 -0.82 1.79 7.18
CA LEU A 75 -2.18 1.58 6.71
C LEU A 75 -3.06 1.00 7.82
N ILE A 76 -2.55 -0.01 8.51
CA ILE A 76 -3.28 -0.64 9.60
C ILE A 76 -3.73 0.40 10.64
N ASP A 77 -2.86 1.37 10.90
CA ASP A 77 -3.16 2.42 11.86
C ASP A 77 -3.98 3.54 11.21
N ARG A 78 -4.01 3.54 9.88
CA ARG A 78 -4.75 4.55 9.13
C ARG A 78 -6.21 4.16 9.00
N ASP A 79 -6.71 3.38 9.94
CA ASP A 79 -8.10 2.94 9.93
C ASP A 79 -8.43 2.23 8.62
N TYR A 80 -7.58 1.27 8.24
CA TYR A 80 -7.78 0.51 7.01
C TYR A 80 -7.73 -0.99 7.27
N MET A 81 -6.85 -1.39 8.18
CA MET A 81 -6.69 -2.80 8.51
C MET A 81 -6.52 -2.99 10.02
N GLU A 82 -6.86 -4.17 10.51
CA GLU A 82 -6.75 -4.47 11.93
C GLU A 82 -5.98 -5.77 12.16
N ARG A 83 -5.16 -5.80 13.20
CA ARG A 83 -4.38 -6.98 13.53
C ARG A 83 -5.26 -8.06 14.17
N ASP A 84 -5.43 -9.17 13.46
CA ASP A 84 -6.25 -10.27 13.97
C ASP A 84 -5.88 -10.60 15.42
N LYS A 85 -6.85 -10.46 16.31
CA LYS A 85 -6.63 -10.74 17.72
C LYS A 85 -5.80 -12.01 17.90
N GLU A 86 -6.01 -12.98 17.02
CA GLU A 86 -5.27 -14.24 17.08
C GLU A 86 -3.78 -14.00 16.90
N ASN A 87 -3.43 -13.21 15.89
CA ASN A 87 -2.03 -12.90 15.60
C ASN A 87 -1.91 -11.62 14.78
N PRO A 88 -0.87 -10.82 15.06
CA PRO A 88 -0.61 -9.57 14.36
C PRO A 88 -0.18 -9.78 12.92
N ASN A 89 -0.04 -11.05 12.53
CA ASN A 89 0.36 -11.39 11.17
C ASN A 89 -0.82 -11.27 10.21
N GLN A 90 -1.99 -11.67 10.67
CA GLN A 90 -3.20 -11.60 9.84
C GLN A 90 -3.91 -10.26 10.01
N TYR A 91 -4.29 -9.66 8.89
CA TYR A 91 -4.98 -8.37 8.92
C TYR A 91 -6.39 -8.49 8.36
N ASN A 92 -7.33 -7.75 8.94
CA ASN A 92 -8.72 -7.77 8.51
C ASN A 92 -9.13 -6.43 7.92
N TYR A 93 -10.06 -6.45 6.98
CA TYR A 93 -10.54 -5.23 6.34
C TYR A 93 -11.48 -4.46 7.26
N ILE A 94 -11.15 -3.20 7.52
CA ILE A 94 -11.97 -2.37 8.38
C ILE A 94 -12.46 -1.13 7.64
N ALA A 95 -11.58 -0.55 6.82
CA ALA A 95 -11.92 0.64 6.04
C ALA A 95 -13.35 0.55 5.50
N SER A 96 -13.97 1.71 5.29
CA SER A 96 -15.33 1.76 4.79
C SER A 96 -15.38 2.44 3.42
N GLY A 97 -15.21 1.66 2.37
CA GLY A 97 -15.25 2.19 1.02
C GLY A 97 -16.50 1.82 0.27
N PRO A 98 -16.38 0.83 -0.64
CA PRO A 98 -17.50 0.36 -1.45
C PRO A 98 -18.53 -0.40 -0.61
N SER A 99 -19.46 0.34 -0.02
CA SER A 99 -20.50 -0.27 0.80
C SER A 99 -21.30 -1.30 0.01
N SER A 100 -21.21 -2.56 0.42
CA SER A 100 -21.92 -3.64 -0.25
C SER A 100 -23.37 -3.72 0.23
N GLY A 101 -23.54 -3.67 1.55
CA GLY A 101 -24.87 -3.74 2.13
C GLY A 101 -24.91 -4.55 3.40
N GLY A 1 -18.97 31.76 -36.37
CA GLY A 1 -18.45 30.88 -35.35
C GLY A 1 -16.98 30.54 -35.56
N SER A 2 -16.43 29.72 -34.67
CA SER A 2 -15.03 29.32 -34.76
C SER A 2 -14.71 28.23 -33.75
N SER A 3 -13.83 27.31 -34.14
CA SER A 3 -13.44 26.21 -33.27
C SER A 3 -12.18 25.51 -33.80
N GLY A 4 -11.45 24.87 -32.90
CA GLY A 4 -10.24 24.17 -33.30
C GLY A 4 -9.39 23.77 -32.11
N SER A 5 -8.24 23.15 -32.38
CA SER A 5 -7.35 22.70 -31.33
C SER A 5 -5.89 22.78 -31.78
N SER A 6 -4.97 22.54 -30.85
CA SER A 6 -3.55 22.58 -31.15
C SER A 6 -2.78 21.58 -30.30
N GLY A 7 -1.65 21.12 -30.81
CA GLY A 7 -0.83 20.16 -30.09
C GLY A 7 0.62 20.59 -29.99
N ILE A 8 1.23 20.31 -28.84
CA ILE A 8 2.63 20.67 -28.62
C ILE A 8 3.43 19.47 -28.14
N GLN A 9 4.09 18.80 -29.08
CA GLN A 9 4.90 17.63 -28.74
C GLN A 9 6.38 17.90 -29.02
N MET A 10 7.20 17.79 -27.98
CA MET A 10 8.64 18.01 -28.12
C MET A 10 9.43 16.98 -27.32
N LYS A 11 10.07 16.07 -28.03
CA LYS A 11 10.87 15.02 -27.40
C LYS A 11 12.24 15.55 -26.97
N GLU A 12 12.72 15.09 -25.82
CA GLU A 12 14.01 15.52 -25.30
C GLU A 12 14.76 14.36 -24.66
N THR A 13 16.08 14.50 -24.54
CA THR A 13 16.91 13.46 -23.94
C THR A 13 17.39 13.86 -22.55
N VAL A 14 17.64 12.87 -21.72
CA VAL A 14 18.11 13.13 -20.35
C VAL A 14 19.53 12.62 -20.16
N GLU A 15 20.27 13.27 -19.26
CA GLU A 15 21.64 12.88 -18.98
C GLU A 15 21.70 11.84 -17.87
N GLU A 16 22.65 10.91 -17.98
CA GLU A 16 22.81 9.86 -16.98
C GLU A 16 22.88 10.44 -15.58
N GLN A 17 21.96 10.04 -14.72
CA GLN A 17 21.92 10.53 -13.35
C GLN A 17 21.16 9.56 -12.44
N ALA A 18 21.53 9.53 -11.17
CA ALA A 18 20.88 8.64 -10.21
C ALA A 18 19.38 8.87 -10.19
N SER A 19 18.97 10.13 -10.05
CA SER A 19 17.56 10.48 -10.02
C SER A 19 17.18 11.35 -11.20
N THR A 20 16.62 10.75 -12.23
CA THR A 20 16.21 11.47 -13.43
C THR A 20 15.17 12.53 -13.10
N THR A 21 14.12 12.12 -12.39
CA THR A 21 13.05 13.04 -12.02
C THR A 21 12.78 12.98 -10.51
N GLU A 22 11.99 13.93 -10.02
CA GLU A 22 11.66 13.98 -8.61
C GLU A 22 10.36 13.25 -8.33
N ARG A 23 9.34 13.52 -9.15
CA ARG A 23 8.04 12.89 -8.99
C ARG A 23 8.18 11.38 -8.84
N VAL A 24 8.98 10.77 -9.72
CA VAL A 24 9.20 9.33 -9.68
C VAL A 24 9.47 8.86 -8.25
N PHE A 25 10.29 9.62 -7.53
CA PHE A 25 10.64 9.28 -6.15
C PHE A 25 9.39 8.91 -5.36
N GLN A 26 8.46 9.85 -5.26
CA GLN A 26 7.22 9.62 -4.52
C GLN A 26 6.37 8.56 -5.19
N ASP A 27 6.17 8.70 -6.50
CA ASP A 27 5.38 7.74 -7.26
C ASP A 27 5.57 6.32 -6.71
N ARG A 28 6.77 6.04 -6.22
CA ARG A 28 7.07 4.72 -5.66
C ARG A 28 6.27 4.46 -4.40
N GLN A 29 6.62 5.15 -3.32
CA GLN A 29 5.92 4.98 -2.05
C GLN A 29 4.42 4.84 -2.27
N TYR A 30 3.90 5.53 -3.28
CA TYR A 30 2.48 5.49 -3.59
C TYR A 30 2.09 4.13 -4.16
N GLN A 31 2.91 3.62 -5.08
CA GLN A 31 2.65 2.34 -5.71
C GLN A 31 2.60 1.22 -4.66
N ILE A 32 3.40 1.37 -3.62
CA ILE A 32 3.45 0.37 -2.55
C ILE A 32 2.17 0.41 -1.71
N ASP A 33 1.88 1.58 -1.14
CA ASP A 33 0.68 1.74 -0.32
C ASP A 33 -0.57 1.40 -1.12
N ALA A 34 -0.63 1.90 -2.34
CA ALA A 34 -1.78 1.66 -3.21
C ALA A 34 -2.00 0.18 -3.43
N ALA A 35 -0.94 -0.53 -3.80
CA ALA A 35 -1.01 -1.96 -4.04
C ALA A 35 -1.52 -2.70 -2.81
N ILE A 36 -1.01 -2.34 -1.64
CA ILE A 36 -1.42 -2.96 -0.39
C ILE A 36 -2.91 -2.79 -0.16
N VAL A 37 -3.36 -1.54 -0.06
CA VAL A 37 -4.77 -1.24 0.16
C VAL A 37 -5.65 -1.99 -0.84
N ARG A 38 -5.18 -2.08 -2.09
CA ARG A 38 -5.93 -2.77 -3.13
C ARG A 38 -6.09 -4.26 -2.80
N ILE A 39 -5.00 -4.88 -2.36
CA ILE A 39 -5.01 -6.29 -2.01
C ILE A 39 -5.90 -6.55 -0.80
N MET A 40 -5.70 -5.75 0.25
CA MET A 40 -6.49 -5.89 1.47
C MET A 40 -7.97 -5.72 1.18
N LYS A 41 -8.32 -4.67 0.44
CA LYS A 41 -9.72 -4.40 0.09
C LYS A 41 -10.37 -5.63 -0.53
N MET A 42 -9.78 -6.13 -1.61
CA MET A 42 -10.30 -7.31 -2.29
C MET A 42 -10.32 -8.51 -1.36
N ARG A 43 -9.30 -8.61 -0.52
CA ARG A 43 -9.19 -9.72 0.43
C ARG A 43 -9.46 -9.26 1.85
N LYS A 44 -10.72 -9.32 2.26
CA LYS A 44 -11.12 -8.90 3.61
C LYS A 44 -10.02 -9.22 4.62
N THR A 45 -9.67 -10.50 4.72
CA THR A 45 -8.63 -10.94 5.65
C THR A 45 -7.46 -11.58 4.91
N LEU A 46 -6.26 -11.07 5.15
CA LEU A 46 -5.06 -11.58 4.51
C LEU A 46 -3.86 -11.51 5.45
N SER A 47 -2.92 -12.42 5.27
CA SER A 47 -1.72 -12.46 6.10
C SER A 47 -0.58 -11.68 5.45
N HIS A 48 0.46 -11.38 6.24
CA HIS A 48 1.61 -10.65 5.73
C HIS A 48 2.19 -11.32 4.49
N ASN A 49 2.66 -12.56 4.66
CA ASN A 49 3.24 -13.32 3.57
C ASN A 49 2.39 -13.19 2.31
N LEU A 50 1.10 -13.50 2.44
CA LEU A 50 0.18 -13.42 1.31
C LEU A 50 0.08 -12.00 0.78
N LEU A 51 0.12 -11.03 1.70
CA LEU A 51 0.03 -9.62 1.34
C LEU A 51 1.24 -9.20 0.50
N VAL A 52 2.40 -9.11 1.14
CA VAL A 52 3.62 -8.72 0.47
C VAL A 52 3.73 -9.37 -0.90
N SER A 53 3.41 -10.66 -0.95
CA SER A 53 3.47 -11.42 -2.21
C SER A 53 2.63 -10.74 -3.28
N GLU A 54 1.35 -10.55 -2.99
CA GLU A 54 0.44 -9.92 -3.94
C GLU A 54 0.99 -8.58 -4.41
N VAL A 55 1.46 -7.77 -3.46
CA VAL A 55 2.03 -6.47 -3.78
C VAL A 55 3.07 -6.57 -4.90
N TYR A 56 4.05 -7.43 -4.69
CA TYR A 56 5.12 -7.62 -5.68
C TYR A 56 4.53 -7.95 -7.04
N ASN A 57 3.54 -8.84 -7.06
CA ASN A 57 2.90 -9.25 -8.31
C ASN A 57 2.26 -8.05 -9.00
N GLN A 58 1.82 -7.07 -8.21
CA GLN A 58 1.19 -5.88 -8.75
C GLN A 58 2.22 -4.87 -9.21
N LEU A 59 3.31 -4.75 -8.45
CA LEU A 59 4.39 -3.83 -8.79
C LEU A 59 5.44 -4.51 -9.64
N LYS A 60 5.84 -3.84 -10.72
CA LYS A 60 6.85 -4.37 -11.63
C LYS A 60 8.25 -4.29 -11.01
N PHE A 61 8.42 -3.33 -10.11
CA PHE A 61 9.71 -3.14 -9.44
C PHE A 61 9.64 -3.62 -7.99
N PRO A 62 10.79 -4.10 -7.48
CA PRO A 62 10.89 -4.61 -6.11
C PRO A 62 10.78 -3.49 -5.07
N VAL A 63 10.32 -3.84 -3.87
CA VAL A 63 10.17 -2.87 -2.80
C VAL A 63 11.14 -3.16 -1.66
N LYS A 64 11.46 -2.13 -0.89
CA LYS A 64 12.38 -2.27 0.23
C LYS A 64 11.69 -2.95 1.41
N PRO A 65 12.49 -3.59 2.28
CA PRO A 65 11.97 -4.29 3.46
C PRO A 65 11.46 -3.33 4.52
N ALA A 66 12.27 -2.32 4.85
CA ALA A 66 11.90 -1.34 5.84
C ALA A 66 10.58 -0.64 5.47
N ASP A 67 10.59 0.04 4.33
CA ASP A 67 9.40 0.74 3.86
C ASP A 67 8.19 -0.18 3.83
N LEU A 68 8.41 -1.40 3.34
CA LEU A 68 7.33 -2.39 3.26
C LEU A 68 6.63 -2.55 4.61
N LYS A 69 7.43 -2.69 5.66
CA LYS A 69 6.89 -2.86 7.01
C LYS A 69 6.08 -1.64 7.42
N LYS A 70 6.74 -0.49 7.51
CA LYS A 70 6.08 0.75 7.89
C LYS A 70 4.80 0.96 7.08
N ARG A 71 4.88 0.70 5.78
CA ARG A 71 3.73 0.85 4.89
C ARG A 71 2.54 0.05 5.41
N ILE A 72 2.73 -1.26 5.53
CA ILE A 72 1.67 -2.14 6.00
C ILE A 72 1.13 -1.67 7.36
N GLU A 73 1.98 -1.71 8.37
CA GLU A 73 1.59 -1.28 9.71
C GLU A 73 0.81 0.03 9.67
N SER A 74 1.46 1.08 9.19
CA SER A 74 0.84 2.40 9.09
C SER A 74 -0.60 2.27 8.59
N LEU A 75 -0.75 1.68 7.42
CA LEU A 75 -2.07 1.50 6.81
C LEU A 75 -3.05 0.88 7.82
N ILE A 76 -2.58 -0.14 8.54
CA ILE A 76 -3.41 -0.82 9.53
C ILE A 76 -3.90 0.16 10.58
N ASP A 77 -3.06 1.13 10.93
CA ASP A 77 -3.42 2.13 11.93
C ASP A 77 -4.21 3.28 11.29
N ARG A 78 -4.21 3.32 9.97
CA ARG A 78 -4.92 4.37 9.23
C ARG A 78 -6.39 3.99 9.05
N ASP A 79 -6.95 3.31 10.05
CA ASP A 79 -8.34 2.89 9.98
C ASP A 79 -8.65 2.16 8.68
N TYR A 80 -7.77 1.23 8.31
CA TYR A 80 -7.94 0.46 7.09
C TYR A 80 -7.94 -1.04 7.37
N MET A 81 -7.12 -1.45 8.34
CA MET A 81 -7.03 -2.86 8.70
C MET A 81 -6.86 -3.02 10.21
N GLU A 82 -7.08 -4.23 10.71
CA GLU A 82 -6.95 -4.50 12.14
C GLU A 82 -6.16 -5.79 12.37
N ARG A 83 -5.28 -5.76 13.37
CA ARG A 83 -4.46 -6.91 13.70
C ARG A 83 -5.28 -7.97 14.44
N ASP A 84 -5.52 -9.10 13.78
CA ASP A 84 -6.28 -10.19 14.38
C ASP A 84 -5.87 -10.41 15.83
N LYS A 85 -6.82 -10.21 16.75
CA LYS A 85 -6.55 -10.39 18.17
C LYS A 85 -5.59 -11.55 18.40
N GLU A 86 -5.80 -12.64 17.67
CA GLU A 86 -4.96 -13.82 17.79
C GLU A 86 -3.50 -13.48 17.48
N ASN A 87 -3.26 -13.01 16.26
CA ASN A 87 -1.92 -12.65 15.83
C ASN A 87 -1.95 -11.48 14.85
N PRO A 88 -0.94 -10.60 14.94
CA PRO A 88 -0.83 -9.43 14.08
C PRO A 88 -0.51 -9.79 12.64
N ASN A 89 -0.19 -11.06 12.41
CA ASN A 89 0.14 -11.53 11.07
C ASN A 89 -1.10 -11.51 10.17
N GLN A 90 -2.25 -11.85 10.74
CA GLN A 90 -3.50 -11.86 10.00
C GLN A 90 -4.26 -10.56 10.18
N TYR A 91 -4.39 -9.80 9.10
CA TYR A 91 -5.09 -8.52 9.14
C TYR A 91 -6.51 -8.66 8.58
N ASN A 92 -7.42 -7.83 9.07
CA ASN A 92 -8.81 -7.86 8.62
C ASN A 92 -9.21 -6.50 8.07
N TYR A 93 -10.18 -6.51 7.15
CA TYR A 93 -10.68 -5.29 6.54
C TYR A 93 -11.64 -4.56 7.46
N ILE A 94 -11.48 -3.24 7.55
CA ILE A 94 -12.35 -2.43 8.40
C ILE A 94 -12.93 -1.24 7.62
N ALA A 95 -12.10 -0.64 6.77
CA ALA A 95 -12.54 0.49 5.96
C ALA A 95 -13.94 0.27 5.42
N SER A 96 -14.65 1.37 5.19
CA SER A 96 -16.02 1.29 4.67
C SER A 96 -16.15 2.10 3.38
N GLY A 97 -16.82 1.51 2.39
CA GLY A 97 -17.00 2.19 1.11
C GLY A 97 -18.22 1.69 0.36
N PRO A 98 -18.41 2.19 -0.87
CA PRO A 98 -19.54 1.80 -1.72
C PRO A 98 -19.43 0.35 -2.20
N SER A 99 -20.58 -0.26 -2.48
CA SER A 99 -20.62 -1.64 -2.95
C SER A 99 -20.02 -1.76 -4.35
N SER A 100 -18.81 -2.32 -4.43
CA SER A 100 -18.13 -2.48 -5.71
C SER A 100 -18.11 -3.95 -6.12
N GLY A 101 -19.13 -4.38 -6.85
CA GLY A 101 -19.21 -5.75 -7.29
C GLY A 101 -19.57 -5.86 -8.77
N GLY A 1 -29.50 -19.70 -29.33
CA GLY A 1 -28.42 -19.13 -30.11
C GLY A 1 -27.10 -19.07 -29.35
N SER A 2 -26.02 -18.87 -30.08
CA SER A 2 -24.70 -18.81 -29.47
C SER A 2 -23.72 -18.01 -30.34
N SER A 3 -22.77 -17.35 -29.69
CA SER A 3 -21.78 -16.54 -30.41
C SER A 3 -20.46 -16.52 -29.66
N GLY A 4 -19.45 -15.93 -30.29
CA GLY A 4 -18.14 -15.84 -29.67
C GLY A 4 -17.04 -15.51 -30.66
N SER A 5 -16.32 -14.43 -30.40
CA SER A 5 -15.24 -14.00 -31.29
C SER A 5 -14.17 -13.24 -30.51
N SER A 6 -13.07 -12.93 -31.18
CA SER A 6 -11.96 -12.21 -30.56
C SER A 6 -11.29 -11.27 -31.56
N GLY A 7 -10.78 -10.16 -31.05
CA GLY A 7 -10.11 -9.19 -31.91
C GLY A 7 -8.95 -8.51 -31.23
N ILE A 8 -7.73 -8.95 -31.53
CA ILE A 8 -6.54 -8.37 -30.94
C ILE A 8 -6.34 -6.93 -31.38
N GLN A 9 -6.46 -6.00 -30.44
CA GLN A 9 -6.29 -4.58 -30.73
C GLN A 9 -4.87 -4.13 -30.47
N MET A 10 -4.32 -3.34 -31.39
CA MET A 10 -2.96 -2.84 -31.25
C MET A 10 -2.88 -1.74 -30.19
N LYS A 11 -1.67 -1.25 -29.93
CA LYS A 11 -1.47 -0.20 -28.95
C LYS A 11 -0.09 0.43 -29.10
N GLU A 12 -0.03 1.76 -29.07
CA GLU A 12 1.23 2.48 -29.21
C GLU A 12 2.12 2.24 -27.99
N THR A 13 3.42 2.25 -28.23
CA THR A 13 4.39 2.03 -27.15
C THR A 13 5.25 3.27 -26.92
N VAL A 14 5.65 3.48 -25.67
CA VAL A 14 6.48 4.64 -25.32
C VAL A 14 7.48 4.29 -24.22
N GLU A 15 8.62 4.96 -24.22
CA GLU A 15 9.65 4.71 -23.23
C GLU A 15 9.98 5.99 -22.46
N GLU A 16 10.81 5.86 -21.43
CA GLU A 16 11.20 7.00 -20.61
C GLU A 16 12.44 6.68 -19.79
N GLN A 17 13.31 7.68 -19.63
CA GLN A 17 14.54 7.50 -18.86
C GLN A 17 14.32 7.83 -17.39
N ALA A 18 14.47 6.83 -16.52
CA ALA A 18 14.29 7.03 -15.09
C ALA A 18 14.94 8.32 -14.63
N SER A 19 14.15 9.20 -14.02
CA SER A 19 14.65 10.48 -13.53
C SER A 19 14.11 10.77 -12.14
N THR A 20 15.02 11.08 -11.21
CA THR A 20 14.65 11.37 -9.84
C THR A 20 14.03 12.78 -9.73
N THR A 21 12.82 12.83 -9.19
CA THR A 21 12.13 14.10 -9.03
C THR A 21 11.11 14.03 -7.89
N GLU A 22 11.08 15.07 -7.06
CA GLU A 22 10.15 15.11 -5.94
C GLU A 22 8.81 14.45 -6.30
N ARG A 23 8.23 14.89 -7.42
CA ARG A 23 6.97 14.34 -7.87
C ARG A 23 6.96 12.82 -7.79
N VAL A 24 8.01 12.20 -8.31
CA VAL A 24 8.14 10.75 -8.30
C VAL A 24 7.96 10.21 -6.89
N PHE A 25 8.62 10.83 -5.93
CA PHE A 25 8.55 10.41 -4.53
C PHE A 25 7.12 9.97 -4.18
N GLN A 26 6.15 10.82 -4.50
CA GLN A 26 4.76 10.53 -4.22
C GLN A 26 4.27 9.33 -5.04
N ASP A 27 4.70 9.28 -6.30
CA ASP A 27 4.31 8.19 -7.18
C ASP A 27 4.68 6.84 -6.57
N ARG A 28 5.89 6.75 -6.03
CA ARG A 28 6.37 5.52 -5.41
C ARG A 28 5.51 5.13 -4.22
N GLN A 29 5.64 5.90 -3.13
CA GLN A 29 4.87 5.63 -1.93
C GLN A 29 3.45 5.20 -2.26
N TYR A 30 2.83 5.92 -3.19
CA TYR A 30 1.46 5.62 -3.59
C TYR A 30 1.37 4.22 -4.19
N GLN A 31 2.33 3.89 -5.05
CA GLN A 31 2.36 2.58 -5.70
C GLN A 31 2.32 1.46 -4.66
N ILE A 32 3.11 1.60 -3.61
CA ILE A 32 3.15 0.61 -2.54
C ILE A 32 1.80 0.47 -1.86
N ASP A 33 1.35 1.55 -1.23
CA ASP A 33 0.06 1.54 -0.54
C ASP A 33 -1.06 1.09 -1.47
N ALA A 34 -1.24 1.81 -2.57
CA ALA A 34 -2.27 1.48 -3.55
C ALA A 34 -2.36 -0.03 -3.75
N ALA A 35 -1.24 -0.65 -4.12
CA ALA A 35 -1.20 -2.09 -4.35
C ALA A 35 -1.69 -2.85 -3.13
N ILE A 36 -1.27 -2.39 -1.95
CA ILE A 36 -1.66 -3.03 -0.70
C ILE A 36 -3.16 -2.92 -0.47
N VAL A 37 -3.62 -1.70 -0.20
CA VAL A 37 -5.04 -1.45 0.03
C VAL A 37 -5.91 -2.23 -0.95
N ARG A 38 -5.45 -2.30 -2.19
CA ARG A 38 -6.19 -3.01 -3.24
C ARG A 38 -6.31 -4.49 -2.89
N ILE A 39 -5.19 -5.12 -2.61
CA ILE A 39 -5.18 -6.54 -2.26
C ILE A 39 -6.06 -6.82 -1.05
N MET A 40 -5.79 -6.12 0.05
CA MET A 40 -6.55 -6.30 1.28
C MET A 40 -8.04 -6.05 1.02
N LYS A 41 -8.38 -4.82 0.65
CA LYS A 41 -9.76 -4.46 0.37
C LYS A 41 -10.52 -5.63 -0.26
N MET A 42 -9.96 -6.19 -1.33
CA MET A 42 -10.58 -7.31 -2.02
C MET A 42 -10.67 -8.53 -1.10
N ARG A 43 -9.59 -8.80 -0.37
CA ARG A 43 -9.56 -9.93 0.55
C ARG A 43 -9.88 -9.49 1.97
N LYS A 44 -11.14 -9.68 2.37
CA LYS A 44 -11.59 -9.30 3.71
C LYS A 44 -10.48 -9.53 4.73
N THR A 45 -9.80 -10.67 4.63
CA THR A 45 -8.73 -11.01 5.54
C THR A 45 -7.56 -11.64 4.81
N LEU A 46 -6.36 -11.13 5.06
CA LEU A 46 -5.15 -11.66 4.43
C LEU A 46 -3.95 -11.56 5.37
N SER A 47 -2.97 -12.43 5.15
CA SER A 47 -1.77 -12.46 5.98
C SER A 47 -0.66 -11.63 5.35
N HIS A 48 0.40 -11.41 6.11
CA HIS A 48 1.54 -10.63 5.62
C HIS A 48 2.19 -11.30 4.42
N ASN A 49 2.49 -12.59 4.55
CA ASN A 49 3.12 -13.34 3.47
C ASN A 49 2.36 -13.13 2.16
N LEU A 50 1.07 -13.43 2.17
CA LEU A 50 0.23 -13.27 0.99
C LEU A 50 0.09 -11.81 0.60
N LEU A 51 0.10 -10.94 1.61
CA LEU A 51 -0.03 -9.50 1.39
C LEU A 51 1.17 -8.97 0.60
N VAL A 52 2.33 -9.00 1.23
CA VAL A 52 3.57 -8.52 0.59
C VAL A 52 3.75 -9.16 -0.78
N SER A 53 3.52 -10.47 -0.85
CA SER A 53 3.68 -11.20 -2.10
C SER A 53 2.86 -10.56 -3.22
N GLU A 54 1.54 -10.49 -3.02
CA GLU A 54 0.64 -9.91 -4.01
C GLU A 54 1.17 -8.56 -4.48
N VAL A 55 1.47 -7.68 -3.52
CA VAL A 55 1.98 -6.35 -3.83
C VAL A 55 3.15 -6.42 -4.81
N TYR A 56 4.18 -7.19 -4.43
CA TYR A 56 5.36 -7.34 -5.27
C TYR A 56 4.96 -7.66 -6.70
N ASN A 57 4.04 -8.60 -6.86
CA ASN A 57 3.57 -9.02 -8.18
C ASN A 57 2.93 -7.85 -8.92
N GLN A 58 2.29 -6.95 -8.16
CA GLN A 58 1.63 -5.79 -8.74
C GLN A 58 2.66 -4.73 -9.14
N LEU A 59 3.67 -4.55 -8.30
CA LEU A 59 4.71 -3.56 -8.56
C LEU A 59 5.77 -4.13 -9.49
N LYS A 60 6.12 -3.36 -10.53
CA LYS A 60 7.12 -3.79 -11.50
C LYS A 60 8.50 -3.85 -10.85
N PHE A 61 8.71 -3.02 -9.83
CA PHE A 61 9.98 -2.99 -9.13
C PHE A 61 9.85 -3.55 -7.72
N PRO A 62 10.93 -4.19 -7.23
CA PRO A 62 10.96 -4.79 -5.90
C PRO A 62 10.96 -3.74 -4.80
N VAL A 63 10.34 -4.08 -3.67
CA VAL A 63 10.27 -3.16 -2.53
C VAL A 63 10.97 -3.75 -1.31
N LYS A 64 11.83 -2.96 -0.69
CA LYS A 64 12.57 -3.40 0.49
C LYS A 64 11.60 -3.79 1.60
N PRO A 65 12.09 -4.64 2.53
CA PRO A 65 11.29 -5.11 3.66
C PRO A 65 11.03 -4.01 4.68
N ALA A 66 12.03 -3.16 4.90
CA ALA A 66 11.91 -2.06 5.85
C ALA A 66 10.79 -1.11 5.44
N ASP A 67 10.90 -0.54 4.25
CA ASP A 67 9.90 0.39 3.74
C ASP A 67 8.52 -0.25 3.73
N LEU A 68 8.39 -1.32 2.97
CA LEU A 68 7.12 -2.04 2.87
C LEU A 68 6.45 -2.16 4.24
N LYS A 69 7.17 -2.73 5.19
CA LYS A 69 6.65 -2.89 6.55
C LYS A 69 6.11 -1.58 7.09
N LYS A 70 6.87 -0.51 6.92
CA LYS A 70 6.47 0.81 7.40
C LYS A 70 5.14 1.22 6.77
N ARG A 71 5.01 1.00 5.47
CA ARG A 71 3.80 1.35 4.74
C ARG A 71 2.59 0.62 5.33
N ILE A 72 2.70 -0.69 5.44
CA ILE A 72 1.62 -1.51 5.98
C ILE A 72 1.20 -1.02 7.37
N GLU A 73 2.14 -1.09 8.31
CA GLU A 73 1.87 -0.65 9.68
C GLU A 73 1.03 0.63 9.69
N SER A 74 1.53 1.66 9.01
CA SER A 74 0.82 2.94 8.95
C SER A 74 -0.64 2.74 8.56
N LEU A 75 -0.86 2.01 7.46
CA LEU A 75 -2.21 1.74 6.98
C LEU A 75 -3.07 1.13 8.09
N ILE A 76 -2.52 0.15 8.79
CA ILE A 76 -3.23 -0.51 9.88
C ILE A 76 -3.71 0.50 10.92
N ASP A 77 -2.87 1.50 11.18
CA ASP A 77 -3.20 2.53 12.16
C ASP A 77 -4.05 3.64 11.52
N ARG A 78 -4.10 3.63 10.19
CA ARG A 78 -4.87 4.62 9.46
C ARG A 78 -6.34 4.21 9.36
N ASP A 79 -6.74 3.25 10.19
CA ASP A 79 -8.10 2.76 10.19
C ASP A 79 -8.45 2.09 8.87
N TYR A 80 -7.59 1.16 8.45
CA TYR A 80 -7.80 0.43 7.20
C TYR A 80 -7.74 -1.07 7.42
N MET A 81 -6.96 -1.50 8.41
CA MET A 81 -6.82 -2.91 8.73
C MET A 81 -6.59 -3.11 10.23
N GLU A 82 -7.09 -4.22 10.75
CA GLU A 82 -6.94 -4.54 12.16
C GLU A 82 -6.17 -5.84 12.36
N ARG A 83 -5.25 -5.83 13.33
CA ARG A 83 -4.44 -7.01 13.61
C ARG A 83 -5.25 -8.05 14.38
N ASP A 84 -5.35 -9.26 13.82
CA ASP A 84 -6.09 -10.33 14.44
C ASP A 84 -5.60 -10.57 15.87
N LYS A 85 -6.48 -10.37 16.83
CA LYS A 85 -6.15 -10.57 18.24
C LYS A 85 -5.33 -11.84 18.43
N GLU A 86 -5.51 -12.80 17.52
CA GLU A 86 -4.79 -14.06 17.60
C GLU A 86 -3.30 -13.85 17.29
N ASN A 87 -3.02 -13.22 16.16
CA ASN A 87 -1.65 -12.96 15.75
C ASN A 87 -1.58 -11.77 14.80
N PRO A 88 -0.49 -10.98 14.92
CA PRO A 88 -0.27 -9.80 14.08
C PRO A 88 0.03 -10.16 12.63
N ASN A 89 0.09 -11.47 12.35
CA ASN A 89 0.37 -11.96 11.01
C ASN A 89 -0.87 -11.88 10.13
N GLN A 90 -2.04 -11.95 10.75
CA GLN A 90 -3.30 -11.90 10.02
C GLN A 90 -3.95 -10.52 10.18
N TYR A 91 -4.38 -9.95 9.06
CA TYR A 91 -5.02 -8.65 9.07
C TYR A 91 -6.44 -8.72 8.53
N ASN A 92 -7.35 -7.97 9.15
CA ASN A 92 -8.75 -7.96 8.72
C ASN A 92 -9.12 -6.63 8.10
N TYR A 93 -10.12 -6.64 7.23
CA TYR A 93 -10.56 -5.42 6.55
C TYR A 93 -11.56 -4.67 7.41
N ILE A 94 -11.29 -3.38 7.63
CA ILE A 94 -12.17 -2.55 8.44
C ILE A 94 -12.68 -1.36 7.64
N ALA A 95 -11.85 -0.85 6.74
CA ALA A 95 -12.21 0.29 5.90
C ALA A 95 -13.66 0.18 5.43
N SER A 96 -14.39 1.28 5.51
CA SER A 96 -15.78 1.31 5.10
C SER A 96 -15.97 2.17 3.85
N GLY A 97 -16.66 1.63 2.86
CA GLY A 97 -16.90 2.36 1.63
C GLY A 97 -18.10 1.85 0.87
N PRO A 98 -18.47 2.55 -0.21
CA PRO A 98 -19.61 2.19 -1.05
C PRO A 98 -19.36 0.91 -1.84
N SER A 99 -19.64 -0.24 -1.22
CA SER A 99 -19.44 -1.52 -1.86
C SER A 99 -20.77 -2.14 -2.27
N SER A 100 -20.87 -2.55 -3.53
CA SER A 100 -22.10 -3.14 -4.04
C SER A 100 -22.73 -4.07 -3.01
N GLY A 101 -21.95 -5.04 -2.55
CA GLY A 101 -22.45 -5.98 -1.55
C GLY A 101 -21.33 -6.56 -0.69
N GLY A 1 2.46 -23.41 -16.11
CA GLY A 1 2.60 -23.04 -14.72
C GLY A 1 2.05 -21.66 -14.42
N SER A 2 2.22 -21.21 -13.17
CA SER A 2 1.73 -19.90 -12.77
C SER A 2 2.86 -19.06 -12.18
N SER A 3 3.47 -19.55 -11.11
CA SER A 3 4.56 -18.84 -10.45
C SER A 3 5.87 -19.60 -10.62
N GLY A 4 6.81 -19.00 -11.34
CA GLY A 4 8.10 -19.62 -11.56
C GLY A 4 9.14 -18.66 -12.08
N SER A 5 9.93 -18.09 -11.18
CA SER A 5 10.97 -17.13 -11.57
C SER A 5 12.36 -17.72 -11.34
N SER A 6 13.23 -17.56 -12.32
CA SER A 6 14.60 -18.07 -12.23
C SER A 6 15.59 -17.09 -12.83
N GLY A 7 16.87 -17.32 -12.58
CA GLY A 7 17.91 -16.44 -13.10
C GLY A 7 18.28 -15.34 -12.12
N ILE A 8 19.40 -15.51 -11.43
CA ILE A 8 19.86 -14.52 -10.46
C ILE A 8 20.45 -13.31 -11.17
N GLN A 9 19.76 -12.17 -11.05
CA GLN A 9 20.22 -10.93 -11.67
C GLN A 9 19.69 -9.72 -10.92
N MET A 10 20.59 -9.03 -10.21
CA MET A 10 20.21 -7.85 -9.44
C MET A 10 21.02 -6.64 -9.88
N LYS A 11 20.53 -5.45 -9.54
CA LYS A 11 21.21 -4.22 -9.89
C LYS A 11 21.64 -3.45 -8.65
N GLU A 12 22.94 -3.47 -8.36
CA GLU A 12 23.47 -2.77 -7.19
C GLU A 12 24.67 -1.91 -7.57
N THR A 13 24.41 -0.64 -7.87
CA THR A 13 25.47 0.29 -8.25
C THR A 13 25.16 1.70 -7.77
N VAL A 14 26.19 2.40 -7.31
CA VAL A 14 26.03 3.77 -6.82
C VAL A 14 26.11 4.77 -7.97
N GLU A 15 25.51 4.41 -9.10
CA GLU A 15 25.52 5.29 -10.28
C GLU A 15 24.32 6.23 -10.26
N GLU A 16 24.59 7.53 -10.17
CA GLU A 16 23.54 8.52 -10.15
C GLU A 16 22.77 8.54 -11.46
N GLN A 17 21.56 9.10 -11.43
CA GLN A 17 20.72 9.17 -12.62
C GLN A 17 20.52 10.62 -13.05
N ALA A 18 19.95 11.43 -12.16
CA ALA A 18 19.70 12.84 -12.45
C ALA A 18 19.85 13.68 -11.20
N SER A 19 19.74 15.00 -11.36
CA SER A 19 19.87 15.92 -10.24
C SER A 19 19.00 15.48 -9.06
N THR A 20 19.05 16.26 -7.98
CA THR A 20 18.25 15.94 -6.79
C THR A 20 16.81 15.68 -7.15
N THR A 21 16.31 14.50 -6.76
CA THR A 21 14.94 14.12 -7.04
C THR A 21 14.17 13.81 -5.75
N GLU A 22 12.99 14.39 -5.62
CA GLU A 22 12.17 14.19 -4.43
C GLU A 22 10.76 13.75 -4.82
N ARG A 23 10.14 14.50 -5.73
CA ARG A 23 8.79 14.20 -6.19
C ARG A 23 8.64 12.71 -6.50
N VAL A 24 9.66 12.14 -7.14
CA VAL A 24 9.64 10.73 -7.50
C VAL A 24 9.61 9.85 -6.26
N PHE A 25 10.41 10.21 -5.25
CA PHE A 25 10.48 9.47 -4.01
C PHE A 25 9.08 9.08 -3.53
N GLN A 26 8.23 10.08 -3.33
CA GLN A 26 6.87 9.85 -2.87
C GLN A 26 6.16 8.84 -3.76
N ASP A 27 6.21 9.07 -5.07
CA ASP A 27 5.58 8.18 -6.03
C ASP A 27 5.65 6.72 -5.56
N ARG A 28 6.75 6.38 -4.90
CA ARG A 28 6.95 5.03 -4.39
C ARG A 28 5.98 4.72 -3.25
N GLN A 29 6.21 5.35 -2.12
CA GLN A 29 5.36 5.16 -0.95
C GLN A 29 3.90 5.01 -1.36
N TYR A 30 3.52 5.67 -2.44
CA TYR A 30 2.15 5.62 -2.94
C TYR A 30 1.90 4.32 -3.70
N GLN A 31 2.87 3.92 -4.52
CA GLN A 31 2.74 2.69 -5.29
C GLN A 31 2.46 1.50 -4.38
N ILE A 32 3.18 1.43 -3.27
CA ILE A 32 3.01 0.34 -2.31
C ILE A 32 1.70 0.49 -1.54
N ASP A 33 1.53 1.64 -0.90
CA ASP A 33 0.32 1.90 -0.12
C ASP A 33 -0.92 1.64 -0.95
N ALA A 34 -0.89 2.06 -2.21
CA ALA A 34 -2.02 1.88 -3.11
C ALA A 34 -2.24 0.40 -3.42
N ALA A 35 -1.18 -0.27 -3.84
CA ALA A 35 -1.25 -1.70 -4.16
C ALA A 35 -1.84 -2.49 -3.01
N ILE A 36 -1.39 -2.19 -1.79
CA ILE A 36 -1.88 -2.89 -0.60
C ILE A 36 -3.38 -2.63 -0.39
N VAL A 37 -3.71 -1.40 -0.04
CA VAL A 37 -5.11 -1.02 0.18
C VAL A 37 -6.02 -1.71 -0.81
N ARG A 38 -5.64 -1.71 -2.08
CA ARG A 38 -6.43 -2.33 -3.13
C ARG A 38 -6.61 -3.82 -2.87
N ILE A 39 -5.51 -4.50 -2.55
CA ILE A 39 -5.54 -5.93 -2.27
C ILE A 39 -6.40 -6.22 -1.04
N MET A 40 -6.13 -5.50 0.04
CA MET A 40 -6.88 -5.68 1.28
C MET A 40 -8.38 -5.72 1.02
N LYS A 41 -8.88 -4.70 0.33
CA LYS A 41 -10.30 -4.62 0.01
C LYS A 41 -10.80 -5.93 -0.59
N MET A 42 -10.10 -6.42 -1.61
CA MET A 42 -10.48 -7.67 -2.26
C MET A 42 -10.40 -8.84 -1.28
N ARG A 43 -9.29 -8.92 -0.55
CA ARG A 43 -9.09 -9.99 0.42
C ARG A 43 -9.37 -9.50 1.83
N LYS A 44 -10.64 -9.53 2.24
CA LYS A 44 -11.03 -9.09 3.57
C LYS A 44 -9.95 -9.40 4.59
N THR A 45 -9.69 -10.69 4.80
CA THR A 45 -8.67 -11.13 5.75
C THR A 45 -7.52 -11.83 5.05
N LEU A 46 -6.32 -11.28 5.18
CA LEU A 46 -5.14 -11.86 4.55
C LEU A 46 -3.95 -11.83 5.50
N SER A 47 -3.02 -12.75 5.30
CA SER A 47 -1.83 -12.83 6.14
C SER A 47 -0.68 -12.02 5.55
N HIS A 48 0.26 -11.63 6.40
CA HIS A 48 1.42 -10.85 5.96
C HIS A 48 2.04 -11.46 4.71
N ASN A 49 2.50 -12.70 4.83
CA ASN A 49 3.12 -13.39 3.71
C ASN A 49 2.31 -13.19 2.42
N LEU A 50 1.02 -13.49 2.50
CA LEU A 50 0.13 -13.35 1.35
C LEU A 50 0.05 -11.88 0.92
N LEU A 51 0.10 -10.99 1.89
CA LEU A 51 0.02 -9.56 1.61
C LEU A 51 1.22 -9.10 0.79
N VAL A 52 2.40 -9.11 1.40
CA VAL A 52 3.62 -8.69 0.72
C VAL A 52 3.73 -9.33 -0.66
N SER A 53 3.33 -10.59 -0.75
CA SER A 53 3.38 -11.32 -2.02
C SER A 53 2.56 -10.60 -3.08
N GLU A 54 1.31 -10.27 -2.75
CA GLU A 54 0.43 -9.59 -3.68
C GLU A 54 1.06 -8.27 -4.15
N VAL A 55 1.37 -7.40 -3.20
CA VAL A 55 1.97 -6.11 -3.53
C VAL A 55 3.04 -6.25 -4.60
N TYR A 56 4.02 -7.11 -4.33
CA TYR A 56 5.12 -7.34 -5.28
C TYR A 56 4.58 -7.71 -6.65
N ASN A 57 3.56 -8.57 -6.66
CA ASN A 57 2.96 -9.01 -7.91
C ASN A 57 2.46 -7.82 -8.73
N GLN A 58 1.95 -6.81 -8.05
CA GLN A 58 1.45 -5.61 -8.72
C GLN A 58 2.60 -4.69 -9.11
N LEU A 59 3.61 -4.63 -8.25
CA LEU A 59 4.77 -3.77 -8.51
C LEU A 59 5.87 -4.56 -9.22
N LYS A 60 6.21 -4.12 -10.43
CA LYS A 60 7.25 -4.78 -11.22
C LYS A 60 8.63 -4.26 -10.83
N PHE A 61 8.75 -3.75 -9.61
CA PHE A 61 10.01 -3.22 -9.12
C PHE A 61 10.29 -3.68 -7.69
N PRO A 62 11.59 -3.78 -7.34
CA PRO A 62 12.01 -4.21 -6.01
C PRO A 62 11.69 -3.17 -4.94
N VAL A 63 11.14 -3.63 -3.82
CA VAL A 63 10.80 -2.74 -2.71
C VAL A 63 11.41 -3.22 -1.41
N LYS A 64 12.35 -2.45 -0.88
CA LYS A 64 13.02 -2.79 0.36
C LYS A 64 12.02 -3.27 1.40
N PRO A 65 12.50 -4.09 2.35
CA PRO A 65 11.66 -4.64 3.42
C PRO A 65 11.22 -3.58 4.42
N ALA A 66 12.09 -2.60 4.67
CA ALA A 66 11.80 -1.53 5.60
C ALA A 66 10.61 -0.70 5.12
N ASP A 67 10.61 -0.36 3.84
CA ASP A 67 9.53 0.43 3.26
C ASP A 67 8.22 -0.36 3.25
N LEU A 68 8.28 -1.58 2.73
CA LEU A 68 7.10 -2.44 2.67
C LEU A 68 6.48 -2.62 4.05
N LYS A 69 7.30 -3.05 5.00
CA LYS A 69 6.84 -3.26 6.37
C LYS A 69 6.14 -2.02 6.91
N LYS A 70 6.84 -0.88 6.84
CA LYS A 70 6.29 0.38 7.32
C LYS A 70 4.96 0.69 6.64
N ARG A 71 4.94 0.56 5.32
CA ARG A 71 3.72 0.83 4.55
C ARG A 71 2.55 0.02 5.10
N ILE A 72 2.77 -1.27 5.29
CA ILE A 72 1.73 -2.16 5.80
C ILE A 72 1.22 -1.68 7.16
N GLU A 73 2.14 -1.57 8.12
CA GLU A 73 1.78 -1.12 9.46
C GLU A 73 0.95 0.15 9.40
N SER A 74 1.51 1.20 8.81
CA SER A 74 0.81 2.47 8.69
C SER A 74 -0.65 2.27 8.29
N LEU A 75 -0.86 1.77 7.07
CA LEU A 75 -2.21 1.53 6.57
C LEU A 75 -3.10 0.97 7.67
N ILE A 76 -2.63 -0.08 8.33
CA ILE A 76 -3.40 -0.71 9.40
C ILE A 76 -3.84 0.32 10.43
N ASP A 77 -2.96 1.25 10.76
CA ASP A 77 -3.26 2.29 11.73
C ASP A 77 -4.16 3.36 11.11
N ARG A 78 -4.26 3.36 9.79
CA ARG A 78 -5.09 4.33 9.08
C ARG A 78 -6.55 3.86 9.05
N ASP A 79 -6.98 3.20 10.11
CA ASP A 79 -8.34 2.71 10.21
C ASP A 79 -8.74 1.96 8.94
N TYR A 80 -7.78 1.24 8.35
CA TYR A 80 -8.02 0.49 7.13
C TYR A 80 -7.97 -1.02 7.41
N MET A 81 -7.04 -1.42 8.27
CA MET A 81 -6.88 -2.82 8.62
C MET A 81 -6.62 -2.99 10.11
N GLU A 82 -6.90 -4.17 10.63
CA GLU A 82 -6.69 -4.45 12.05
C GLU A 82 -5.97 -5.79 12.24
N ARG A 83 -5.10 -5.85 13.24
CA ARG A 83 -4.36 -7.07 13.53
C ARG A 83 -5.24 -8.09 14.24
N ASP A 84 -5.52 -9.19 13.56
CA ASP A 84 -6.35 -10.25 14.13
C ASP A 84 -5.94 -10.56 15.56
N LYS A 85 -6.92 -10.63 16.45
CA LYS A 85 -6.67 -10.91 17.86
C LYS A 85 -5.85 -12.19 18.02
N GLU A 86 -6.14 -13.18 17.19
CA GLU A 86 -5.43 -14.45 17.22
C GLU A 86 -3.93 -14.24 17.05
N ASN A 87 -3.56 -13.56 15.96
CA ASN A 87 -2.16 -13.30 15.67
C ASN A 87 -2.00 -11.97 14.94
N PRO A 88 -0.96 -11.21 15.30
CA PRO A 88 -0.67 -9.91 14.69
C PRO A 88 -0.19 -10.04 13.25
N ASN A 89 -0.01 -11.29 12.80
CA ASN A 89 0.44 -11.54 11.44
C ASN A 89 -0.72 -11.48 10.45
N GLN A 90 -1.93 -11.62 10.98
CA GLN A 90 -3.14 -11.58 10.14
C GLN A 90 -3.76 -10.19 10.16
N TYR A 91 -4.32 -9.78 9.03
CA TYR A 91 -4.94 -8.47 8.92
C TYR A 91 -6.40 -8.60 8.46
N ASN A 92 -7.28 -7.84 9.09
CA ASN A 92 -8.70 -7.86 8.75
C ASN A 92 -9.13 -6.55 8.13
N TYR A 93 -10.17 -6.61 7.30
CA TYR A 93 -10.70 -5.42 6.64
C TYR A 93 -11.67 -4.67 7.54
N ILE A 94 -11.29 -3.45 7.92
CA ILE A 94 -12.12 -2.62 8.78
C ILE A 94 -12.74 -1.46 8.01
N ALA A 95 -12.24 -1.24 6.80
CA ALA A 95 -12.75 -0.17 5.94
C ALA A 95 -14.01 -0.59 5.21
N SER A 96 -14.70 0.38 4.62
CA SER A 96 -15.94 0.10 3.89
C SER A 96 -16.01 0.92 2.61
N GLY A 97 -16.89 0.53 1.70
CA GLY A 97 -17.04 1.24 0.45
C GLY A 97 -18.47 1.69 0.20
N PRO A 98 -18.84 2.84 0.77
CA PRO A 98 -20.18 3.40 0.63
C PRO A 98 -20.44 3.91 -0.79
N SER A 99 -20.89 3.00 -1.66
CA SER A 99 -21.17 3.35 -3.04
C SER A 99 -22.68 3.41 -3.29
N SER A 100 -23.14 4.52 -3.85
CA SER A 100 -24.55 4.72 -4.13
C SER A 100 -25.37 4.65 -2.85
N GLY A 101 -24.88 5.30 -1.81
CA GLY A 101 -25.58 5.32 -0.53
C GLY A 101 -25.63 6.69 0.09
N GLY A 1 -15.72 15.07 -26.10
CA GLY A 1 -14.85 15.39 -24.98
C GLY A 1 -13.42 15.65 -25.43
N SER A 2 -12.47 15.28 -24.58
CA SER A 2 -11.06 15.48 -24.89
C SER A 2 -10.33 14.14 -25.01
N SER A 3 -9.92 13.81 -26.23
CA SER A 3 -9.22 12.56 -26.49
C SER A 3 -7.91 12.79 -27.23
N GLY A 4 -6.92 11.97 -26.96
CA GLY A 4 -5.63 12.11 -27.61
C GLY A 4 -4.63 11.06 -27.16
N SER A 5 -4.84 9.82 -27.59
CA SER A 5 -3.94 8.73 -27.23
C SER A 5 -2.49 9.08 -27.54
N SER A 6 -1.57 8.49 -26.79
CA SER A 6 -0.16 8.73 -26.99
C SER A 6 0.62 7.42 -27.08
N GLY A 7 0.32 6.50 -26.17
CA GLY A 7 0.98 5.21 -26.16
C GLY A 7 1.90 5.05 -24.96
N ILE A 8 3.16 4.73 -25.23
CA ILE A 8 4.14 4.54 -24.17
C ILE A 8 5.27 5.57 -24.27
N GLN A 9 5.53 6.27 -23.17
CA GLN A 9 6.58 7.28 -23.14
C GLN A 9 7.78 6.79 -22.33
N MET A 10 7.50 6.26 -21.15
CA MET A 10 8.55 5.75 -20.28
C MET A 10 9.14 4.46 -20.83
N LYS A 11 10.46 4.44 -21.00
CA LYS A 11 11.15 3.26 -21.51
C LYS A 11 11.98 2.60 -20.42
N GLU A 12 12.48 1.40 -20.71
CA GLU A 12 13.29 0.66 -19.76
C GLU A 12 14.75 0.59 -20.22
N THR A 13 15.47 1.69 -20.05
CA THR A 13 16.87 1.76 -20.45
C THR A 13 17.79 1.79 -19.24
N VAL A 14 17.19 1.85 -18.05
CA VAL A 14 17.95 1.88 -16.81
C VAL A 14 18.13 0.48 -16.24
N GLU A 15 18.96 0.37 -15.20
CA GLU A 15 19.21 -0.92 -14.56
C GLU A 15 18.85 -0.87 -13.08
N GLU A 16 19.27 0.20 -12.41
CA GLU A 16 19.00 0.38 -10.99
C GLU A 16 17.68 1.10 -10.76
N GLN A 17 17.58 2.32 -11.30
CA GLN A 17 16.36 3.11 -11.16
C GLN A 17 16.14 3.98 -12.39
N ALA A 18 14.93 4.52 -12.52
CA ALA A 18 14.59 5.38 -13.65
C ALA A 18 15.23 6.75 -13.51
N SER A 19 14.84 7.48 -12.47
CA SER A 19 15.37 8.81 -12.23
C SER A 19 15.28 9.19 -10.75
N THR A 20 16.06 10.18 -10.34
CA THR A 20 16.07 10.63 -8.96
C THR A 20 15.45 12.01 -8.83
N THR A 21 14.27 12.07 -8.20
CA THR A 21 13.57 13.33 -8.01
C THR A 21 12.50 13.21 -6.93
N GLU A 22 12.39 14.24 -6.10
CA GLU A 22 11.41 14.25 -5.02
C GLU A 22 10.10 13.59 -5.47
N ARG A 23 9.55 14.09 -6.57
CA ARG A 23 8.29 13.55 -7.10
C ARG A 23 8.28 12.02 -7.02
N VAL A 24 9.33 11.40 -7.51
CA VAL A 24 9.44 9.94 -7.49
C VAL A 24 9.07 9.39 -6.11
N PHE A 25 9.58 10.02 -5.07
CA PHE A 25 9.29 9.60 -3.71
C PHE A 25 7.80 9.31 -3.52
N GLN A 26 6.98 10.29 -3.89
CA GLN A 26 5.53 10.15 -3.76
C GLN A 26 5.02 8.95 -4.56
N ASP A 27 5.42 8.88 -5.83
CA ASP A 27 5.01 7.78 -6.70
C ASP A 27 5.21 6.44 -6.01
N ARG A 28 6.40 6.24 -5.45
CA ARG A 28 6.72 5.00 -4.76
C ARG A 28 5.73 4.72 -3.64
N GLN A 29 5.86 5.48 -2.54
CA GLN A 29 4.98 5.32 -1.40
C GLN A 29 3.54 5.05 -1.85
N TYR A 30 3.18 5.61 -2.99
CA TYR A 30 1.83 5.43 -3.53
C TYR A 30 1.67 4.06 -4.18
N GLN A 31 2.70 3.65 -4.92
CA GLN A 31 2.68 2.36 -5.59
C GLN A 31 2.46 1.22 -4.59
N ILE A 32 3.09 1.33 -3.43
CA ILE A 32 2.97 0.33 -2.39
C ILE A 32 1.62 0.43 -1.68
N ASP A 33 1.36 1.59 -1.09
CA ASP A 33 0.11 1.83 -0.38
C ASP A 33 -1.10 1.51 -1.27
N ALA A 34 -0.93 1.73 -2.57
CA ALA A 34 -1.99 1.47 -3.53
C ALA A 34 -2.20 -0.02 -3.73
N ALA A 35 -1.12 -0.71 -4.09
CA ALA A 35 -1.18 -2.15 -4.31
C ALA A 35 -1.77 -2.87 -3.11
N ILE A 36 -1.30 -2.49 -1.92
CA ILE A 36 -1.76 -3.10 -0.68
C ILE A 36 -3.26 -2.89 -0.49
N VAL A 37 -3.66 -1.63 -0.39
CA VAL A 37 -5.07 -1.28 -0.22
C VAL A 37 -5.94 -1.98 -1.25
N ARG A 38 -5.44 -2.09 -2.48
CA ARG A 38 -6.17 -2.74 -3.56
C ARG A 38 -6.33 -4.22 -3.29
N ILE A 39 -5.28 -4.83 -2.72
CA ILE A 39 -5.29 -6.26 -2.41
C ILE A 39 -6.16 -6.54 -1.19
N MET A 40 -5.77 -5.96 -0.05
CA MET A 40 -6.51 -6.16 1.19
C MET A 40 -8.01 -5.94 0.97
N LYS A 41 -8.36 -4.78 0.42
CA LYS A 41 -9.76 -4.46 0.17
C LYS A 41 -10.52 -5.67 -0.36
N MET A 42 -10.06 -6.19 -1.49
CA MET A 42 -10.69 -7.37 -2.10
C MET A 42 -10.69 -8.54 -1.14
N ARG A 43 -9.58 -8.73 -0.44
CA ARG A 43 -9.46 -9.82 0.52
C ARG A 43 -9.70 -9.33 1.94
N LYS A 44 -10.94 -9.51 2.41
CA LYS A 44 -11.31 -9.08 3.75
C LYS A 44 -10.14 -9.27 4.72
N THR A 45 -9.64 -10.50 4.80
CA THR A 45 -8.53 -10.81 5.69
C THR A 45 -7.35 -11.41 4.92
N LEU A 46 -6.17 -10.90 5.16
CA LEU A 46 -4.96 -11.38 4.49
C LEU A 46 -3.76 -11.34 5.42
N SER A 47 -2.84 -12.29 5.24
CA SER A 47 -1.64 -12.36 6.07
C SER A 47 -0.47 -11.65 5.40
N HIS A 48 0.54 -11.30 6.20
CA HIS A 48 1.71 -10.60 5.67
C HIS A 48 2.27 -11.32 4.45
N ASN A 49 2.42 -12.64 4.56
CA ASN A 49 2.94 -13.43 3.45
C ASN A 49 2.11 -13.22 2.19
N LEU A 50 0.87 -13.71 2.21
CA LEU A 50 -0.03 -13.58 1.06
C LEU A 50 0.03 -12.17 0.49
N LEU A 51 0.27 -11.19 1.36
CA LEU A 51 0.35 -9.79 0.95
C LEU A 51 1.64 -9.54 0.16
N VAL A 52 2.77 -9.65 0.84
CA VAL A 52 4.06 -9.44 0.21
C VAL A 52 4.08 -9.98 -1.21
N SER A 53 3.42 -11.11 -1.41
CA SER A 53 3.36 -11.74 -2.73
C SER A 53 2.49 -10.93 -3.68
N GLU A 54 1.21 -10.78 -3.32
CA GLU A 54 0.28 -10.03 -4.14
C GLU A 54 0.86 -8.68 -4.56
N VAL A 55 1.45 -7.98 -3.59
CA VAL A 55 2.06 -6.68 -3.85
C VAL A 55 3.14 -6.79 -4.92
N TYR A 56 4.20 -7.52 -4.61
CA TYR A 56 5.30 -7.70 -5.54
C TYR A 56 4.79 -7.95 -6.95
N ASN A 57 3.68 -8.69 -7.06
CA ASN A 57 3.09 -9.00 -8.35
C ASN A 57 2.54 -7.75 -9.02
N GLN A 58 1.90 -6.90 -8.21
CA GLN A 58 1.32 -5.66 -8.72
C GLN A 58 2.42 -4.64 -9.06
N LEU A 59 3.53 -4.72 -8.34
CA LEU A 59 4.65 -3.81 -8.56
C LEU A 59 5.75 -4.49 -9.37
N LYS A 60 6.07 -3.91 -10.51
CA LYS A 60 7.11 -4.45 -11.38
C LYS A 60 8.49 -3.97 -10.95
N PHE A 61 8.61 -3.58 -9.68
CA PHE A 61 9.87 -3.10 -9.14
C PHE A 61 10.08 -3.60 -7.72
N PRO A 62 11.35 -3.81 -7.34
CA PRO A 62 11.71 -4.30 -6.01
C PRO A 62 11.48 -3.25 -4.92
N VAL A 63 10.98 -3.70 -3.77
CA VAL A 63 10.71 -2.81 -2.66
C VAL A 63 11.37 -3.30 -1.38
N LYS A 64 12.09 -2.41 -0.71
CA LYS A 64 12.77 -2.75 0.54
C LYS A 64 11.77 -3.21 1.59
N PRO A 65 12.24 -4.03 2.54
CA PRO A 65 11.40 -4.54 3.63
C PRO A 65 11.01 -3.46 4.62
N ALA A 66 11.92 -2.51 4.84
CA ALA A 66 11.68 -1.41 5.78
C ALA A 66 10.50 -0.56 5.32
N ASP A 67 10.48 -0.21 4.04
CA ASP A 67 9.42 0.60 3.48
C ASP A 67 8.08 -0.14 3.54
N LEU A 68 8.06 -1.35 2.99
CA LEU A 68 6.85 -2.16 2.98
C LEU A 68 6.26 -2.29 4.39
N LYS A 69 7.04 -2.86 5.30
CA LYS A 69 6.60 -3.04 6.67
C LYS A 69 6.02 -1.74 7.23
N LYS A 70 6.78 -0.66 7.08
CA LYS A 70 6.35 0.65 7.57
C LYS A 70 4.98 1.01 7.01
N ARG A 71 4.79 0.79 5.71
CA ARG A 71 3.53 1.09 5.05
C ARG A 71 2.39 0.28 5.67
N ILE A 72 2.63 -1.01 5.85
CA ILE A 72 1.62 -1.90 6.42
C ILE A 72 1.16 -1.39 7.78
N GLU A 73 2.08 -1.36 8.74
CA GLU A 73 1.77 -0.90 10.09
C GLU A 73 0.98 0.42 10.05
N SER A 74 1.55 1.41 9.37
CA SER A 74 0.91 2.72 9.26
C SER A 74 -0.54 2.58 8.82
N LEU A 75 -0.74 1.89 7.70
CA LEU A 75 -2.08 1.68 7.16
C LEU A 75 -3.02 1.13 8.24
N ILE A 76 -2.57 0.09 8.93
CA ILE A 76 -3.37 -0.53 9.98
C ILE A 76 -3.86 0.53 10.97
N ASP A 77 -2.97 1.43 11.35
CA ASP A 77 -3.32 2.50 12.29
C ASP A 77 -4.12 3.59 11.61
N ARG A 78 -4.10 3.59 10.28
CA ARG A 78 -4.83 4.59 9.51
C ARG A 78 -6.30 4.22 9.38
N ASP A 79 -6.75 3.29 10.21
CA ASP A 79 -8.14 2.84 10.19
C ASP A 79 -8.47 2.14 8.88
N TYR A 80 -7.64 1.17 8.52
CA TYR A 80 -7.84 0.42 7.29
C TYR A 80 -7.80 -1.08 7.54
N MET A 81 -6.95 -1.50 8.46
CA MET A 81 -6.83 -2.92 8.81
C MET A 81 -6.60 -3.09 10.31
N GLU A 82 -7.14 -4.17 10.86
CA GLU A 82 -7.00 -4.46 12.28
C GLU A 82 -6.18 -5.72 12.51
N ARG A 83 -5.36 -5.70 13.55
CA ARG A 83 -4.51 -6.85 13.87
C ARG A 83 -5.32 -7.94 14.57
N ASP A 84 -5.42 -9.09 13.93
CA ASP A 84 -6.17 -10.21 14.48
C ASP A 84 -5.73 -10.50 15.91
N LYS A 85 -6.68 -10.41 16.84
CA LYS A 85 -6.39 -10.65 18.25
C LYS A 85 -5.48 -11.87 18.41
N GLU A 86 -5.63 -12.84 17.52
CA GLU A 86 -4.81 -14.05 17.56
C GLU A 86 -3.36 -13.74 17.25
N ASN A 87 -3.14 -12.97 16.19
CA ASN A 87 -1.79 -12.60 15.78
C ASN A 87 -1.82 -11.40 14.84
N PRO A 88 -0.81 -10.52 14.97
CA PRO A 88 -0.69 -9.32 14.13
C PRO A 88 -0.36 -9.65 12.68
N ASN A 89 0.02 -10.90 12.44
CA ASN A 89 0.38 -11.32 11.08
C ASN A 89 -0.85 -11.33 10.18
N GLN A 90 -2.02 -11.56 10.77
CA GLN A 90 -3.27 -11.59 10.01
C GLN A 90 -4.03 -10.28 10.19
N TYR A 91 -4.22 -9.57 9.09
CA TYR A 91 -4.95 -8.30 9.11
C TYR A 91 -6.34 -8.45 8.54
N ASN A 92 -7.31 -7.78 9.16
CA ASN A 92 -8.69 -7.84 8.72
C ASN A 92 -9.12 -6.51 8.09
N TYR A 93 -10.03 -6.59 7.13
CA TYR A 93 -10.52 -5.39 6.44
C TYR A 93 -11.54 -4.66 7.30
N ILE A 94 -11.29 -3.38 7.54
CA ILE A 94 -12.17 -2.55 8.35
C ILE A 94 -12.66 -1.33 7.56
N ALA A 95 -11.83 -0.87 6.63
CA ALA A 95 -12.17 0.29 5.81
C ALA A 95 -13.46 0.05 5.03
N SER A 96 -13.86 1.04 4.24
CA SER A 96 -15.08 0.94 3.45
C SER A 96 -14.77 1.02 1.96
N GLY A 97 -15.34 0.11 1.19
CA GLY A 97 -15.11 0.09 -0.25
C GLY A 97 -15.20 1.48 -0.86
N PRO A 98 -16.39 2.09 -0.78
CA PRO A 98 -16.62 3.42 -1.33
C PRO A 98 -15.90 4.52 -0.55
N SER A 99 -16.30 5.77 -0.76
CA SER A 99 -15.68 6.90 -0.08
C SER A 99 -14.17 6.86 -0.22
N SER A 100 -13.69 6.66 -1.45
CA SER A 100 -12.26 6.59 -1.72
C SER A 100 -11.82 7.80 -2.56
N GLY A 101 -10.83 8.53 -2.04
CA GLY A 101 -10.33 9.69 -2.75
C GLY A 101 -8.90 9.49 -3.25
#